data_2NLW
#
_entry.id   2NLW
#
_entity_poly.entity_id   1
_entity_poly.type   'polypeptide(L)'
_entity_poly.pdbx_seq_one_letter_code
;GDVLKDRPQEADGIDSVIVVDNVPQVGPDRLEKLKNVIHKIFSKFGKITNDFYPEEDGKTKGYIFLEYASPAHAVDAVKN
ADGYKLDKQHTFRVNLFTDFDKYMT
;
_entity_poly.pdbx_strand_id   A
#
# COMPACT_ATOMS: atom_id res chain seq x y z
N GLY A 1 5.45 15.87 -27.68
CA GLY A 1 5.13 14.52 -27.22
C GLY A 1 4.53 14.50 -25.83
N ASP A 2 4.80 15.53 -25.04
CA ASP A 2 4.27 15.58 -23.69
C ASP A 2 2.95 16.27 -23.67
N VAL A 3 2.02 15.70 -22.97
CA VAL A 3 0.74 16.32 -22.79
C VAL A 3 0.78 17.07 -21.46
N LEU A 4 0.80 18.39 -21.54
CA LEU A 4 0.99 19.22 -20.37
C LEU A 4 -0.30 19.81 -19.83
N LYS A 5 -1.20 20.18 -20.73
CA LYS A 5 -2.46 20.79 -20.32
C LYS A 5 -3.37 19.75 -19.70
N ASP A 6 -3.47 18.62 -20.36
CA ASP A 6 -4.24 17.52 -19.84
C ASP A 6 -3.30 16.67 -19.03
N ARG A 7 -3.31 16.89 -17.75
CA ARG A 7 -2.44 16.17 -16.86
C ARG A 7 -3.05 14.85 -16.50
N PRO A 8 -2.32 13.76 -16.72
CA PRO A 8 -2.77 12.45 -16.36
C PRO A 8 -2.69 12.24 -14.85
N GLN A 9 -3.58 11.47 -14.31
CA GLN A 9 -3.56 11.20 -12.91
C GLN A 9 -3.05 9.77 -12.72
N GLU A 10 -2.53 9.50 -11.53
CA GLU A 10 -1.99 8.19 -11.18
C GLU A 10 -3.14 7.22 -10.94
N ALA A 11 -4.30 7.78 -10.64
CA ALA A 11 -5.47 7.01 -10.34
C ALA A 11 -6.27 6.78 -11.61
N ASP A 12 -6.70 5.55 -11.78
CA ASP A 12 -7.51 5.13 -12.90
C ASP A 12 -8.11 3.78 -12.57
N GLY A 13 -9.37 3.61 -12.88
CA GLY A 13 -10.02 2.33 -12.68
C GLY A 13 -10.20 1.98 -11.22
N ILE A 14 -9.51 0.96 -10.78
CA ILE A 14 -9.63 0.52 -9.41
C ILE A 14 -8.58 1.21 -8.52
N ASP A 15 -9.01 2.28 -7.90
CA ASP A 15 -8.17 3.13 -7.06
C ASP A 15 -8.54 2.96 -5.60
N SER A 16 -9.15 1.85 -5.27
CA SER A 16 -9.60 1.61 -3.91
C SER A 16 -8.78 0.49 -3.25
N VAL A 17 -7.65 0.18 -3.83
CA VAL A 17 -6.80 -0.86 -3.31
C VAL A 17 -5.37 -0.35 -3.21
N ILE A 18 -4.75 -0.59 -2.09
CA ILE A 18 -3.39 -0.18 -1.86
C ILE A 18 -2.51 -1.36 -2.13
N VAL A 19 -1.48 -1.10 -2.83
CA VAL A 19 -0.43 -2.05 -3.08
C VAL A 19 0.77 -1.51 -2.35
N VAL A 20 1.24 -2.24 -1.39
CA VAL A 20 2.32 -1.76 -0.56
C VAL A 20 3.56 -2.59 -0.78
N ASP A 21 4.61 -1.95 -1.16
CA ASP A 21 5.89 -2.60 -1.44
C ASP A 21 6.77 -2.64 -0.21
N ASN A 22 7.38 -3.80 0.01
CA ASN A 22 8.33 -4.15 1.12
C ASN A 22 7.96 -3.64 2.51
N VAL A 23 7.21 -4.47 3.18
CA VAL A 23 6.69 -4.26 4.49
C VAL A 23 7.58 -4.99 5.52
N PRO A 24 7.33 -4.80 6.86
CA PRO A 24 8.09 -5.48 7.93
C PRO A 24 8.39 -6.95 7.65
N GLN A 25 9.67 -7.28 7.78
CA GLN A 25 10.22 -8.59 7.52
C GLN A 25 9.85 -9.55 8.66
N VAL A 26 10.31 -10.78 8.60
CA VAL A 26 9.97 -11.69 9.66
C VAL A 26 11.19 -12.09 10.51
N GLY A 27 10.97 -12.05 11.80
CA GLY A 27 11.84 -12.64 12.77
C GLY A 27 11.07 -13.82 13.29
N PRO A 28 11.68 -14.87 13.86
CA PRO A 28 10.94 -16.09 14.24
C PRO A 28 9.72 -15.78 15.09
N ASP A 29 8.55 -16.23 14.61
CA ASP A 29 7.23 -16.02 15.22
C ASP A 29 6.95 -14.54 15.58
N ARG A 30 7.61 -13.63 14.87
CA ARG A 30 7.46 -12.22 15.14
C ARG A 30 6.64 -11.55 14.08
N LEU A 31 6.35 -12.28 13.01
CA LEU A 31 5.59 -11.69 11.92
C LEU A 31 4.13 -11.56 12.36
N GLU A 32 3.80 -12.32 13.38
CA GLU A 32 2.48 -12.37 13.97
C GLU A 32 2.03 -10.97 14.42
N LYS A 33 2.88 -10.26 15.12
CA LYS A 33 2.53 -8.92 15.58
C LYS A 33 2.68 -7.90 14.44
N LEU A 34 3.48 -8.27 13.46
CA LEU A 34 3.74 -7.41 12.33
C LEU A 34 2.63 -7.52 11.29
N LYS A 35 1.64 -8.33 11.61
CA LYS A 35 0.41 -8.40 10.85
C LYS A 35 -0.50 -7.30 11.35
N ASN A 36 -0.53 -7.19 12.67
CA ASN A 36 -1.46 -6.32 13.36
C ASN A 36 -1.02 -4.88 13.22
N VAL A 37 0.29 -4.69 13.22
CA VAL A 37 0.87 -3.35 13.11
C VAL A 37 0.37 -2.65 11.84
N ILE A 38 0.13 -3.44 10.79
CA ILE A 38 -0.39 -2.94 9.54
C ILE A 38 -1.74 -2.29 9.78
N HIS A 39 -2.67 -3.06 10.29
CA HIS A 39 -4.03 -2.61 10.53
C HIS A 39 -4.04 -1.40 11.50
N LYS A 40 -3.10 -1.40 12.46
CA LYS A 40 -2.96 -0.32 13.44
C LYS A 40 -2.54 0.98 12.78
N ILE A 41 -1.66 0.91 11.82
CA ILE A 41 -1.17 2.09 11.12
C ILE A 41 -2.14 2.48 10.00
N PHE A 42 -2.65 1.49 9.31
CA PHE A 42 -3.44 1.72 8.13
C PHE A 42 -4.86 2.19 8.41
N SER A 43 -5.25 2.15 9.66
CA SER A 43 -6.54 2.66 10.07
C SER A 43 -6.62 4.19 9.88
N LYS A 44 -5.44 4.80 9.76
CA LYS A 44 -5.32 6.24 9.55
C LYS A 44 -5.80 6.65 8.16
N PHE A 45 -5.83 5.70 7.24
CA PHE A 45 -6.27 5.99 5.89
C PHE A 45 -7.78 5.81 5.75
N GLY A 46 -8.38 5.17 6.72
CA GLY A 46 -9.79 4.93 6.67
C GLY A 46 -10.13 3.63 7.33
N LYS A 47 -11.19 3.02 6.92
CA LYS A 47 -11.62 1.77 7.48
C LYS A 47 -11.12 0.65 6.62
N ILE A 48 -10.42 -0.28 7.23
CA ILE A 48 -9.86 -1.39 6.54
C ILE A 48 -11.01 -2.36 6.21
N THR A 49 -11.51 -2.26 4.99
CA THR A 49 -12.54 -3.14 4.53
C THR A 49 -11.95 -4.53 4.37
N ASN A 50 -10.89 -4.63 3.60
CA ASN A 50 -10.20 -5.89 3.40
C ASN A 50 -8.71 -5.66 3.50
N ASP A 51 -8.04 -6.53 4.22
CA ASP A 51 -6.59 -6.49 4.31
C ASP A 51 -6.04 -7.88 4.12
N PHE A 52 -5.13 -7.98 3.22
CA PHE A 52 -4.60 -9.25 2.83
C PHE A 52 -3.11 -9.22 2.97
N TYR A 53 -2.60 -10.05 3.83
CA TYR A 53 -1.19 -10.15 3.98
C TYR A 53 -0.74 -11.49 3.38
N PRO A 54 -0.16 -11.48 2.20
CA PRO A 54 0.36 -12.67 1.58
C PRO A 54 1.84 -12.82 1.84
N GLU A 55 2.41 -13.92 1.44
CA GLU A 55 3.83 -14.09 1.55
C GLU A 55 4.43 -13.95 0.16
N GLU A 56 5.71 -14.15 0.05
CA GLU A 56 6.38 -14.06 -1.21
C GLU A 56 7.35 -15.22 -1.34
N ASP A 57 7.06 -16.09 -2.30
CA ASP A 57 7.95 -17.22 -2.66
C ASP A 57 8.10 -18.19 -1.46
N GLY A 58 7.06 -18.21 -0.62
CA GLY A 58 7.05 -19.06 0.58
C GLY A 58 7.93 -18.49 1.69
N LYS A 59 8.31 -17.26 1.53
CA LYS A 59 9.19 -16.56 2.42
C LYS A 59 8.58 -15.24 2.82
N THR A 60 9.36 -14.47 3.59
CA THR A 60 9.04 -13.15 4.07
C THR A 60 8.22 -12.33 3.07
N LYS A 61 7.12 -11.77 3.55
CA LYS A 61 6.28 -10.96 2.73
C LYS A 61 6.95 -9.66 2.39
N GLY A 62 6.75 -9.26 1.17
CA GLY A 62 7.34 -8.04 0.70
C GLY A 62 6.30 -7.16 0.08
N TYR A 63 5.04 -7.46 0.38
CA TYR A 63 3.91 -6.68 -0.11
C TYR A 63 2.66 -7.12 0.61
N ILE A 64 1.66 -6.26 0.62
CA ILE A 64 0.34 -6.52 1.19
C ILE A 64 -0.70 -5.76 0.38
N PHE A 65 -1.97 -5.98 0.67
CA PHE A 65 -3.06 -5.32 -0.05
C PHE A 65 -4.09 -4.81 0.94
N LEU A 66 -4.54 -3.62 0.70
CA LEU A 66 -5.52 -2.95 1.53
C LEU A 66 -6.66 -2.47 0.65
N GLU A 67 -7.85 -2.87 0.93
CA GLU A 67 -8.99 -2.39 0.21
C GLU A 67 -9.87 -1.64 1.18
N TYR A 68 -10.27 -0.45 0.82
CA TYR A 68 -11.12 0.36 1.68
C TYR A 68 -12.32 0.81 0.86
N ALA A 69 -13.28 1.39 1.53
CA ALA A 69 -14.45 2.01 0.89
C ALA A 69 -14.46 3.49 1.29
N SER A 70 -13.32 3.90 1.80
CA SER A 70 -13.08 5.19 2.42
C SER A 70 -13.03 6.43 1.42
N PRO A 71 -12.95 7.67 2.02
CA PRO A 71 -12.79 9.06 1.40
C PRO A 71 -11.89 9.26 0.13
N ALA A 72 -11.38 8.20 -0.49
CA ALA A 72 -10.32 8.22 -1.53
C ALA A 72 -8.99 8.25 -0.84
N HIS A 73 -8.82 7.16 -0.14
CA HIS A 73 -7.72 6.84 0.74
C HIS A 73 -6.47 6.51 -0.05
N ALA A 74 -6.65 5.83 -1.17
CA ALA A 74 -5.54 5.41 -1.98
C ALA A 74 -5.05 6.59 -2.72
N VAL A 75 -5.99 7.40 -3.12
CA VAL A 75 -5.73 8.65 -3.82
C VAL A 75 -4.91 9.58 -2.91
N ASP A 76 -5.30 9.63 -1.64
CA ASP A 76 -4.57 10.42 -0.65
C ASP A 76 -3.18 9.86 -0.45
N ALA A 77 -3.11 8.55 -0.24
CA ALA A 77 -1.86 7.84 -0.01
C ALA A 77 -0.88 8.02 -1.16
N VAL A 78 -1.32 7.72 -2.39
CA VAL A 78 -0.46 7.78 -3.56
C VAL A 78 0.10 9.16 -3.81
N LYS A 79 -0.65 10.18 -3.45
CA LYS A 79 -0.24 11.53 -3.69
C LYS A 79 0.68 12.05 -2.58
N ASN A 80 0.48 11.58 -1.37
CA ASN A 80 1.21 12.16 -0.25
C ASN A 80 2.34 11.30 0.27
N ALA A 81 2.15 10.00 0.37
CA ALA A 81 3.17 9.17 0.96
C ALA A 81 3.36 7.85 0.22
N ASP A 82 4.16 7.91 -0.80
CA ASP A 82 4.57 6.76 -1.57
C ASP A 82 6.05 6.57 -1.44
N GLY A 83 6.41 5.45 -0.90
CA GLY A 83 7.78 5.12 -0.73
C GLY A 83 8.35 5.70 0.53
N TYR A 84 7.61 5.66 1.62
CA TYR A 84 8.11 6.23 2.84
C TYR A 84 8.91 5.24 3.65
N LYS A 85 10.15 5.61 3.88
CA LYS A 85 11.13 4.81 4.55
C LYS A 85 10.95 4.86 6.06
N LEU A 86 10.77 3.73 6.67
CA LEU A 86 10.76 3.66 8.13
C LEU A 86 12.17 3.48 8.65
N ASP A 87 12.77 2.34 8.35
CA ASP A 87 14.08 1.95 8.83
C ASP A 87 14.54 0.71 8.07
N LYS A 88 15.86 0.52 7.96
CA LYS A 88 16.52 -0.49 7.16
C LYS A 88 15.97 -0.64 5.73
N GLN A 89 15.00 -1.53 5.56
CA GLN A 89 14.46 -1.82 4.23
C GLN A 89 13.03 -1.31 4.09
N HIS A 90 12.34 -1.16 5.22
CA HIS A 90 10.90 -0.87 5.24
C HIS A 90 10.59 0.44 4.58
N THR A 91 10.17 0.36 3.37
CA THR A 91 9.84 1.52 2.60
C THR A 91 8.53 1.26 1.91
N PHE A 92 7.48 1.82 2.39
CA PHE A 92 6.20 1.45 1.85
C PHE A 92 5.91 2.23 0.60
N ARG A 93 6.12 1.60 -0.54
CA ARG A 93 5.74 2.21 -1.79
C ARG A 93 4.29 1.92 -1.98
N VAL A 94 3.55 2.89 -2.43
CA VAL A 94 2.16 2.77 -2.53
C VAL A 94 1.69 3.05 -3.96
N ASN A 95 0.80 2.23 -4.44
CA ASN A 95 0.14 2.51 -5.68
C ASN A 95 -1.15 1.74 -5.71
N LEU A 96 -1.88 1.87 -6.76
CA LEU A 96 -3.10 1.17 -6.93
C LEU A 96 -2.94 0.00 -7.86
N PHE A 97 -4.03 -0.57 -8.32
CA PHE A 97 -3.95 -1.77 -9.12
C PHE A 97 -3.66 -1.45 -10.57
N THR A 98 -3.31 -0.22 -10.85
CA THR A 98 -2.83 0.15 -12.19
C THR A 98 -1.40 -0.42 -12.45
N ASP A 99 -1.35 -1.74 -12.48
CA ASP A 99 -0.11 -2.49 -12.65
C ASP A 99 0.15 -2.75 -14.12
N PHE A 100 -0.86 -2.49 -14.90
CA PHE A 100 -0.79 -2.66 -16.33
C PHE A 100 0.08 -1.57 -16.94
N ASP A 101 0.86 -1.93 -17.92
CA ASP A 101 1.82 -1.01 -18.53
C ASP A 101 1.21 -0.28 -19.72
N LYS A 102 0.33 -0.96 -20.44
CA LYS A 102 -0.17 -0.45 -21.70
C LYS A 102 -0.89 0.87 -21.61
N TYR A 103 -0.56 1.72 -22.52
CA TYR A 103 -1.11 3.03 -22.63
C TYR A 103 -2.07 3.00 -23.78
N MET A 104 -3.18 3.66 -23.66
CA MET A 104 -4.20 3.64 -24.68
C MET A 104 -3.76 4.39 -25.93
N THR A 105 -3.32 3.64 -26.90
CA THR A 105 -2.94 4.12 -28.20
C THR A 105 -3.16 2.96 -29.15
N GLY A 1 7.75 26.19 -6.13
CA GLY A 1 8.08 24.78 -6.26
C GLY A 1 6.84 23.92 -6.31
N ASP A 2 6.09 24.01 -7.40
CA ASP A 2 4.86 23.26 -7.56
C ASP A 2 5.09 21.97 -8.34
N VAL A 3 4.26 20.97 -8.03
CA VAL A 3 4.20 19.61 -8.66
C VAL A 3 5.50 18.77 -8.44
N LEU A 4 6.41 19.28 -7.64
CA LEU A 4 7.65 18.58 -7.39
C LEU A 4 7.66 17.99 -5.98
N LYS A 5 7.41 18.83 -4.99
CA LYS A 5 7.43 18.43 -3.58
C LYS A 5 6.16 17.64 -3.29
N ASP A 6 5.09 18.13 -3.86
CA ASP A 6 3.79 17.56 -3.76
C ASP A 6 3.43 17.12 -5.15
N ARG A 7 3.32 15.85 -5.35
CA ARG A 7 3.09 15.35 -6.68
C ARG A 7 1.81 14.57 -6.78
N PRO A 8 1.05 14.78 -7.87
CA PRO A 8 -0.02 13.85 -8.23
C PRO A 8 0.68 12.56 -8.64
N GLN A 9 0.30 11.45 -8.09
CA GLN A 9 1.05 10.26 -8.32
C GLN A 9 0.58 9.58 -9.60
N GLU A 10 1.49 8.88 -10.27
CA GLU A 10 1.17 8.15 -11.50
C GLU A 10 0.39 6.89 -11.18
N ALA A 11 0.33 6.58 -9.91
CA ALA A 11 -0.41 5.48 -9.41
C ALA A 11 -1.84 5.91 -9.17
N ASP A 12 -2.69 5.57 -10.09
CA ASP A 12 -4.10 5.90 -10.03
C ASP A 12 -4.82 4.86 -10.84
N GLY A 13 -6.12 4.89 -10.83
CA GLY A 13 -6.91 3.91 -11.55
C GLY A 13 -7.56 2.97 -10.60
N ILE A 14 -7.20 3.10 -9.36
CA ILE A 14 -7.75 2.35 -8.31
C ILE A 14 -7.61 3.16 -7.03
N ASP A 15 -8.68 3.37 -6.37
CA ASP A 15 -8.65 4.08 -5.12
C ASP A 15 -8.95 3.17 -3.97
N SER A 16 -9.65 2.11 -4.21
CA SER A 16 -10.11 1.29 -3.11
C SER A 16 -9.13 0.19 -2.70
N VAL A 17 -8.03 0.06 -3.40
CA VAL A 17 -7.06 -0.97 -3.09
C VAL A 17 -5.69 -0.35 -2.93
N ILE A 18 -5.10 -0.56 -1.78
CA ILE A 18 -3.78 -0.05 -1.50
C ILE A 18 -2.79 -1.10 -1.92
N VAL A 19 -1.77 -0.66 -2.57
CA VAL A 19 -0.72 -1.51 -3.08
C VAL A 19 0.61 -0.95 -2.61
N VAL A 20 1.34 -1.75 -1.89
CA VAL A 20 2.63 -1.35 -1.33
C VAL A 20 3.67 -2.44 -1.50
N ASP A 21 4.88 -2.02 -1.86
CA ASP A 21 6.01 -2.92 -2.06
C ASP A 21 7.01 -2.74 -0.91
N ASN A 22 7.57 -3.85 -0.44
CA ASN A 22 8.39 -3.99 0.80
C ASN A 22 7.85 -3.33 2.03
N VAL A 23 7.11 -4.12 2.75
CA VAL A 23 6.43 -3.77 3.94
C VAL A 23 7.18 -4.44 5.11
N PRO A 24 6.75 -4.25 6.39
CA PRO A 24 7.39 -4.89 7.55
C PRO A 24 7.77 -6.34 7.36
N GLN A 25 9.01 -6.59 7.74
CA GLN A 25 9.77 -7.84 7.62
C GLN A 25 9.14 -9.00 8.41
N VAL A 26 9.91 -10.06 8.58
CA VAL A 26 9.50 -11.15 9.40
C VAL A 26 10.67 -11.69 10.19
N GLY A 27 10.39 -11.98 11.41
CA GLY A 27 11.27 -12.74 12.21
C GLY A 27 10.60 -14.07 12.26
N PRO A 28 11.30 -15.21 12.23
CA PRO A 28 10.65 -16.51 12.12
C PRO A 28 9.53 -16.70 13.15
N ASP A 29 8.34 -17.02 12.64
CA ASP A 29 7.11 -17.22 13.42
C ASP A 29 6.73 -15.92 14.19
N ARG A 30 7.03 -14.77 13.62
CA ARG A 30 6.64 -13.49 14.23
C ARG A 30 5.76 -12.68 13.29
N LEU A 31 5.45 -13.24 12.12
CA LEU A 31 4.71 -12.53 11.07
C LEU A 31 3.29 -12.09 11.53
N GLU A 32 2.71 -12.81 12.48
CA GLU A 32 1.34 -12.52 12.98
C GLU A 32 1.20 -11.11 13.52
N LYS A 33 2.09 -10.70 14.41
CA LYS A 33 1.98 -9.36 14.98
C LYS A 33 2.36 -8.31 13.93
N LEU A 34 3.13 -8.75 12.96
CA LEU A 34 3.59 -7.91 11.88
C LEU A 34 2.50 -7.77 10.81
N LYS A 35 1.40 -8.49 11.01
CA LYS A 35 0.18 -8.31 10.24
C LYS A 35 -0.64 -7.21 10.89
N ASN A 36 -0.60 -7.20 12.20
CA ASN A 36 -1.44 -6.34 12.99
C ASN A 36 -0.90 -4.96 13.01
N VAL A 37 0.42 -4.85 12.98
CA VAL A 37 1.08 -3.56 12.95
C VAL A 37 0.61 -2.74 11.72
N ILE A 38 0.30 -3.47 10.63
CA ILE A 38 -0.22 -2.89 9.42
C ILE A 38 -1.56 -2.23 9.72
N HIS A 39 -2.44 -3.00 10.32
CA HIS A 39 -3.80 -2.57 10.65
C HIS A 39 -3.77 -1.33 11.57
N LYS A 40 -2.76 -1.23 12.40
CA LYS A 40 -2.63 -0.14 13.35
C LYS A 40 -2.13 1.14 12.68
N ILE A 41 -1.16 1.02 11.80
CA ILE A 41 -0.56 2.18 11.15
C ILE A 41 -1.41 2.64 9.96
N PHE A 42 -1.88 1.70 9.21
CA PHE A 42 -2.54 1.98 7.96
C PHE A 42 -3.98 2.45 8.12
N SER A 43 -4.51 2.35 9.31
CA SER A 43 -5.86 2.80 9.58
C SER A 43 -5.97 4.32 9.58
N LYS A 44 -4.82 4.97 9.54
CA LYS A 44 -4.75 6.41 9.41
C LYS A 44 -5.16 6.84 8.00
N PHE A 45 -5.05 5.90 7.07
CA PHE A 45 -5.48 6.15 5.69
C PHE A 45 -6.96 5.86 5.51
N GLY A 46 -7.53 5.17 6.46
CA GLY A 46 -8.91 4.82 6.39
C GLY A 46 -9.18 3.54 7.10
N LYS A 47 -10.35 3.03 6.96
CA LYS A 47 -10.74 1.84 7.65
C LYS A 47 -10.27 0.64 6.88
N ILE A 48 -9.57 -0.26 7.55
CA ILE A 48 -9.12 -1.49 6.95
C ILE A 48 -10.37 -2.34 6.82
N THR A 49 -10.98 -2.28 5.67
CA THR A 49 -12.23 -2.93 5.44
C THR A 49 -11.96 -4.39 5.07
N ASN A 50 -10.91 -4.58 4.34
CA ASN A 50 -10.45 -5.88 3.90
C ASN A 50 -8.96 -5.76 3.66
N ASP A 51 -8.22 -6.81 3.94
CA ASP A 51 -6.76 -6.78 3.83
C ASP A 51 -6.25 -8.11 3.39
N PHE A 52 -5.12 -8.12 2.71
CA PHE A 52 -4.49 -9.32 2.20
C PHE A 52 -3.01 -9.28 2.46
N TYR A 53 -2.56 -10.04 3.41
CA TYR A 53 -1.15 -10.13 3.67
C TYR A 53 -0.64 -11.49 3.23
N PRO A 54 0.04 -11.56 2.11
CA PRO A 54 0.67 -12.78 1.68
C PRO A 54 2.12 -12.84 2.12
N GLU A 55 2.73 -13.96 1.90
CA GLU A 55 4.12 -14.14 2.15
C GLU A 55 4.64 -15.04 1.05
N GLU A 56 5.90 -15.28 1.04
CA GLU A 56 6.52 -16.03 -0.02
C GLU A 56 7.50 -16.95 0.62
N ASP A 57 7.31 -18.26 0.48
CA ASP A 57 8.25 -19.30 1.01
C ASP A 57 8.48 -19.12 2.52
N GLY A 58 7.50 -18.55 3.19
CA GLY A 58 7.60 -18.26 4.61
C GLY A 58 8.66 -17.19 4.93
N LYS A 59 9.10 -16.44 3.92
CA LYS A 59 10.12 -15.41 4.10
C LYS A 59 9.46 -14.05 4.16
N THR A 60 10.26 -13.01 4.26
CA THR A 60 9.81 -11.66 4.30
C THR A 60 8.90 -11.33 3.11
N LYS A 61 7.66 -10.96 3.42
CA LYS A 61 6.70 -10.58 2.44
C LYS A 61 7.13 -9.27 1.81
N GLY A 62 6.85 -9.13 0.56
CA GLY A 62 7.33 -7.98 -0.15
C GLY A 62 6.23 -7.13 -0.69
N TYR A 63 5.01 -7.48 -0.40
CA TYR A 63 3.87 -6.75 -0.92
C TYR A 63 2.62 -7.17 -0.20
N ILE A 64 1.67 -6.27 -0.08
CA ILE A 64 0.37 -6.56 0.51
C ILE A 64 -0.67 -5.73 -0.22
N PHE A 65 -1.92 -6.05 -0.01
CA PHE A 65 -3.02 -5.32 -0.61
C PHE A 65 -4.02 -5.03 0.45
N LEU A 66 -4.50 -3.84 0.45
CA LEU A 66 -5.51 -3.46 1.37
C LEU A 66 -6.69 -2.99 0.60
N GLU A 67 -7.83 -3.09 1.17
CA GLU A 67 -9.02 -2.63 0.55
C GLU A 67 -9.84 -1.87 1.55
N TYR A 68 -10.14 -0.64 1.24
CA TYR A 68 -10.92 0.19 2.12
C TYR A 68 -12.20 0.59 1.42
N ALA A 69 -13.20 0.95 2.20
CA ALA A 69 -14.47 1.44 1.68
C ALA A 69 -14.56 2.95 1.94
N SER A 70 -13.43 3.49 2.26
CA SER A 70 -13.27 4.85 2.69
C SER A 70 -13.40 5.93 1.51
N PRO A 71 -13.64 7.20 1.93
CA PRO A 71 -13.83 8.48 1.13
C PRO A 71 -13.01 8.84 -0.17
N ALA A 72 -12.17 7.95 -0.80
CA ALA A 72 -11.06 8.35 -1.67
C ALA A 72 -9.89 8.54 -0.78
N HIS A 73 -9.54 7.39 -0.28
CA HIS A 73 -8.56 7.17 0.73
C HIS A 73 -7.18 6.87 0.14
N ALA A 74 -7.14 6.12 -0.95
CA ALA A 74 -5.84 5.82 -1.55
C ALA A 74 -5.36 7.01 -2.29
N VAL A 75 -6.29 7.87 -2.68
CA VAL A 75 -6.00 9.11 -3.34
C VAL A 75 -5.23 10.03 -2.35
N ASP A 76 -5.40 9.77 -1.04
CA ASP A 76 -4.64 10.49 -0.03
C ASP A 76 -3.29 9.84 0.12
N ALA A 77 -3.29 8.51 0.20
CA ALA A 77 -2.07 7.71 0.35
C ALA A 77 -1.05 8.03 -0.74
N VAL A 78 -1.51 8.15 -1.98
CA VAL A 78 -0.66 8.47 -3.10
C VAL A 78 -0.14 9.92 -3.03
N LYS A 79 -0.81 10.75 -2.26
CA LYS A 79 -0.41 12.12 -2.04
C LYS A 79 0.62 12.20 -0.91
N ASN A 80 0.60 11.18 -0.03
CA ASN A 80 1.48 11.15 1.14
C ASN A 80 2.93 11.12 0.74
N ALA A 81 3.37 9.98 0.21
CA ALA A 81 4.74 9.80 -0.21
C ALA A 81 4.94 8.44 -0.83
N ASP A 82 5.43 8.43 -2.03
CA ASP A 82 5.81 7.19 -2.66
C ASP A 82 7.18 6.76 -2.18
N GLY A 83 7.22 5.66 -1.50
CA GLY A 83 8.46 5.14 -1.01
C GLY A 83 8.89 5.80 0.26
N TYR A 84 8.02 5.83 1.25
CA TYR A 84 8.37 6.43 2.52
C TYR A 84 8.90 5.39 3.49
N LYS A 85 10.07 5.68 4.00
CA LYS A 85 10.81 4.82 4.88
C LYS A 85 10.35 4.93 6.33
N LEU A 86 9.82 3.86 6.88
CA LEU A 86 9.50 3.84 8.32
C LEU A 86 10.73 3.49 9.11
N ASP A 87 11.27 2.34 8.81
CA ASP A 87 12.43 1.81 9.50
C ASP A 87 13.33 1.28 8.40
N LYS A 88 14.34 0.46 8.75
CA LYS A 88 15.37 -0.05 7.85
C LYS A 88 14.91 -0.36 6.42
N GLN A 89 14.31 -1.52 6.21
CA GLN A 89 13.87 -1.91 4.86
C GLN A 89 12.41 -1.60 4.64
N HIS A 90 11.76 -1.05 5.65
CA HIS A 90 10.33 -0.78 5.57
C HIS A 90 10.10 0.51 4.85
N THR A 91 9.90 0.43 3.59
CA THR A 91 9.71 1.58 2.76
C THR A 91 8.52 1.34 1.83
N PHE A 92 7.42 2.00 2.06
CA PHE A 92 6.24 1.69 1.28
C PHE A 92 6.23 2.40 -0.05
N ARG A 93 6.58 1.69 -1.09
CA ARG A 93 6.48 2.24 -2.44
C ARG A 93 5.07 2.06 -2.90
N VAL A 94 4.53 3.08 -3.50
CA VAL A 94 3.15 3.07 -3.87
C VAL A 94 2.99 2.88 -5.36
N ASN A 95 2.05 2.08 -5.73
CA ASN A 95 1.77 1.80 -7.10
C ASN A 95 0.32 1.35 -7.21
N LEU A 96 -0.20 1.25 -8.41
CA LEU A 96 -1.58 0.89 -8.61
C LEU A 96 -1.80 -0.63 -8.62
N PHE A 97 -3.01 -1.01 -8.91
CA PHE A 97 -3.41 -2.42 -8.86
C PHE A 97 -3.57 -2.94 -10.28
N THR A 98 -4.05 -2.06 -11.14
CA THR A 98 -4.38 -2.35 -12.54
C THR A 98 -3.11 -2.55 -13.41
N ASP A 99 -2.04 -3.00 -12.80
CA ASP A 99 -0.77 -3.19 -13.47
C ASP A 99 -0.31 -4.63 -13.27
N PHE A 100 -0.44 -5.10 -12.04
CA PHE A 100 0.04 -6.44 -11.66
C PHE A 100 -1.03 -7.50 -11.82
N ASP A 101 -1.83 -7.31 -12.81
CA ASP A 101 -2.88 -8.25 -13.19
C ASP A 101 -3.09 -8.11 -14.69
N LYS A 102 -2.04 -8.41 -15.40
CA LYS A 102 -2.08 -8.37 -16.84
C LYS A 102 -2.38 -9.74 -17.41
N TYR A 103 -2.50 -9.82 -18.71
CA TYR A 103 -2.68 -11.08 -19.37
C TYR A 103 -1.30 -11.58 -19.76
N MET A 104 -1.05 -12.83 -19.58
CA MET A 104 0.26 -13.37 -19.87
C MET A 104 0.30 -13.90 -21.30
N THR A 105 0.87 -13.10 -22.17
CA THR A 105 1.02 -13.41 -23.55
C THR A 105 2.22 -12.62 -24.02
N GLY A 1 -0.40 27.76 -5.31
CA GLY A 1 -1.33 26.79 -4.76
C GLY A 1 -0.80 25.42 -4.97
N ASP A 2 -1.65 24.43 -4.91
CA ASP A 2 -1.24 23.06 -5.14
C ASP A 2 -1.22 22.73 -6.60
N VAL A 3 -0.33 21.81 -6.97
CA VAL A 3 -0.19 21.37 -8.36
C VAL A 3 -1.44 20.63 -8.85
N LEU A 4 -2.30 20.30 -7.92
CA LEU A 4 -3.55 19.63 -8.18
C LEU A 4 -4.53 20.52 -8.93
N LYS A 5 -4.27 21.81 -8.93
CA LYS A 5 -5.06 22.74 -9.72
C LYS A 5 -4.57 22.75 -11.16
N ASP A 6 -3.36 22.32 -11.36
CA ASP A 6 -2.76 22.27 -12.68
C ASP A 6 -3.08 20.94 -13.30
N ARG A 7 -2.76 19.90 -12.59
CA ARG A 7 -3.05 18.58 -13.01
C ARG A 7 -3.97 17.90 -12.00
N PRO A 8 -4.95 17.13 -12.45
CA PRO A 8 -5.77 16.34 -11.55
C PRO A 8 -4.93 15.19 -10.99
N GLN A 9 -5.36 14.63 -9.87
CA GLN A 9 -4.66 13.49 -9.32
C GLN A 9 -4.86 12.32 -10.26
N GLU A 10 -3.79 11.62 -10.54
CA GLU A 10 -3.79 10.59 -11.55
C GLU A 10 -4.43 9.29 -11.05
N ALA A 11 -4.73 9.27 -9.78
CA ALA A 11 -5.37 8.14 -9.18
C ALA A 11 -6.87 8.38 -9.13
N ASP A 12 -7.57 7.82 -10.10
CA ASP A 12 -9.01 7.91 -10.15
C ASP A 12 -9.55 6.80 -11.04
N GLY A 13 -10.51 6.08 -10.53
CA GLY A 13 -11.10 5.00 -11.26
C GLY A 13 -11.32 3.82 -10.36
N ILE A 14 -10.25 3.24 -9.90
CA ILE A 14 -10.28 2.18 -8.96
C ILE A 14 -9.05 2.19 -8.10
N ASP A 15 -9.15 2.85 -7.01
CA ASP A 15 -8.07 2.91 -6.09
C ASP A 15 -8.60 2.59 -4.74
N SER A 16 -9.24 1.45 -4.68
CA SER A 16 -9.77 0.93 -3.44
C SER A 16 -8.79 -0.07 -2.83
N VAL A 17 -7.62 -0.16 -3.44
CA VAL A 17 -6.59 -1.08 -3.02
C VAL A 17 -5.29 -0.31 -2.83
N ILE A 18 -4.68 -0.45 -1.66
CA ILE A 18 -3.37 0.13 -1.43
C ILE A 18 -2.35 -0.83 -1.98
N VAL A 19 -1.38 -0.30 -2.58
CA VAL A 19 -0.29 -1.04 -3.15
C VAL A 19 0.99 -0.56 -2.51
N VAL A 20 1.58 -1.40 -1.74
CA VAL A 20 2.82 -1.10 -1.04
C VAL A 20 3.91 -2.08 -1.39
N ASP A 21 4.98 -1.55 -1.93
CA ASP A 21 6.15 -2.33 -2.31
C ASP A 21 7.05 -2.49 -1.10
N ASN A 22 7.48 -3.72 -0.90
CA ASN A 22 8.32 -4.20 0.21
C ASN A 22 7.94 -3.75 1.59
N VAL A 23 7.25 -4.62 2.25
CA VAL A 23 6.87 -4.45 3.59
C VAL A 23 8.04 -5.00 4.44
N PRO A 24 8.04 -4.75 5.76
CA PRO A 24 9.13 -5.19 6.63
C PRO A 24 9.49 -6.65 6.54
N GLN A 25 10.76 -6.85 6.75
CA GLN A 25 11.41 -8.12 6.82
C GLN A 25 10.82 -8.92 7.96
N VAL A 26 10.73 -10.18 7.76
CA VAL A 26 10.15 -11.04 8.72
C VAL A 26 10.96 -12.33 8.89
N GLY A 27 10.87 -12.87 10.06
CA GLY A 27 11.42 -14.13 10.41
C GLY A 27 10.36 -14.83 11.19
N PRO A 28 10.54 -16.10 11.58
CA PRO A 28 9.49 -16.86 12.29
C PRO A 28 8.86 -16.09 13.47
N ASP A 29 7.53 -16.01 13.41
CA ASP A 29 6.63 -15.36 14.40
C ASP A 29 6.83 -13.83 14.48
N ARG A 30 7.44 -13.27 13.47
CA ARG A 30 7.64 -11.84 13.47
C ARG A 30 6.62 -11.13 12.61
N LEU A 31 5.84 -11.90 11.86
CA LEU A 31 4.82 -11.31 10.99
C LEU A 31 3.65 -10.90 11.85
N GLU A 32 3.55 -11.50 13.02
CA GLU A 32 2.49 -11.21 13.97
C GLU A 32 2.61 -9.78 14.46
N LYS A 33 3.85 -9.32 14.59
CA LYS A 33 4.13 -7.94 15.00
C LYS A 33 3.73 -7.02 13.88
N LEU A 34 3.96 -7.49 12.68
CA LEU A 34 3.73 -6.74 11.49
C LEU A 34 2.23 -6.62 11.19
N LYS A 35 1.46 -7.65 11.50
CA LYS A 35 0.00 -7.62 11.32
C LYS A 35 -0.62 -6.47 12.12
N ASN A 36 -0.01 -6.15 13.24
CA ASN A 36 -0.52 -5.14 14.11
C ASN A 36 -0.15 -3.77 13.61
N VAL A 37 1.01 -3.69 12.95
CA VAL A 37 1.47 -2.42 12.44
C VAL A 37 0.66 -2.06 11.19
N ILE A 38 0.19 -3.10 10.47
CA ILE A 38 -0.67 -2.91 9.30
C ILE A 38 -1.96 -2.24 9.73
N HIS A 39 -2.58 -2.80 10.74
CA HIS A 39 -3.84 -2.31 11.29
C HIS A 39 -3.66 -0.92 11.95
N LYS A 40 -2.44 -0.56 12.23
CA LYS A 40 -2.15 0.70 12.82
C LYS A 40 -1.96 1.77 11.75
N ILE A 41 -0.98 1.57 10.87
CA ILE A 41 -0.62 2.57 9.86
C ILE A 41 -1.73 2.75 8.85
N PHE A 42 -2.32 1.67 8.44
CA PHE A 42 -3.28 1.74 7.38
C PHE A 42 -4.65 2.21 7.84
N SER A 43 -4.90 2.14 9.13
CA SER A 43 -6.15 2.66 9.65
C SER A 43 -6.15 4.18 9.67
N LYS A 44 -5.03 4.78 9.31
CA LYS A 44 -4.93 6.21 9.24
C LYS A 44 -5.47 6.68 7.89
N PHE A 45 -5.83 5.73 7.05
CA PHE A 45 -6.44 6.01 5.75
C PHE A 45 -7.90 5.52 5.73
N GLY A 46 -8.40 5.15 6.87
CA GLY A 46 -9.76 4.67 6.97
C GLY A 46 -9.80 3.34 7.64
N LYS A 47 -10.89 2.62 7.49
CA LYS A 47 -11.02 1.33 8.11
C LYS A 47 -10.62 0.23 7.16
N ILE A 48 -9.82 -0.69 7.66
CA ILE A 48 -9.39 -1.84 6.92
C ILE A 48 -10.57 -2.80 6.84
N THR A 49 -11.29 -2.72 5.77
CA THR A 49 -12.42 -3.56 5.57
C THR A 49 -12.01 -4.94 5.08
N ASN A 50 -10.97 -5.00 4.28
CA ASN A 50 -10.46 -6.27 3.82
C ASN A 50 -8.97 -6.11 3.54
N ASP A 51 -8.21 -7.15 3.75
CA ASP A 51 -6.76 -7.08 3.56
C ASP A 51 -6.27 -8.34 2.91
N PHE A 52 -5.21 -8.20 2.15
CA PHE A 52 -4.61 -9.33 1.45
C PHE A 52 -3.11 -9.25 1.59
N TYR A 53 -2.54 -10.11 2.39
CA TYR A 53 -1.11 -10.16 2.47
C TYR A 53 -0.65 -11.42 1.75
N PRO A 54 -0.09 -11.32 0.54
CA PRO A 54 0.44 -12.49 -0.12
C PRO A 54 1.84 -12.76 0.35
N GLU A 55 2.26 -13.97 0.18
CA GLU A 55 3.54 -14.43 0.66
C GLU A 55 3.73 -15.82 0.13
N GLU A 56 4.80 -16.43 0.52
CA GLU A 56 5.08 -17.79 0.25
C GLU A 56 5.65 -18.34 1.49
N ASP A 57 5.20 -19.49 1.91
CA ASP A 57 5.74 -20.23 3.09
C ASP A 57 5.75 -19.36 4.35
N GLY A 58 4.88 -18.37 4.40
CA GLY A 58 4.89 -17.42 5.51
C GLY A 58 6.24 -16.67 5.65
N LYS A 59 7.02 -16.58 4.56
CA LYS A 59 8.32 -15.92 4.59
C LYS A 59 8.19 -14.48 4.08
N THR A 60 9.32 -13.78 4.00
CA THR A 60 9.40 -12.39 3.64
C THR A 60 8.77 -12.05 2.26
N LYS A 61 7.51 -11.68 2.32
CA LYS A 61 6.74 -11.12 1.24
C LYS A 61 7.31 -9.76 0.83
N GLY A 62 6.91 -9.27 -0.29
CA GLY A 62 7.43 -7.99 -0.75
C GLY A 62 6.36 -7.06 -1.23
N TYR A 63 5.11 -7.37 -0.92
CA TYR A 63 3.98 -6.50 -1.26
C TYR A 63 2.73 -7.00 -0.58
N ILE A 64 1.80 -6.10 -0.29
CA ILE A 64 0.50 -6.46 0.29
C ILE A 64 -0.55 -5.54 -0.28
N PHE A 65 -1.80 -5.86 -0.08
CA PHE A 65 -2.90 -5.07 -0.58
C PHE A 65 -3.87 -4.79 0.54
N LEU A 66 -4.31 -3.57 0.60
CA LEU A 66 -5.29 -3.12 1.56
C LEU A 66 -6.54 -2.70 0.79
N GLU A 67 -7.62 -3.37 1.03
CA GLU A 67 -8.87 -3.16 0.33
C GLU A 67 -9.81 -2.36 1.26
N TYR A 68 -10.27 -1.22 0.82
CA TYR A 68 -11.12 -0.38 1.66
C TYR A 68 -12.40 0.00 0.96
N ALA A 69 -13.34 0.46 1.76
CA ALA A 69 -14.59 1.05 1.31
C ALA A 69 -14.52 2.56 1.54
N SER A 70 -13.31 2.99 1.80
CA SER A 70 -12.98 4.34 2.23
C SER A 70 -13.05 5.41 1.05
N PRO A 71 -13.22 6.72 1.46
CA PRO A 71 -13.23 7.99 0.64
C PRO A 71 -12.29 8.19 -0.61
N ALA A 72 -11.57 7.14 -1.06
CA ALA A 72 -10.45 7.20 -2.03
C ALA A 72 -9.21 7.51 -1.26
N HIS A 73 -8.98 6.54 -0.42
CA HIS A 73 -7.93 6.43 0.56
C HIS A 73 -6.60 6.15 -0.10
N ALA A 74 -6.62 5.38 -1.16
CA ALA A 74 -5.42 5.03 -1.87
C ALA A 74 -4.97 6.23 -2.66
N VAL A 75 -5.95 6.98 -3.11
CA VAL A 75 -5.73 8.23 -3.79
C VAL A 75 -5.08 9.22 -2.79
N ASP A 76 -5.60 9.20 -1.58
CA ASP A 76 -5.13 10.05 -0.51
C ASP A 76 -3.72 9.61 -0.06
N ALA A 77 -3.52 8.31 0.03
CA ALA A 77 -2.24 7.72 0.42
C ALA A 77 -1.12 8.15 -0.52
N VAL A 78 -1.36 8.01 -1.82
CA VAL A 78 -0.43 8.39 -2.84
C VAL A 78 -0.14 9.90 -2.77
N LYS A 79 -1.13 10.66 -2.37
CA LYS A 79 -1.01 12.09 -2.23
C LYS A 79 -0.22 12.46 -0.95
N ASN A 80 -0.44 11.73 0.10
CA ASN A 80 0.12 12.09 1.42
C ASN A 80 1.46 11.44 1.72
N ALA A 81 1.49 10.13 1.82
CA ALA A 81 2.64 9.45 2.33
C ALA A 81 3.09 8.34 1.42
N ASP A 82 4.11 8.62 0.70
CA ASP A 82 4.75 7.66 -0.19
C ASP A 82 6.23 7.67 0.08
N GLY A 83 6.82 6.50 0.05
CA GLY A 83 8.24 6.38 0.31
C GLY A 83 8.55 6.65 1.76
N TYR A 84 7.76 6.05 2.62
CA TYR A 84 7.94 6.26 4.01
C TYR A 84 8.66 5.09 4.63
N LYS A 85 9.73 5.42 5.30
CA LYS A 85 10.62 4.45 5.87
C LYS A 85 10.37 4.24 7.32
N LEU A 86 10.22 3.00 7.68
CA LEU A 86 10.07 2.64 9.08
C LEU A 86 11.43 2.47 9.71
N ASP A 87 12.20 1.54 9.16
CA ASP A 87 13.49 1.18 9.71
C ASP A 87 14.27 0.44 8.64
N LYS A 88 15.59 0.53 8.68
CA LYS A 88 16.52 -0.11 7.76
C LYS A 88 16.11 -0.10 6.26
N GLN A 89 15.49 -1.18 5.77
CA GLN A 89 15.08 -1.25 4.37
C GLN A 89 13.57 -1.19 4.23
N HIS A 90 12.89 -1.03 5.34
CA HIS A 90 11.44 -1.04 5.36
C HIS A 90 10.93 0.30 4.93
N THR A 91 10.74 0.43 3.68
CA THR A 91 10.27 1.65 3.09
C THR A 91 9.17 1.32 2.13
N PHE A 92 7.99 1.77 2.40
CA PHE A 92 6.86 1.43 1.59
C PHE A 92 6.75 2.38 0.43
N ARG A 93 6.89 1.85 -0.76
CA ARG A 93 6.65 2.64 -1.93
C ARG A 93 5.21 2.42 -2.27
N VAL A 94 4.47 3.48 -2.32
CA VAL A 94 3.06 3.36 -2.54
C VAL A 94 2.78 3.75 -3.98
N ASN A 95 1.78 3.16 -4.53
CA ASN A 95 1.29 3.60 -5.80
C ASN A 95 -0.18 3.32 -5.85
N LEU A 96 -0.80 3.70 -6.93
CA LEU A 96 -2.23 3.59 -7.05
C LEU A 96 -2.66 2.23 -7.59
N PHE A 97 -3.92 2.07 -7.87
CA PHE A 97 -4.39 0.82 -8.36
C PHE A 97 -4.98 1.01 -9.75
N THR A 98 -5.35 2.25 -10.10
CA THR A 98 -5.82 2.54 -11.42
C THR A 98 -4.66 2.53 -12.45
N ASP A 99 -4.15 1.35 -12.67
CA ASP A 99 -3.14 1.09 -13.68
C ASP A 99 -3.88 0.70 -14.94
N PHE A 100 -5.13 0.33 -14.70
CA PHE A 100 -6.09 -0.06 -15.70
C PHE A 100 -6.33 1.06 -16.70
N ASP A 101 -6.52 0.69 -17.94
CA ASP A 101 -6.80 1.59 -19.00
C ASP A 101 -8.25 1.92 -18.97
N LYS A 102 -8.54 2.84 -18.11
CA LYS A 102 -9.85 3.44 -17.94
C LYS A 102 -10.40 3.93 -19.27
N TYR A 103 -11.69 3.86 -19.41
CA TYR A 103 -12.34 4.30 -20.62
C TYR A 103 -12.46 5.82 -20.56
N MET A 104 -11.89 6.48 -21.53
CA MET A 104 -11.85 7.92 -21.55
C MET A 104 -13.16 8.47 -22.06
N THR A 105 -13.74 9.35 -21.31
CA THR A 105 -14.96 10.00 -21.67
C THR A 105 -14.95 11.37 -21.01
N GLY A 1 7.98 2.97 -14.20
CA GLY A 1 7.12 2.52 -15.29
C GLY A 1 7.77 2.77 -16.62
N ASP A 2 7.38 2.02 -17.61
CA ASP A 2 7.93 2.19 -18.94
C ASP A 2 6.98 3.06 -19.73
N VAL A 3 7.52 3.75 -20.72
CA VAL A 3 6.83 4.80 -21.53
C VAL A 3 5.60 4.30 -22.37
N LEU A 4 4.94 3.28 -21.90
CA LEU A 4 3.75 2.78 -22.52
C LEU A 4 2.55 3.28 -21.76
N LYS A 5 2.58 3.12 -20.43
CA LYS A 5 1.46 3.51 -19.58
C LYS A 5 1.63 4.90 -18.97
N ASP A 6 2.76 5.54 -19.23
CA ASP A 6 3.13 6.83 -18.55
C ASP A 6 2.39 8.05 -19.15
N ARG A 7 1.24 7.81 -19.67
CA ARG A 7 0.44 8.81 -20.31
C ARG A 7 -0.78 9.10 -19.45
N PRO A 8 -1.51 10.21 -19.68
CA PRO A 8 -2.80 10.41 -19.05
C PRO A 8 -3.74 9.31 -19.54
N GLN A 9 -4.37 8.62 -18.65
CA GLN A 9 -5.07 7.43 -19.06
C GLN A 9 -6.55 7.47 -18.76
N GLU A 10 -7.26 6.63 -19.47
CA GLU A 10 -8.71 6.47 -19.35
C GLU A 10 -9.01 5.47 -18.23
N ALA A 11 -8.04 5.29 -17.37
CA ALA A 11 -8.04 4.29 -16.32
C ALA A 11 -9.24 4.45 -15.39
N ASP A 12 -10.05 3.41 -15.32
CA ASP A 12 -11.20 3.40 -14.44
C ASP A 12 -10.72 3.31 -13.01
N GLY A 13 -11.11 4.29 -12.24
CA GLY A 13 -10.62 4.48 -10.90
C GLY A 13 -10.90 3.38 -9.90
N ILE A 14 -9.97 2.49 -9.75
CA ILE A 14 -10.03 1.53 -8.70
C ILE A 14 -9.18 2.05 -7.54
N ASP A 15 -9.84 2.79 -6.71
CA ASP A 15 -9.23 3.52 -5.60
C ASP A 15 -9.29 2.68 -4.34
N SER A 16 -9.89 1.57 -4.43
CA SER A 16 -10.12 0.79 -3.27
C SER A 16 -8.99 -0.23 -3.00
N VAL A 17 -8.02 -0.35 -3.90
CA VAL A 17 -6.97 -1.34 -3.74
C VAL A 17 -5.60 -0.68 -3.69
N ILE A 18 -4.94 -0.79 -2.57
CA ILE A 18 -3.59 -0.23 -2.41
C ILE A 18 -2.58 -1.31 -2.73
N VAL A 19 -1.52 -0.91 -3.35
CA VAL A 19 -0.39 -1.76 -3.64
C VAL A 19 0.82 -1.16 -2.96
N VAL A 20 1.47 -1.93 -2.14
CA VAL A 20 2.60 -1.46 -1.37
C VAL A 20 3.85 -2.26 -1.71
N ASP A 21 4.98 -1.58 -1.80
CA ASP A 21 6.28 -2.21 -2.07
C ASP A 21 7.15 -2.23 -0.80
N ASN A 22 7.96 -3.30 -0.68
CA ASN A 22 8.84 -3.65 0.49
C ASN A 22 8.39 -3.23 1.88
N VAL A 23 7.93 -4.21 2.60
CA VAL A 23 7.34 -4.09 3.92
C VAL A 23 8.31 -4.65 5.01
N PRO A 24 7.92 -4.55 6.33
CA PRO A 24 8.63 -5.21 7.44
C PRO A 24 9.00 -6.66 7.12
N GLN A 25 10.21 -7.04 7.51
CA GLN A 25 10.73 -8.34 7.19
C GLN A 25 10.33 -9.34 8.29
N VAL A 26 10.60 -10.59 8.08
CA VAL A 26 10.20 -11.59 9.03
C VAL A 26 11.40 -12.31 9.62
N GLY A 27 11.26 -12.59 10.86
CA GLY A 27 12.09 -13.50 11.55
C GLY A 27 11.12 -14.53 12.04
N PRO A 28 11.51 -15.77 12.30
CA PRO A 28 10.55 -16.84 12.63
C PRO A 28 9.52 -16.46 13.68
N ASP A 29 8.26 -16.63 13.29
CA ASP A 29 7.06 -16.37 14.10
C ASP A 29 7.01 -14.91 14.61
N ARG A 30 7.68 -14.01 13.91
CA ARG A 30 7.67 -12.60 14.29
C ARG A 30 6.68 -11.82 13.45
N LEU A 31 6.22 -12.40 12.36
CA LEU A 31 5.37 -11.67 11.44
C LEU A 31 3.93 -11.65 11.97
N GLU A 32 3.63 -12.55 12.89
CA GLU A 32 2.28 -12.65 13.45
C GLU A 32 1.84 -11.32 14.08
N LYS A 33 2.72 -10.65 14.82
CA LYS A 33 2.36 -9.35 15.37
C LYS A 33 2.45 -8.27 14.30
N LEU A 34 3.35 -8.48 13.36
CA LEU A 34 3.58 -7.52 12.31
C LEU A 34 2.39 -7.44 11.35
N LYS A 35 1.63 -8.52 11.25
CA LYS A 35 0.38 -8.55 10.48
C LYS A 35 -0.60 -7.53 11.05
N ASN A 36 -0.63 -7.44 12.36
CA ASN A 36 -1.63 -6.65 13.04
C ASN A 36 -1.22 -5.20 13.11
N VAL A 37 0.07 -4.95 13.11
CA VAL A 37 0.56 -3.60 13.19
C VAL A 37 0.27 -2.85 11.88
N ILE A 38 0.30 -3.58 10.74
CA ILE A 38 0.01 -3.00 9.43
C ILE A 38 -1.40 -2.44 9.43
N HIS A 39 -2.34 -3.29 9.82
CA HIS A 39 -3.76 -2.95 9.86
C HIS A 39 -3.99 -1.68 10.68
N LYS A 40 -3.21 -1.49 11.73
CA LYS A 40 -3.31 -0.32 12.57
C LYS A 40 -2.63 0.91 11.97
N ILE A 41 -1.44 0.73 11.40
CA ILE A 41 -0.73 1.85 10.77
C ILE A 41 -1.52 2.35 9.57
N PHE A 42 -2.02 1.43 8.82
CA PHE A 42 -2.73 1.73 7.61
C PHE A 42 -4.14 2.22 7.89
N SER A 43 -4.54 2.17 9.14
CA SER A 43 -5.82 2.68 9.55
C SER A 43 -5.80 4.22 9.54
N LYS A 44 -4.63 4.79 9.30
CA LYS A 44 -4.50 6.23 9.16
C LYS A 44 -5.11 6.70 7.85
N PHE A 45 -5.11 5.82 6.86
CA PHE A 45 -5.65 6.16 5.54
C PHE A 45 -7.17 5.90 5.50
N GLY A 46 -7.66 5.18 6.47
CA GLY A 46 -9.05 4.85 6.53
C GLY A 46 -9.26 3.60 7.30
N LYS A 47 -10.40 2.99 7.16
CA LYS A 47 -10.66 1.77 7.85
C LYS A 47 -10.36 0.65 6.89
N ILE A 48 -9.56 -0.29 7.32
CA ILE A 48 -9.18 -1.39 6.50
C ILE A 48 -10.39 -2.28 6.40
N THR A 49 -10.96 -2.31 5.23
CA THR A 49 -12.12 -3.08 4.98
C THR A 49 -11.68 -4.52 4.72
N ASN A 50 -10.71 -4.68 3.84
CA ASN A 50 -10.13 -5.99 3.56
C ASN A 50 -8.65 -5.81 3.56
N ASP A 51 -7.92 -6.77 4.02
CA ASP A 51 -6.48 -6.70 3.96
C ASP A 51 -5.90 -8.00 3.54
N PHE A 52 -4.99 -7.93 2.61
CA PHE A 52 -4.37 -9.11 2.10
C PHE A 52 -2.89 -8.96 2.21
N TYR A 53 -2.35 -9.54 3.24
CA TYR A 53 -0.95 -9.58 3.39
C TYR A 53 -0.56 -11.01 3.15
N PRO A 54 0.00 -11.32 2.01
CA PRO A 54 0.41 -12.67 1.74
C PRO A 54 1.77 -12.92 2.32
N GLU A 55 2.17 -14.12 2.30
CA GLU A 55 3.42 -14.53 2.72
C GLU A 55 3.82 -15.54 1.72
N GLU A 56 5.07 -15.84 1.64
CA GLU A 56 5.54 -16.75 0.62
C GLU A 56 6.46 -17.77 1.22
N ASP A 57 5.98 -18.99 1.42
CA ASP A 57 6.78 -20.11 1.97
C ASP A 57 7.26 -19.83 3.38
N GLY A 58 6.51 -19.02 4.09
CA GLY A 58 6.82 -18.72 5.45
C GLY A 58 7.76 -17.55 5.60
N LYS A 59 8.25 -17.02 4.49
CA LYS A 59 9.10 -15.86 4.54
C LYS A 59 8.27 -14.69 4.12
N THR A 60 8.81 -13.52 4.25
CA THR A 60 8.04 -12.35 4.01
C THR A 60 7.91 -12.03 2.55
N LYS A 61 6.73 -11.58 2.26
CA LYS A 61 6.33 -10.95 1.02
C LYS A 61 7.18 -9.68 0.81
N GLY A 62 6.98 -9.05 -0.31
CA GLY A 62 7.63 -7.81 -0.58
C GLY A 62 6.61 -6.81 -1.04
N TYR A 63 5.37 -7.08 -0.70
CA TYR A 63 4.24 -6.28 -1.10
C TYR A 63 3.02 -6.72 -0.32
N ILE A 64 2.02 -5.88 -0.26
CA ILE A 64 0.74 -6.18 0.39
C ILE A 64 -0.36 -5.45 -0.35
N PHE A 65 -1.59 -5.74 -0.01
CA PHE A 65 -2.77 -5.13 -0.61
C PHE A 65 -3.74 -4.71 0.48
N LEU A 66 -4.28 -3.54 0.32
CA LEU A 66 -5.21 -2.96 1.27
C LEU A 66 -6.47 -2.60 0.52
N GLU A 67 -7.61 -2.86 1.11
CA GLU A 67 -8.86 -2.41 0.55
C GLU A 67 -9.62 -1.63 1.58
N TYR A 68 -10.08 -0.46 1.21
CA TYR A 68 -10.86 0.36 2.11
C TYR A 68 -12.15 0.73 1.41
N ALA A 69 -13.06 1.32 2.15
CA ALA A 69 -14.32 1.87 1.62
C ALA A 69 -14.32 3.37 1.92
N SER A 70 -13.16 3.84 2.27
CA SER A 70 -12.90 5.17 2.74
C SER A 70 -12.96 6.29 1.61
N PRO A 71 -12.98 7.59 2.07
CA PRO A 71 -13.03 8.91 1.29
C PRO A 71 -12.31 9.12 -0.09
N ALA A 72 -11.75 8.08 -0.76
CA ALA A 72 -10.71 8.20 -1.83
C ALA A 72 -9.40 8.22 -1.15
N HIS A 73 -9.22 7.07 -0.57
CA HIS A 73 -8.18 6.70 0.33
C HIS A 73 -6.92 6.33 -0.39
N ALA A 74 -7.02 5.67 -1.54
CA ALA A 74 -5.85 5.38 -2.30
C ALA A 74 -5.32 6.67 -2.88
N VAL A 75 -6.25 7.53 -3.26
CA VAL A 75 -5.95 8.90 -3.67
C VAL A 75 -5.21 9.59 -2.53
N ASP A 76 -5.78 9.44 -1.33
CA ASP A 76 -5.26 10.10 -0.13
C ASP A 76 -3.88 9.57 0.24
N ALA A 77 -3.65 8.29 0.03
CA ALA A 77 -2.36 7.67 0.29
C ALA A 77 -1.27 8.28 -0.59
N VAL A 78 -1.54 8.35 -1.90
CA VAL A 78 -0.64 8.90 -2.87
C VAL A 78 -0.43 10.41 -2.59
N LYS A 79 -1.51 11.05 -2.18
CA LYS A 79 -1.56 12.45 -1.79
C LYS A 79 -0.63 12.73 -0.61
N ASN A 80 -0.53 11.77 0.30
CA ASN A 80 0.27 11.94 1.50
C ASN A 80 1.73 11.66 1.29
N ALA A 81 2.09 10.40 1.21
CA ALA A 81 3.48 10.06 1.16
C ALA A 81 3.71 8.76 0.45
N ASP A 82 4.33 8.85 -0.66
CA ASP A 82 4.80 7.70 -1.37
C ASP A 82 6.23 7.46 -1.01
N GLY A 83 6.54 6.21 -0.72
CA GLY A 83 7.88 5.86 -0.36
C GLY A 83 8.21 6.34 1.03
N TYR A 84 7.33 6.07 1.97
CA TYR A 84 7.58 6.46 3.33
C TYR A 84 8.34 5.38 4.04
N LYS A 85 9.46 5.75 4.61
CA LYS A 85 10.37 4.83 5.20
C LYS A 85 10.27 4.84 6.68
N LEU A 86 10.13 3.68 7.23
CA LEU A 86 10.12 3.52 8.66
C LEU A 86 11.55 3.40 9.14
N ASP A 87 12.17 2.29 8.76
CA ASP A 87 13.52 1.95 9.14
C ASP A 87 13.92 0.79 8.24
N LYS A 88 15.09 0.18 8.47
CA LYS A 88 15.63 -0.94 7.68
C LYS A 88 15.36 -0.87 6.16
N GLN A 89 14.40 -1.66 5.70
CA GLN A 89 14.07 -1.76 4.28
C GLN A 89 12.61 -1.39 4.10
N HIS A 90 12.02 -0.90 5.16
CA HIS A 90 10.59 -0.67 5.18
C HIS A 90 10.29 0.67 4.63
N THR A 91 10.07 0.71 3.38
CA THR A 91 9.73 1.91 2.71
C THR A 91 8.56 1.61 1.82
N PHE A 92 7.42 2.05 2.21
CA PHE A 92 6.24 1.68 1.51
C PHE A 92 6.03 2.54 0.29
N ARG A 93 6.38 2.01 -0.85
CA ARG A 93 6.16 2.72 -2.10
C ARG A 93 4.79 2.40 -2.59
N VAL A 94 4.11 3.40 -3.05
CA VAL A 94 2.74 3.26 -3.40
C VAL A 94 2.60 3.22 -4.91
N ASN A 95 1.80 2.32 -5.38
CA ASN A 95 1.42 2.32 -6.76
C ASN A 95 0.06 1.77 -6.85
N LEU A 96 -0.71 2.26 -7.72
CA LEU A 96 -1.99 1.67 -7.95
C LEU A 96 -2.15 0.98 -9.25
N PHE A 97 -3.37 0.46 -9.43
CA PHE A 97 -3.77 -0.09 -10.69
C PHE A 97 -4.18 1.11 -11.52
N THR A 98 -4.95 1.98 -10.88
CA THR A 98 -5.23 3.27 -11.42
C THR A 98 -4.20 4.20 -10.82
N ASP A 99 -2.99 4.09 -11.28
CA ASP A 99 -1.91 4.87 -10.75
C ASP A 99 -1.89 6.22 -11.44
N PHE A 100 -2.36 6.22 -12.65
CA PHE A 100 -2.47 7.42 -13.40
C PHE A 100 -3.83 8.01 -13.22
N ASP A 101 -3.95 8.83 -12.19
CA ASP A 101 -5.18 9.57 -11.89
C ASP A 101 -5.39 10.63 -12.94
N LYS A 102 -4.29 11.02 -13.55
CA LYS A 102 -4.31 11.91 -14.64
C LYS A 102 -4.91 11.22 -15.83
N TYR A 103 -5.76 11.92 -16.48
CA TYR A 103 -6.58 11.36 -17.52
C TYR A 103 -6.50 12.19 -18.76
N MET A 104 -7.04 11.66 -19.85
CA MET A 104 -7.05 12.32 -21.13
C MET A 104 -7.83 13.62 -21.00
N THR A 105 -7.09 14.69 -20.89
CA THR A 105 -7.65 15.98 -20.64
C THR A 105 -8.20 16.57 -21.94
N GLY A 1 -14.87 22.38 -23.77
CA GLY A 1 -14.47 23.02 -22.52
C GLY A 1 -13.02 22.75 -22.22
N ASP A 2 -12.61 23.01 -21.00
CA ASP A 2 -11.23 22.74 -20.62
C ASP A 2 -11.13 21.40 -19.95
N VAL A 3 -10.01 20.82 -20.11
CA VAL A 3 -9.71 19.52 -19.59
C VAL A 3 -8.21 19.46 -19.20
N LEU A 4 -7.60 20.62 -19.17
CA LEU A 4 -6.18 20.73 -18.86
C LEU A 4 -6.03 21.11 -17.41
N LYS A 5 -6.69 22.18 -17.02
CA LYS A 5 -6.72 22.62 -15.67
C LYS A 5 -7.92 22.00 -15.01
N ASP A 6 -9.02 21.92 -15.76
CA ASP A 6 -10.21 21.23 -15.27
C ASP A 6 -10.02 19.77 -15.62
N ARG A 7 -9.21 19.14 -14.84
CA ARG A 7 -8.70 17.85 -15.14
C ARG A 7 -9.04 16.83 -14.07
N PRO A 8 -8.92 15.55 -14.39
CA PRO A 8 -8.96 14.49 -13.39
C PRO A 8 -7.58 14.39 -12.73
N GLN A 9 -7.49 13.66 -11.66
CA GLN A 9 -6.22 13.49 -11.00
C GLN A 9 -5.41 12.47 -11.81
N GLU A 10 -4.12 12.59 -11.75
CA GLU A 10 -3.24 11.77 -12.58
C GLU A 10 -3.15 10.34 -12.06
N ALA A 11 -3.48 10.16 -10.79
CA ALA A 11 -3.49 8.85 -10.23
C ALA A 11 -4.73 8.11 -10.68
N ASP A 12 -4.59 7.42 -11.77
CA ASP A 12 -5.64 6.58 -12.30
C ASP A 12 -5.04 5.32 -12.85
N GLY A 13 -5.43 4.27 -12.26
CA GLY A 13 -4.95 2.96 -12.58
C GLY A 13 -5.41 2.06 -11.51
N ILE A 14 -5.09 2.43 -10.31
CA ILE A 14 -5.58 1.77 -9.16
C ILE A 14 -5.80 2.79 -8.06
N ASP A 15 -7.00 2.82 -7.58
CA ASP A 15 -7.34 3.67 -6.45
C ASP A 15 -8.04 2.85 -5.39
N SER A 16 -8.51 1.69 -5.76
CA SER A 16 -9.31 0.91 -4.84
C SER A 16 -8.51 -0.19 -4.13
N VAL A 17 -7.20 -0.19 -4.31
CA VAL A 17 -6.32 -1.19 -3.69
C VAL A 17 -4.98 -0.53 -3.38
N ILE A 18 -4.56 -0.59 -2.12
CA ILE A 18 -3.21 -0.14 -1.78
C ILE A 18 -2.29 -1.30 -2.01
N VAL A 19 -1.22 -1.01 -2.61
CA VAL A 19 -0.16 -1.94 -2.81
C VAL A 19 1.10 -1.29 -2.36
N VAL A 20 1.51 -1.69 -1.22
CA VAL A 20 2.73 -1.19 -0.63
C VAL A 20 3.87 -2.13 -0.90
N ASP A 21 4.86 -1.60 -1.54
CA ASP A 21 6.04 -2.32 -1.95
C ASP A 21 6.99 -2.46 -0.77
N ASN A 22 7.60 -3.64 -0.66
CA ASN A 22 8.54 -4.06 0.43
C ASN A 22 8.08 -3.72 1.83
N VAL A 23 7.36 -4.64 2.39
CA VAL A 23 6.77 -4.54 3.69
C VAL A 23 7.62 -5.32 4.71
N PRO A 24 7.36 -5.13 6.05
CA PRO A 24 8.06 -5.84 7.12
C PRO A 24 8.29 -7.32 6.87
N GLN A 25 9.53 -7.69 7.00
CA GLN A 25 9.99 -9.03 6.85
C GLN A 25 9.94 -9.70 8.22
N VAL A 26 9.72 -10.99 8.26
CA VAL A 26 9.44 -11.63 9.52
C VAL A 26 10.64 -12.40 10.09
N GLY A 27 10.70 -12.41 11.39
CA GLY A 27 11.60 -13.26 12.12
C GLY A 27 10.74 -14.37 12.69
N PRO A 28 11.30 -15.42 13.30
CA PRO A 28 10.47 -16.54 13.76
C PRO A 28 9.44 -16.09 14.81
N ASP A 29 8.17 -16.41 14.53
CA ASP A 29 7.01 -16.11 15.39
C ASP A 29 6.84 -14.62 15.69
N ARG A 30 7.25 -13.77 14.76
CA ARG A 30 7.12 -12.34 14.97
C ARG A 30 6.04 -11.71 14.07
N LEU A 31 5.36 -12.54 13.25
CA LEU A 31 4.36 -12.05 12.28
C LEU A 31 3.20 -11.36 13.02
N GLU A 32 2.92 -11.86 14.22
CA GLU A 32 1.92 -11.29 15.15
C GLU A 32 2.06 -9.78 15.25
N LYS A 33 3.27 -9.36 15.46
CA LYS A 33 3.58 -7.98 15.76
C LYS A 33 3.58 -7.19 14.48
N LEU A 34 3.96 -7.86 13.42
CA LEU A 34 4.08 -7.23 12.14
C LEU A 34 2.72 -6.90 11.55
N LYS A 35 1.74 -7.75 11.79
CA LYS A 35 0.40 -7.45 11.30
C LYS A 35 -0.30 -6.44 12.19
N ASN A 36 0.18 -6.32 13.40
CA ASN A 36 -0.45 -5.43 14.36
C ASN A 36 -0.02 -4.02 14.03
N VAL A 37 1.23 -3.88 13.63
CA VAL A 37 1.75 -2.58 13.28
C VAL A 37 1.05 -2.04 12.01
N ILE A 38 0.65 -2.97 11.12
CA ILE A 38 -0.13 -2.61 9.92
C ILE A 38 -1.45 -1.99 10.36
N HIS A 39 -2.12 -2.68 11.26
CA HIS A 39 -3.41 -2.29 11.80
C HIS A 39 -3.32 -0.94 12.55
N LYS A 40 -2.14 -0.56 12.97
CA LYS A 40 -1.97 0.73 13.61
C LYS A 40 -1.69 1.82 12.59
N ILE A 41 -0.61 1.66 11.84
CA ILE A 41 -0.13 2.66 10.90
C ILE A 41 -1.13 2.92 9.78
N PHE A 42 -1.70 1.87 9.24
CA PHE A 42 -2.56 2.00 8.09
C PHE A 42 -3.95 2.50 8.43
N SER A 43 -4.30 2.47 9.70
CA SER A 43 -5.59 2.96 10.12
C SER A 43 -5.61 4.50 10.15
N LYS A 44 -4.49 5.10 9.84
CA LYS A 44 -4.39 6.54 9.74
C LYS A 44 -4.95 7.01 8.40
N PHE A 45 -4.99 6.09 7.45
CA PHE A 45 -5.56 6.41 6.14
C PHE A 45 -7.06 6.14 6.13
N GLY A 46 -7.54 5.43 7.12
CA GLY A 46 -8.94 5.16 7.20
C GLY A 46 -9.25 3.84 7.84
N LYS A 47 -10.38 3.28 7.50
CA LYS A 47 -10.82 2.01 8.03
C LYS A 47 -10.24 0.87 7.23
N ILE A 48 -9.48 0.02 7.87
CA ILE A 48 -8.93 -1.16 7.25
C ILE A 48 -10.10 -2.13 7.08
N THR A 49 -10.74 -2.04 5.94
CA THR A 49 -11.91 -2.78 5.67
C THR A 49 -11.54 -4.20 5.33
N ASN A 50 -10.65 -4.34 4.39
CA ASN A 50 -10.14 -5.62 4.01
C ASN A 50 -8.65 -5.49 3.84
N ASP A 51 -7.94 -6.46 4.29
CA ASP A 51 -6.50 -6.46 4.24
C ASP A 51 -6.00 -7.84 3.99
N PHE A 52 -5.16 -7.95 3.02
CA PHE A 52 -4.68 -9.23 2.56
C PHE A 52 -3.18 -9.23 2.54
N TYR A 53 -2.59 -10.06 3.35
CA TYR A 53 -1.15 -10.18 3.33
C TYR A 53 -0.81 -11.53 2.70
N PRO A 54 -0.34 -11.55 1.47
CA PRO A 54 0.06 -12.79 0.81
C PRO A 54 1.49 -13.15 1.15
N GLU A 55 1.93 -14.29 0.72
CA GLU A 55 3.33 -14.69 0.88
C GLU A 55 3.99 -14.46 -0.47
N GLU A 56 5.28 -14.69 -0.59
CA GLU A 56 5.92 -14.56 -1.87
C GLU A 56 7.26 -15.27 -1.89
N ASP A 57 7.35 -16.30 -2.72
CA ASP A 57 8.58 -17.10 -2.94
C ASP A 57 9.09 -17.76 -1.69
N GLY A 58 8.20 -18.06 -0.78
CA GLY A 58 8.58 -18.68 0.46
C GLY A 58 8.87 -17.67 1.52
N LYS A 59 8.71 -16.43 1.19
CA LYS A 59 8.93 -15.37 2.14
C LYS A 59 7.62 -14.99 2.72
N THR A 60 7.68 -14.25 3.79
CA THR A 60 6.53 -13.78 4.50
C THR A 60 5.57 -13.04 3.60
N LYS A 61 6.09 -12.06 2.92
CA LYS A 61 5.37 -11.24 1.98
C LYS A 61 6.32 -10.23 1.42
N GLY A 62 5.90 -9.57 0.39
CA GLY A 62 6.71 -8.52 -0.21
C GLY A 62 5.88 -7.29 -0.48
N TYR A 63 4.60 -7.41 -0.26
CA TYR A 63 3.64 -6.38 -0.52
C TYR A 63 2.36 -6.83 0.16
N ILE A 64 1.49 -5.90 0.48
CA ILE A 64 0.22 -6.25 1.08
C ILE A 64 -0.87 -5.41 0.44
N PHE A 65 -2.10 -5.82 0.63
CA PHE A 65 -3.25 -5.16 0.05
C PHE A 65 -4.09 -4.53 1.14
N LEU A 66 -4.42 -3.28 0.95
CA LEU A 66 -5.30 -2.56 1.83
C LEU A 66 -6.50 -2.12 1.03
N GLU A 67 -7.66 -2.46 1.48
CA GLU A 67 -8.89 -2.05 0.86
C GLU A 67 -9.70 -1.26 1.86
N TYR A 68 -9.99 -0.02 1.55
CA TYR A 68 -10.77 0.82 2.43
C TYR A 68 -12.23 0.89 1.95
N ALA A 69 -13.09 1.58 2.69
CA ALA A 69 -14.54 1.58 2.44
C ALA A 69 -14.98 2.49 1.28
N SER A 70 -14.12 3.38 0.89
CA SER A 70 -14.38 4.28 -0.24
C SER A 70 -13.28 3.96 -1.23
N PRO A 71 -13.29 4.40 -2.54
CA PRO A 71 -12.15 4.01 -3.33
C PRO A 71 -10.98 4.90 -2.96
N ALA A 72 -11.13 6.24 -3.05
CA ALA A 72 -10.63 7.35 -2.18
C ALA A 72 -9.39 7.18 -1.33
N HIS A 73 -8.69 6.17 -1.46
CA HIS A 73 -7.71 5.87 -0.46
C HIS A 73 -6.39 5.70 -0.99
N ALA A 74 -6.32 5.12 -2.12
CA ALA A 74 -5.08 4.90 -2.70
C ALA A 74 -4.64 6.17 -3.38
N VAL A 75 -5.63 7.03 -3.72
CA VAL A 75 -5.33 8.35 -4.22
C VAL A 75 -4.93 9.24 -3.03
N ASP A 76 -5.37 8.86 -1.85
CA ASP A 76 -5.07 9.60 -0.64
C ASP A 76 -3.70 9.19 -0.13
N ALA A 77 -3.38 7.92 -0.32
CA ALA A 77 -2.09 7.38 0.06
C ALA A 77 -0.98 8.06 -0.72
N VAL A 78 -1.12 8.09 -2.06
CA VAL A 78 -0.14 8.72 -2.93
C VAL A 78 0.01 10.22 -2.60
N LYS A 79 -1.12 10.81 -2.18
CA LYS A 79 -1.20 12.20 -1.81
C LYS A 79 -0.41 12.49 -0.52
N ASN A 80 -0.55 11.61 0.45
CA ASN A 80 0.02 11.84 1.77
C ASN A 80 1.41 11.25 1.94
N ALA A 81 1.58 9.99 1.64
CA ALA A 81 2.83 9.33 1.90
C ALA A 81 3.16 8.28 0.85
N ASP A 82 4.07 8.62 -0.02
CA ASP A 82 4.58 7.70 -1.00
C ASP A 82 6.04 7.44 -0.68
N GLY A 83 6.45 6.19 -0.76
CA GLY A 83 7.82 5.80 -0.47
C GLY A 83 8.22 6.17 0.94
N TYR A 84 7.40 5.76 1.88
CA TYR A 84 7.62 6.14 3.25
C TYR A 84 8.36 5.07 4.01
N LYS A 85 9.46 5.48 4.58
CA LYS A 85 10.33 4.61 5.30
C LYS A 85 10.09 4.67 6.78
N LEU A 86 9.71 3.54 7.31
CA LEU A 86 9.54 3.41 8.75
C LEU A 86 10.88 3.04 9.34
N ASP A 87 11.45 2.00 8.77
CA ASP A 87 12.68 1.41 9.24
C ASP A 87 13.45 0.90 8.04
N LYS A 88 14.50 0.12 8.29
CA LYS A 88 15.41 -0.42 7.27
C LYS A 88 14.71 -0.97 6.03
N GLN A 89 14.01 -2.08 6.17
CA GLN A 89 13.39 -2.69 5.01
C GLN A 89 11.92 -2.37 4.94
N HIS A 90 11.49 -1.43 5.76
CA HIS A 90 10.11 -0.99 5.73
C HIS A 90 10.07 0.34 5.00
N THR A 91 9.95 0.29 3.73
CA THR A 91 9.83 1.49 2.92
C THR A 91 8.75 1.32 1.90
N PHE A 92 7.59 1.76 2.23
CA PHE A 92 6.44 1.42 1.43
C PHE A 92 6.31 2.31 0.24
N ARG A 93 6.63 1.77 -0.92
CA ARG A 93 6.37 2.50 -2.14
C ARG A 93 4.94 2.25 -2.51
N VAL A 94 4.29 3.24 -3.01
CA VAL A 94 2.91 3.11 -3.33
C VAL A 94 2.74 2.87 -4.85
N ASN A 95 2.26 1.70 -5.21
CA ASN A 95 2.08 1.39 -6.63
C ASN A 95 1.00 0.34 -6.75
N LEU A 96 0.88 -0.29 -7.89
CA LEU A 96 -0.10 -1.32 -8.06
C LEU A 96 0.52 -2.71 -8.05
N PHE A 97 -0.29 -3.72 -8.34
CA PHE A 97 0.16 -5.10 -8.29
C PHE A 97 -0.01 -5.79 -9.63
N THR A 98 -0.90 -5.27 -10.40
CA THR A 98 -1.22 -5.78 -11.70
C THR A 98 -0.38 -5.09 -12.79
N ASP A 99 -0.83 -5.20 -14.02
CA ASP A 99 -0.15 -4.60 -15.17
C ASP A 99 -0.69 -3.19 -15.43
N PHE A 100 -1.85 -2.91 -14.83
CA PHE A 100 -2.62 -1.65 -15.03
C PHE A 100 -1.90 -0.33 -14.69
N ASP A 101 -0.89 -0.02 -15.45
CA ASP A 101 -0.20 1.25 -15.35
C ASP A 101 -0.26 1.84 -16.75
N LYS A 102 -1.44 2.33 -17.05
CA LYS A 102 -1.78 2.80 -18.38
C LYS A 102 -1.45 4.23 -18.62
N TYR A 103 -1.46 4.98 -17.59
CA TYR A 103 -1.25 6.39 -17.73
C TYR A 103 0.22 6.75 -17.87
N MET A 104 0.66 6.70 -19.09
CA MET A 104 1.98 7.10 -19.46
C MET A 104 1.83 8.22 -20.46
N THR A 105 1.81 9.42 -19.98
CA THR A 105 1.66 10.57 -20.82
C THR A 105 2.53 11.70 -20.30
N GLY A 1 8.36 12.22 2.96
CA GLY A 1 7.16 11.71 2.32
C GLY A 1 6.13 12.79 2.15
N ASP A 2 5.31 12.95 3.18
CA ASP A 2 4.21 13.93 3.23
C ASP A 2 4.74 15.35 2.99
N VAL A 3 3.87 16.20 2.44
CA VAL A 3 4.09 17.63 2.08
C VAL A 3 5.11 17.86 0.96
N LEU A 4 6.11 17.02 0.88
CA LEU A 4 7.10 17.11 -0.17
C LEU A 4 6.63 16.36 -1.41
N LYS A 5 6.21 15.13 -1.20
CA LYS A 5 5.68 14.29 -2.27
C LYS A 5 4.16 14.35 -2.28
N ASP A 6 3.62 15.41 -1.70
CA ASP A 6 2.18 15.59 -1.63
C ASP A 6 1.64 15.94 -3.00
N ARG A 7 1.19 14.93 -3.69
CA ARG A 7 0.59 15.05 -5.00
C ARG A 7 -0.46 13.97 -5.15
N PRO A 8 -1.47 14.21 -5.99
CA PRO A 8 -2.40 13.17 -6.37
C PRO A 8 -1.66 12.10 -7.19
N GLN A 9 -2.03 10.88 -7.03
CA GLN A 9 -1.40 9.80 -7.72
C GLN A 9 -2.36 9.31 -8.78
N GLU A 10 -1.89 8.55 -9.73
CA GLU A 10 -2.68 8.07 -10.87
C GLU A 10 -3.67 6.95 -10.48
N ALA A 11 -3.96 6.87 -9.20
CA ALA A 11 -4.88 5.90 -8.68
C ALA A 11 -6.29 6.32 -8.96
N ASP A 12 -6.84 5.77 -10.01
CA ASP A 12 -8.20 6.02 -10.42
C ASP A 12 -8.68 4.75 -11.07
N GLY A 13 -9.97 4.60 -11.23
CA GLY A 13 -10.53 3.39 -11.74
C GLY A 13 -10.67 2.41 -10.63
N ILE A 14 -9.58 1.76 -10.30
CA ILE A 14 -9.55 0.92 -9.17
C ILE A 14 -8.57 1.48 -8.16
N ASP A 15 -9.10 2.33 -7.34
CA ASP A 15 -8.36 3.05 -6.32
C ASP A 15 -8.89 2.68 -4.97
N SER A 16 -9.34 1.46 -4.90
CA SER A 16 -9.90 0.93 -3.68
C SER A 16 -8.84 0.16 -2.91
N VAL A 17 -7.72 -0.10 -3.57
CA VAL A 17 -6.70 -0.97 -3.02
C VAL A 17 -5.36 -0.25 -2.91
N ILE A 18 -4.75 -0.38 -1.75
CA ILE A 18 -3.44 0.16 -1.46
C ILE A 18 -2.41 -0.84 -1.89
N VAL A 19 -1.31 -0.34 -2.37
CA VAL A 19 -0.21 -1.14 -2.81
C VAL A 19 1.06 -0.55 -2.23
N VAL A 20 1.76 -1.34 -1.48
CA VAL A 20 3.01 -0.93 -0.86
C VAL A 20 4.15 -1.80 -1.37
N ASP A 21 5.33 -1.28 -1.25
CA ASP A 21 6.55 -1.96 -1.66
C ASP A 21 7.39 -2.22 -0.40
N ASN A 22 7.89 -3.46 -0.28
CA ASN A 22 8.75 -3.98 0.83
C ASN A 22 8.35 -3.59 2.24
N VAL A 23 7.61 -4.46 2.86
CA VAL A 23 7.15 -4.31 4.20
C VAL A 23 8.19 -4.96 5.13
N PRO A 24 8.10 -4.71 6.46
CA PRO A 24 8.99 -5.33 7.49
C PRO A 24 9.24 -6.83 7.25
N GLN A 25 10.49 -7.26 7.45
CA GLN A 25 10.90 -8.61 7.13
C GLN A 25 10.29 -9.60 8.12
N VAL A 26 10.09 -10.83 7.72
CA VAL A 26 9.44 -11.74 8.62
C VAL A 26 10.36 -12.91 8.93
N GLY A 27 10.44 -13.20 10.16
CA GLY A 27 11.16 -14.31 10.65
C GLY A 27 10.30 -14.97 11.66
N PRO A 28 10.80 -15.30 12.83
CA PRO A 28 9.96 -15.88 13.85
C PRO A 28 9.01 -14.85 14.45
N ASP A 29 7.72 -15.19 14.41
CA ASP A 29 6.59 -14.40 14.99
C ASP A 29 6.50 -12.98 14.48
N ARG A 30 7.14 -12.68 13.37
CA ARG A 30 7.12 -11.33 12.86
C ARG A 30 5.84 -11.08 12.14
N LEU A 31 5.23 -12.14 11.65
CA LEU A 31 4.00 -12.02 10.90
C LEU A 31 2.87 -11.72 11.87
N GLU A 32 2.99 -12.29 13.07
CA GLU A 32 2.00 -12.15 14.13
C GLU A 32 1.71 -10.69 14.42
N LYS A 33 2.73 -9.94 14.76
CA LYS A 33 2.56 -8.53 15.08
C LYS A 33 2.52 -7.65 13.84
N LEU A 34 2.95 -8.19 12.69
CA LEU A 34 2.89 -7.45 11.44
C LEU A 34 1.43 -7.16 11.12
N LYS A 35 0.57 -8.12 11.44
CA LYS A 35 -0.87 -8.01 11.25
C LYS A 35 -1.43 -6.79 11.96
N ASN A 36 -0.89 -6.51 13.13
CA ASN A 36 -1.42 -5.48 13.97
C ASN A 36 -0.89 -4.15 13.56
N VAL A 37 0.38 -4.10 13.24
CA VAL A 37 1.02 -2.85 12.93
C VAL A 37 0.44 -2.23 11.65
N ILE A 38 0.01 -3.08 10.71
CA ILE A 38 -0.55 -2.58 9.46
C ILE A 38 -1.86 -1.88 9.73
N HIS A 39 -2.77 -2.58 10.39
CA HIS A 39 -4.11 -2.07 10.65
C HIS A 39 -4.02 -0.76 11.46
N LYS A 40 -3.06 -0.70 12.36
CA LYS A 40 -2.90 0.48 13.20
C LYS A 40 -2.31 1.65 12.46
N ILE A 41 -1.26 1.43 11.71
CA ILE A 41 -0.64 2.53 10.98
C ILE A 41 -1.52 3.00 9.84
N PHE A 42 -2.15 2.08 9.17
CA PHE A 42 -2.85 2.40 7.94
C PHE A 42 -4.25 2.97 8.20
N SER A 43 -4.67 2.95 9.46
CA SER A 43 -5.96 3.45 9.83
C SER A 43 -6.06 4.97 9.66
N LYS A 44 -4.91 5.66 9.66
CA LYS A 44 -4.87 7.11 9.45
C LYS A 44 -5.39 7.48 8.07
N PHE A 45 -5.25 6.58 7.16
CA PHE A 45 -5.70 6.80 5.80
C PHE A 45 -7.18 6.45 5.64
N GLY A 46 -7.71 5.73 6.61
CA GLY A 46 -9.10 5.35 6.59
C GLY A 46 -9.33 4.05 7.30
N LYS A 47 -10.58 3.66 7.40
CA LYS A 47 -10.95 2.43 8.07
C LYS A 47 -10.60 1.23 7.19
N ILE A 48 -9.83 0.32 7.71
CA ILE A 48 -9.42 -0.83 6.98
C ILE A 48 -10.64 -1.75 6.86
N THR A 49 -10.80 -2.36 5.71
CA THR A 49 -11.96 -3.17 5.47
C THR A 49 -11.55 -4.56 5.01
N ASN A 50 -10.88 -4.65 3.91
CA ASN A 50 -10.41 -5.92 3.41
C ASN A 50 -8.93 -5.85 3.27
N ASP A 51 -8.26 -6.89 3.61
CA ASP A 51 -6.82 -6.89 3.59
C ASP A 51 -6.31 -8.13 2.93
N PHE A 52 -5.30 -7.96 2.14
CA PHE A 52 -4.70 -9.04 1.42
C PHE A 52 -3.20 -8.94 1.56
N TYR A 53 -2.64 -9.68 2.46
CA TYR A 53 -1.21 -9.66 2.62
C TYR A 53 -0.66 -10.97 2.07
N PRO A 54 -0.06 -10.96 0.88
CA PRO A 54 0.53 -12.15 0.33
C PRO A 54 1.92 -12.36 0.92
N GLU A 55 2.55 -13.46 0.61
CA GLU A 55 3.89 -13.75 1.07
C GLU A 55 4.49 -14.78 0.20
N GLU A 56 5.69 -15.12 0.49
CA GLU A 56 6.40 -16.02 -0.32
C GLU A 56 6.79 -17.19 0.52
N ASP A 57 6.15 -18.34 0.30
CA ASP A 57 6.53 -19.59 0.98
C ASP A 57 6.42 -19.47 2.53
N GLY A 58 5.53 -18.59 2.98
CA GLY A 58 5.32 -18.37 4.40
C GLY A 58 6.38 -17.48 5.05
N LYS A 59 7.23 -16.89 4.25
CA LYS A 59 8.29 -16.08 4.76
C LYS A 59 8.18 -14.69 4.17
N THR A 60 9.15 -13.83 4.51
CA THR A 60 9.22 -12.42 4.15
C THR A 60 8.52 -12.05 2.83
N LYS A 61 7.41 -11.37 3.00
CA LYS A 61 6.64 -10.85 1.94
C LYS A 61 7.20 -9.50 1.53
N GLY A 62 6.96 -9.08 0.32
CA GLY A 62 7.55 -7.83 -0.12
C GLY A 62 6.54 -6.82 -0.57
N TYR A 63 5.27 -7.10 -0.36
CA TYR A 63 4.20 -6.22 -0.78
C TYR A 63 2.90 -6.70 -0.17
N ILE A 64 1.95 -5.79 0.05
CA ILE A 64 0.64 -6.14 0.57
C ILE A 64 -0.39 -5.27 -0.12
N PHE A 65 -1.66 -5.62 0.02
CA PHE A 65 -2.76 -4.91 -0.58
C PHE A 65 -3.83 -4.68 0.46
N LEU A 66 -4.43 -3.53 0.41
CA LEU A 66 -5.48 -3.18 1.35
C LEU A 66 -6.65 -2.62 0.60
N GLU A 67 -7.82 -3.02 0.96
CA GLU A 67 -9.01 -2.51 0.33
C GLU A 67 -9.93 -1.86 1.38
N TYR A 68 -10.47 -0.73 1.04
CA TYR A 68 -11.32 0.01 1.93
C TYR A 68 -12.80 -0.13 1.54
N ALA A 69 -13.68 0.48 2.33
CA ALA A 69 -15.14 0.39 2.12
C ALA A 69 -15.62 1.43 1.11
N SER A 70 -14.80 2.40 0.89
CA SER A 70 -15.03 3.45 -0.07
C SER A 70 -13.69 3.49 -0.71
N PRO A 71 -13.49 3.74 -2.02
CA PRO A 71 -12.14 3.58 -2.49
C PRO A 71 -11.26 4.68 -1.91
N ALA A 72 -11.66 5.98 -2.10
CA ALA A 72 -11.54 7.22 -1.23
C ALA A 72 -10.44 7.31 -0.18
N HIS A 73 -9.62 6.40 -0.14
CA HIS A 73 -8.67 6.29 0.90
C HIS A 73 -7.34 6.12 0.33
N ALA A 74 -7.30 5.41 -0.79
CA ALA A 74 -6.09 5.22 -1.52
C ALA A 74 -5.58 6.54 -1.99
N VAL A 75 -6.49 7.48 -2.27
CA VAL A 75 -6.09 8.81 -2.75
C VAL A 75 -5.32 9.60 -1.67
N ASP A 76 -5.74 9.46 -0.42
CA ASP A 76 -5.03 10.14 0.67
C ASP A 76 -3.80 9.36 1.05
N ALA A 77 -3.86 8.06 0.93
CA ALA A 77 -2.73 7.19 1.20
C ALA A 77 -1.59 7.49 0.24
N VAL A 78 -1.88 7.47 -1.05
CA VAL A 78 -0.85 7.69 -2.07
C VAL A 78 -0.23 9.10 -1.99
N LYS A 79 -1.00 10.05 -1.50
CA LYS A 79 -0.62 11.41 -1.38
C LYS A 79 0.24 11.66 -0.13
N ASN A 80 0.14 10.79 0.85
CA ASN A 80 0.84 11.04 2.11
C ASN A 80 1.80 9.95 2.52
N ALA A 81 1.61 8.74 2.03
CA ALA A 81 2.39 7.60 2.49
C ALA A 81 3.41 7.14 1.46
N ASP A 82 3.74 7.97 0.51
CA ASP A 82 4.69 7.53 -0.49
C ASP A 82 6.13 7.69 -0.09
N GLY A 83 6.81 6.58 -0.09
CA GLY A 83 8.24 6.53 0.16
C GLY A 83 8.59 6.61 1.63
N TYR A 84 8.14 5.66 2.42
CA TYR A 84 8.44 5.68 3.86
C TYR A 84 9.49 4.73 4.28
N LYS A 85 10.65 5.27 4.55
CA LYS A 85 11.75 4.50 5.03
C LYS A 85 11.56 4.23 6.50
N LEU A 86 11.16 3.03 6.82
CA LEU A 86 11.08 2.63 8.22
C LEU A 86 12.45 2.26 8.67
N ASP A 87 13.16 1.56 7.83
CA ASP A 87 14.49 1.12 8.15
C ASP A 87 15.24 0.95 6.84
N LYS A 88 16.43 0.38 6.90
CA LYS A 88 17.37 0.25 5.81
C LYS A 88 16.72 -0.31 4.54
N GLN A 89 16.14 -1.50 4.61
CA GLN A 89 15.56 -2.10 3.41
C GLN A 89 14.06 -1.81 3.29
N HIS A 90 13.48 -1.18 4.28
CA HIS A 90 12.03 -1.02 4.29
C HIS A 90 11.62 0.39 3.99
N THR A 91 11.23 0.59 2.78
CA THR A 91 10.72 1.86 2.36
C THR A 91 9.42 1.66 1.57
N PHE A 92 8.30 2.20 2.04
CA PHE A 92 7.04 1.90 1.39
C PHE A 92 6.83 2.78 0.20
N ARG A 93 7.06 2.26 -0.98
CA ARG A 93 6.73 2.98 -2.19
C ARG A 93 5.31 2.66 -2.47
N VAL A 94 4.51 3.64 -2.73
CA VAL A 94 3.09 3.39 -2.92
C VAL A 94 2.64 3.78 -4.33
N ASN A 95 1.64 3.07 -4.82
CA ASN A 95 1.01 3.44 -6.09
C ASN A 95 -0.36 2.80 -6.15
N LEU A 96 -1.01 2.89 -7.29
CA LEU A 96 -2.32 2.32 -7.49
C LEU A 96 -2.33 0.80 -7.55
N PHE A 97 -3.51 0.26 -7.84
CA PHE A 97 -3.72 -1.13 -7.92
C PHE A 97 -3.91 -1.46 -9.35
N THR A 98 -2.90 -1.11 -10.04
CA THR A 98 -2.68 -1.47 -11.44
C THR A 98 -2.92 -2.98 -11.68
N ASP A 99 -4.15 -3.35 -11.77
CA ASP A 99 -4.56 -4.70 -12.04
C ASP A 99 -5.74 -4.63 -12.97
N PHE A 100 -6.66 -3.75 -12.63
CA PHE A 100 -7.81 -3.48 -13.50
C PHE A 100 -7.59 -2.20 -14.27
N ASP A 101 -6.35 -1.85 -14.36
CA ASP A 101 -5.91 -0.65 -15.05
C ASP A 101 -5.30 -1.12 -16.33
N LYS A 102 -6.15 -1.52 -17.21
CA LYS A 102 -5.76 -2.14 -18.44
C LYS A 102 -5.93 -1.20 -19.60
N TYR A 103 -5.39 -1.62 -20.73
CA TYR A 103 -5.53 -0.90 -21.97
C TYR A 103 -5.76 -1.89 -23.12
N MET A 104 -4.74 -2.64 -23.42
CA MET A 104 -4.75 -3.68 -24.42
C MET A 104 -4.58 -4.99 -23.68
N THR A 105 -3.92 -4.89 -22.55
CA THR A 105 -3.71 -5.98 -21.70
C THR A 105 -4.88 -6.10 -20.71
N GLY A 1 -6.71 23.69 -18.09
CA GLY A 1 -7.48 24.84 -18.57
C GLY A 1 -7.65 25.91 -17.51
N ASP A 2 -8.41 25.60 -16.47
CA ASP A 2 -8.63 26.56 -15.38
C ASP A 2 -7.40 26.65 -14.54
N VAL A 3 -7.21 27.73 -13.92
CA VAL A 3 -6.04 27.95 -13.12
C VAL A 3 -6.16 27.32 -11.74
N LEU A 4 -7.33 27.36 -11.14
CA LEU A 4 -7.51 26.78 -9.82
C LEU A 4 -8.30 25.49 -9.83
N LYS A 5 -9.50 25.55 -10.42
CA LYS A 5 -10.46 24.47 -10.37
C LYS A 5 -10.15 23.35 -11.35
N ASP A 6 -9.11 23.52 -12.10
CA ASP A 6 -8.65 22.50 -13.03
C ASP A 6 -7.63 21.70 -12.30
N ARG A 7 -8.04 20.59 -11.78
CA ARG A 7 -7.14 19.79 -11.02
C ARG A 7 -6.47 18.79 -11.93
N PRO A 8 -5.13 18.72 -11.89
CA PRO A 8 -4.38 17.80 -12.73
C PRO A 8 -4.64 16.35 -12.32
N GLN A 9 -4.80 15.49 -13.29
CA GLN A 9 -5.06 14.12 -13.01
C GLN A 9 -4.24 13.23 -13.88
N GLU A 10 -3.45 12.39 -13.25
CA GLU A 10 -2.72 11.34 -13.92
C GLU A 10 -3.09 10.00 -13.27
N ALA A 11 -3.51 10.06 -12.04
CA ALA A 11 -3.98 8.92 -11.34
C ALA A 11 -5.49 8.89 -11.40
N ASP A 12 -6.03 8.05 -12.25
CA ASP A 12 -7.48 7.94 -12.30
C ASP A 12 -7.90 7.04 -11.17
N GLY A 13 -8.43 7.67 -10.18
CA GLY A 13 -8.67 7.10 -8.88
C GLY A 13 -9.57 5.89 -8.80
N ILE A 14 -8.96 4.73 -8.77
CA ILE A 14 -9.62 3.53 -8.34
C ILE A 14 -9.32 3.44 -6.87
N ASP A 15 -10.20 4.00 -6.12
CA ASP A 15 -10.00 4.23 -4.73
C ASP A 15 -10.51 3.17 -3.89
N SER A 16 -10.26 1.96 -4.25
CA SER A 16 -10.51 0.98 -3.27
C SER A 16 -9.27 0.20 -2.86
N VAL A 17 -8.23 0.20 -3.68
CA VAL A 17 -7.11 -0.70 -3.41
C VAL A 17 -5.76 0.02 -3.38
N ILE A 18 -4.98 -0.28 -2.35
CA ILE A 18 -3.64 0.24 -2.18
C ILE A 18 -2.65 -0.86 -2.52
N VAL A 19 -1.58 -0.48 -3.13
CA VAL A 19 -0.50 -1.38 -3.48
C VAL A 19 0.75 -0.88 -2.77
N VAL A 20 1.25 -1.66 -1.87
CA VAL A 20 2.41 -1.29 -1.07
C VAL A 20 3.51 -2.28 -1.30
N ASP A 21 4.71 -1.80 -1.58
CA ASP A 21 5.84 -2.68 -1.84
C ASP A 21 6.84 -2.54 -0.70
N ASN A 22 7.56 -3.64 -0.44
CA ASN A 22 8.53 -3.82 0.65
C ASN A 22 8.12 -3.30 1.99
N VAL A 23 7.41 -4.16 2.67
CA VAL A 23 6.89 -3.96 3.98
C VAL A 23 7.89 -4.63 4.98
N PRO A 24 7.57 -4.75 6.30
CA PRO A 24 8.48 -5.38 7.25
C PRO A 24 8.93 -6.77 6.85
N GLN A 25 10.15 -7.05 7.16
CA GLN A 25 10.75 -8.29 6.85
C GLN A 25 10.51 -9.24 8.02
N VAL A 26 10.70 -10.50 7.82
CA VAL A 26 10.50 -11.43 8.86
C VAL A 26 11.76 -12.23 9.08
N GLY A 27 12.11 -12.35 10.31
CA GLY A 27 13.18 -13.17 10.71
C GLY A 27 12.58 -14.34 11.38
N PRO A 28 12.97 -14.70 12.58
CA PRO A 28 12.28 -15.74 13.27
C PRO A 28 11.01 -15.19 13.94
N ASP A 29 9.87 -15.80 13.61
CA ASP A 29 8.55 -15.57 14.23
C ASP A 29 8.17 -14.05 14.30
N ARG A 30 8.58 -13.27 13.32
CA ARG A 30 8.27 -11.82 13.32
C ARG A 30 7.02 -11.49 12.49
N LEU A 31 6.41 -12.49 11.90
CA LEU A 31 5.27 -12.29 11.02
C LEU A 31 3.99 -11.86 11.79
N GLU A 32 3.88 -12.28 13.06
CA GLU A 32 2.68 -11.93 13.85
C GLU A 32 2.54 -10.44 14.04
N LYS A 33 3.62 -9.81 14.48
CA LYS A 33 3.62 -8.38 14.75
C LYS A 33 3.42 -7.59 13.45
N LEU A 34 3.82 -8.20 12.35
CA LEU A 34 3.71 -7.60 11.04
C LEU A 34 2.22 -7.46 10.71
N LYS A 35 1.46 -8.51 10.98
CA LYS A 35 0.02 -8.50 10.69
C LYS A 35 -0.70 -7.38 11.44
N ASN A 36 -0.28 -7.14 12.67
CA ASN A 36 -0.94 -6.21 13.52
C ASN A 36 -0.54 -4.80 13.23
N VAL A 37 0.70 -4.63 12.83
CA VAL A 37 1.21 -3.30 12.60
C VAL A 37 0.57 -2.68 11.34
N ILE A 38 0.22 -3.53 10.37
CA ILE A 38 -0.39 -3.09 9.14
C ILE A 38 -1.74 -2.45 9.42
N HIS A 39 -2.70 -3.23 9.91
CA HIS A 39 -4.03 -2.72 10.13
C HIS A 39 -4.07 -1.58 11.16
N LYS A 40 -3.10 -1.57 12.05
CA LYS A 40 -2.96 -0.53 13.03
C LYS A 40 -2.67 0.83 12.34
N ILE A 41 -1.59 0.86 11.57
CA ILE A 41 -1.16 2.08 10.89
C ILE A 41 -2.12 2.46 9.78
N PHE A 42 -2.60 1.49 9.07
CA PHE A 42 -3.44 1.72 7.94
C PHE A 42 -4.87 2.17 8.29
N SER A 43 -5.21 2.15 9.57
CA SER A 43 -6.51 2.65 10.01
C SER A 43 -6.63 4.20 9.88
N LYS A 44 -5.54 4.89 9.53
CA LYS A 44 -5.59 6.35 9.29
C LYS A 44 -6.33 6.61 8.00
N PHE A 45 -6.18 5.67 7.09
CA PHE A 45 -6.79 5.77 5.76
C PHE A 45 -8.23 5.26 5.78
N GLY A 46 -8.76 5.04 6.95
CA GLY A 46 -10.09 4.56 7.12
C GLY A 46 -10.04 3.22 7.78
N LYS A 47 -11.14 2.52 7.80
CA LYS A 47 -11.13 1.23 8.40
C LYS A 47 -10.76 0.24 7.33
N ILE A 48 -10.04 -0.79 7.69
CA ILE A 48 -9.65 -1.78 6.74
C ILE A 48 -10.88 -2.62 6.41
N THR A 49 -11.35 -2.47 5.19
CA THR A 49 -12.50 -3.20 4.75
C THR A 49 -12.08 -4.64 4.46
N ASN A 50 -10.98 -4.78 3.77
CA ASN A 50 -10.40 -6.06 3.49
C ASN A 50 -8.89 -5.82 3.32
N ASP A 51 -8.11 -6.79 3.59
CA ASP A 51 -6.67 -6.68 3.51
C ASP A 51 -6.10 -7.98 3.03
N PHE A 52 -5.17 -7.88 2.13
CA PHE A 52 -4.55 -9.05 1.53
C PHE A 52 -3.06 -8.95 1.67
N TYR A 53 -2.49 -9.82 2.45
CA TYR A 53 -1.07 -9.84 2.61
C TYR A 53 -0.53 -11.05 1.87
N PRO A 54 0.13 -10.87 0.73
CA PRO A 54 0.81 -11.97 0.07
C PRO A 54 2.02 -12.38 0.90
N GLU A 55 2.69 -13.43 0.50
CA GLU A 55 3.78 -14.00 1.30
C GLU A 55 4.48 -15.10 0.52
N GLU A 56 5.41 -15.73 1.18
CA GLU A 56 6.15 -16.84 0.64
C GLU A 56 6.24 -17.90 1.72
N ASP A 57 5.42 -18.93 1.60
CA ASP A 57 5.37 -20.08 2.54
C ASP A 57 5.11 -19.66 3.99
N GLY A 58 4.44 -18.53 4.16
CA GLY A 58 4.16 -18.04 5.50
C GLY A 58 5.28 -17.17 6.04
N LYS A 59 6.30 -17.03 5.24
CA LYS A 59 7.46 -16.25 5.59
C LYS A 59 7.38 -14.88 4.94
N THR A 60 8.45 -14.11 5.14
CA THR A 60 8.62 -12.75 4.68
C THR A 60 7.96 -12.45 3.34
N LYS A 61 7.12 -11.46 3.37
CA LYS A 61 6.42 -11.00 2.23
C LYS A 61 7.12 -9.77 1.66
N GLY A 62 6.76 -9.39 0.47
CA GLY A 62 7.43 -8.27 -0.13
C GLY A 62 6.51 -7.16 -0.54
N TYR A 63 5.22 -7.33 -0.32
CA TYR A 63 4.24 -6.33 -0.71
C TYR A 63 2.90 -6.70 -0.11
N ILE A 64 1.97 -5.74 -0.02
CA ILE A 64 0.61 -5.98 0.52
C ILE A 64 -0.43 -5.15 -0.25
N PHE A 65 -1.70 -5.41 0.04
CA PHE A 65 -2.82 -4.71 -0.57
C PHE A 65 -3.84 -4.36 0.48
N LEU A 66 -4.36 -3.18 0.37
CA LEU A 66 -5.38 -2.68 1.27
C LEU A 66 -6.64 -2.40 0.47
N GLU A 67 -7.75 -2.86 0.95
CA GLU A 67 -9.06 -2.65 0.32
C GLU A 67 -9.92 -1.82 1.29
N TYR A 68 -10.30 -0.64 0.89
CA TYR A 68 -11.12 0.23 1.72
C TYR A 68 -12.36 0.70 0.96
N ALA A 69 -13.24 1.36 1.67
CA ALA A 69 -14.42 2.01 1.11
C ALA A 69 -14.31 3.52 1.35
N SER A 70 -13.11 3.91 1.71
CA SER A 70 -12.76 5.25 2.16
C SER A 70 -12.84 6.42 1.07
N PRO A 71 -12.86 7.69 1.60
CA PRO A 71 -12.89 9.05 0.91
C PRO A 71 -12.10 9.34 -0.41
N ALA A 72 -11.48 8.35 -1.07
CA ALA A 72 -10.36 8.50 -2.05
C ALA A 72 -9.11 8.47 -1.27
N HIS A 73 -8.97 7.31 -0.67
CA HIS A 73 -7.89 6.95 0.18
C HIS A 73 -6.74 6.44 -0.66
N ALA A 74 -7.05 5.69 -1.76
CA ALA A 74 -5.99 5.24 -2.63
C ALA A 74 -5.30 6.43 -3.25
N VAL A 75 -6.08 7.45 -3.56
CA VAL A 75 -5.55 8.74 -3.98
C VAL A 75 -4.65 9.30 -2.87
N ASP A 76 -5.23 9.48 -1.70
CA ASP A 76 -4.56 10.11 -0.54
C ASP A 76 -3.29 9.37 -0.11
N ALA A 77 -3.31 8.06 -0.21
CA ALA A 77 -2.19 7.23 0.18
C ALA A 77 -1.01 7.43 -0.76
N VAL A 78 -1.27 7.74 -2.01
CA VAL A 78 -0.27 7.94 -2.99
C VAL A 78 0.31 9.34 -2.80
N LYS A 79 -0.54 10.20 -2.32
CA LYS A 79 -0.20 11.57 -2.06
C LYS A 79 0.72 11.68 -0.82
N ASN A 80 0.39 10.93 0.23
CA ASN A 80 1.07 11.10 1.52
C ASN A 80 1.93 9.93 1.97
N ALA A 81 1.57 8.72 1.60
CA ALA A 81 2.23 7.55 2.18
C ALA A 81 3.26 6.93 1.25
N ASP A 82 3.40 7.45 0.07
CA ASP A 82 4.35 6.86 -0.85
C ASP A 82 5.77 7.25 -0.53
N GLY A 83 6.57 6.27 -0.21
CA GLY A 83 7.99 6.47 -0.04
C GLY A 83 8.44 6.86 1.34
N TYR A 84 7.72 6.41 2.35
CA TYR A 84 8.16 6.74 3.70
C TYR A 84 8.87 5.55 4.30
N LYS A 85 9.99 5.81 4.93
CA LYS A 85 10.86 4.81 5.42
C LYS A 85 10.82 4.70 6.93
N LEU A 86 10.64 3.49 7.39
CA LEU A 86 10.66 3.22 8.81
C LEU A 86 12.09 2.97 9.26
N ASP A 87 12.63 1.87 8.80
CA ASP A 87 13.97 1.43 9.18
C ASP A 87 14.47 0.45 8.14
N LYS A 88 15.80 0.29 8.08
CA LYS A 88 16.51 -0.64 7.20
C LYS A 88 16.04 -0.61 5.72
N GLN A 89 15.04 -1.42 5.39
CA GLN A 89 14.55 -1.51 4.02
C GLN A 89 13.07 -1.16 3.95
N HIS A 90 12.49 -0.89 5.09
CA HIS A 90 11.05 -0.72 5.18
C HIS A 90 10.65 0.64 4.73
N THR A 91 10.34 0.73 3.49
CA THR A 91 9.93 1.95 2.89
C THR A 91 8.70 1.67 2.06
N PHE A 92 7.59 2.13 2.51
CA PHE A 92 6.37 1.78 1.87
C PHE A 92 6.16 2.64 0.67
N ARG A 93 6.36 2.05 -0.45
CA ARG A 93 6.09 2.70 -1.68
C ARG A 93 4.70 2.31 -2.09
N VAL A 94 3.89 3.31 -2.23
CA VAL A 94 2.49 3.15 -2.33
C VAL A 94 1.99 3.62 -3.67
N ASN A 95 1.48 2.71 -4.42
CA ASN A 95 0.91 3.01 -5.66
C ASN A 95 -0.52 2.53 -5.65
N LEU A 96 -1.34 3.07 -6.48
CA LEU A 96 -2.72 2.71 -6.50
C LEU A 96 -3.00 1.50 -7.37
N PHE A 97 -4.25 1.20 -7.57
CA PHE A 97 -4.63 0.00 -8.26
C PHE A 97 -4.61 0.23 -9.77
N THR A 98 -4.16 1.40 -10.19
CA THR A 98 -4.06 1.66 -11.62
C THR A 98 -2.95 0.86 -12.34
N ASP A 99 -3.22 -0.40 -12.57
CA ASP A 99 -2.40 -1.20 -13.47
C ASP A 99 -2.99 -0.97 -14.85
N PHE A 100 -4.27 -0.60 -14.80
CA PHE A 100 -5.07 -0.17 -15.93
C PHE A 100 -4.37 0.94 -16.69
N ASP A 101 -4.37 0.84 -18.00
CA ASP A 101 -3.79 1.83 -18.86
C ASP A 101 -4.75 2.98 -18.99
N LYS A 102 -4.76 3.74 -17.94
CA LYS A 102 -5.54 4.97 -17.80
C LYS A 102 -5.36 5.89 -18.98
N TYR A 103 -4.16 6.03 -19.33
CA TYR A 103 -3.71 6.77 -20.47
C TYR A 103 -4.16 6.06 -21.73
N MET A 104 -4.83 6.78 -22.59
CA MET A 104 -5.26 6.26 -23.87
C MET A 104 -4.03 6.13 -24.72
N THR A 105 -3.60 4.92 -24.89
CA THR A 105 -2.39 4.61 -25.58
C THR A 105 -2.64 4.61 -27.09
N GLY A 1 4.93 18.64 -18.83
CA GLY A 1 4.57 19.53 -17.72
C GLY A 1 5.44 19.28 -16.51
N ASP A 2 5.02 19.81 -15.36
CA ASP A 2 5.77 19.65 -14.11
C ASP A 2 5.71 18.24 -13.61
N VAL A 3 6.76 17.88 -12.94
CA VAL A 3 7.12 16.51 -12.54
C VAL A 3 5.97 15.54 -12.18
N LEU A 4 5.37 15.68 -11.03
CA LEU A 4 4.43 14.67 -10.53
C LEU A 4 3.09 14.71 -11.23
N LYS A 5 2.71 15.86 -11.73
CA LYS A 5 1.45 15.97 -12.40
C LYS A 5 1.59 15.78 -13.92
N ASP A 6 2.81 15.42 -14.31
CA ASP A 6 3.15 15.07 -15.69
C ASP A 6 3.38 13.58 -15.76
N ARG A 7 3.95 13.06 -14.70
CA ARG A 7 4.19 11.65 -14.59
C ARG A 7 2.89 10.91 -14.30
N PRO A 8 2.75 9.69 -14.82
CA PRO A 8 1.63 8.83 -14.44
C PRO A 8 1.67 8.58 -12.95
N GLN A 9 0.57 8.81 -12.29
CA GLN A 9 0.51 8.64 -10.87
C GLN A 9 -0.25 7.36 -10.61
N GLU A 10 -0.05 6.80 -9.45
CA GLU A 10 -0.73 5.60 -9.05
C GLU A 10 -2.17 5.93 -8.69
N ALA A 11 -2.41 7.17 -8.36
CA ALA A 11 -3.71 7.66 -8.06
C ALA A 11 -4.27 8.30 -9.30
N ASP A 12 -4.65 7.47 -10.20
CA ASP A 12 -5.25 7.87 -11.44
C ASP A 12 -6.14 6.77 -11.86
N GLY A 13 -7.39 7.03 -11.79
CA GLY A 13 -8.38 6.05 -12.14
C GLY A 13 -8.74 5.21 -10.94
N ILE A 14 -7.79 4.47 -10.44
CA ILE A 14 -8.01 3.64 -9.28
C ILE A 14 -7.42 4.32 -8.04
N ASP A 15 -8.24 4.48 -7.04
CA ASP A 15 -7.86 5.14 -5.80
C ASP A 15 -8.50 4.41 -4.62
N SER A 16 -8.74 3.13 -4.80
CA SER A 16 -9.45 2.35 -3.81
C SER A 16 -8.59 1.25 -3.14
N VAL A 17 -7.39 1.01 -3.66
CA VAL A 17 -6.57 -0.07 -3.14
C VAL A 17 -5.15 0.42 -2.88
N ILE A 18 -4.59 0.02 -1.76
CA ILE A 18 -3.22 0.35 -1.44
C ILE A 18 -2.39 -0.86 -1.75
N VAL A 19 -1.33 -0.65 -2.41
CA VAL A 19 -0.37 -1.68 -2.68
C VAL A 19 0.96 -1.17 -2.24
N VAL A 20 1.42 -1.67 -1.17
CA VAL A 20 2.69 -1.21 -0.62
C VAL A 20 3.84 -2.07 -1.04
N ASP A 21 5.00 -1.47 -1.05
CA ASP A 21 6.26 -2.15 -1.36
C ASP A 21 6.89 -2.62 -0.05
N ASN A 22 8.09 -3.23 -0.14
CA ASN A 22 8.73 -4.01 0.95
C ASN A 22 8.41 -3.58 2.38
N VAL A 23 7.61 -4.42 2.99
CA VAL A 23 7.14 -4.27 4.33
C VAL A 23 8.19 -4.88 5.27
N PRO A 24 8.09 -4.62 6.61
CA PRO A 24 9.03 -5.15 7.62
C PRO A 24 9.39 -6.62 7.39
N GLN A 25 10.69 -6.88 7.36
CA GLN A 25 11.22 -8.18 7.08
C GLN A 25 10.84 -9.14 8.23
N VAL A 26 10.71 -10.38 7.92
CA VAL A 26 10.24 -11.34 8.86
C VAL A 26 11.18 -12.53 9.01
N GLY A 27 11.31 -12.93 10.23
CA GLY A 27 12.04 -14.10 10.62
C GLY A 27 11.09 -14.95 11.40
N PRO A 28 11.51 -15.65 12.43
CA PRO A 28 10.59 -16.45 13.22
C PRO A 28 9.63 -15.56 14.03
N ASP A 29 8.34 -15.82 13.87
CA ASP A 29 7.23 -15.16 14.61
C ASP A 29 7.13 -13.65 14.34
N ARG A 30 7.73 -13.18 13.29
CA ARG A 30 7.64 -11.75 13.02
C ARG A 30 6.44 -11.42 12.17
N LEU A 31 5.87 -12.43 11.55
CA LEU A 31 4.73 -12.22 10.66
C LEU A 31 3.50 -11.93 11.51
N GLU A 32 3.43 -12.61 12.63
CA GLU A 32 2.33 -12.44 13.57
C GLU A 32 2.35 -11.03 14.15
N LYS A 33 3.53 -10.50 14.35
CA LYS A 33 3.71 -9.15 14.87
C LYS A 33 3.31 -8.17 13.78
N LEU A 34 3.70 -8.49 12.55
CA LEU A 34 3.44 -7.67 11.39
C LEU A 34 1.94 -7.47 11.20
N LYS A 35 1.17 -8.55 11.36
CA LYS A 35 -0.30 -8.52 11.22
C LYS A 35 -0.96 -7.47 12.12
N ASN A 36 -0.33 -7.20 13.24
CA ASN A 36 -0.93 -6.33 14.22
C ASN A 36 -0.64 -4.89 13.90
N VAL A 37 0.52 -4.64 13.31
CA VAL A 37 0.92 -3.28 13.00
C VAL A 37 0.20 -2.77 11.74
N ILE A 38 -0.17 -3.70 10.84
CA ILE A 38 -0.87 -3.35 9.59
C ILE A 38 -2.13 -2.53 9.89
N HIS A 39 -2.93 -3.05 10.78
CA HIS A 39 -4.21 -2.45 11.17
C HIS A 39 -4.02 -1.14 11.93
N LYS A 40 -2.85 -0.90 12.45
CA LYS A 40 -2.57 0.31 13.21
C LYS A 40 -2.18 1.43 12.24
N ILE A 41 -1.44 1.06 11.23
CA ILE A 41 -1.01 1.99 10.23
C ILE A 41 -2.17 2.35 9.34
N PHE A 42 -2.78 1.35 8.81
CA PHE A 42 -3.74 1.54 7.75
C PHE A 42 -5.11 2.00 8.19
N SER A 43 -5.43 1.86 9.47
CA SER A 43 -6.71 2.33 9.96
C SER A 43 -6.82 3.85 9.85
N LYS A 44 -5.67 4.50 9.74
CA LYS A 44 -5.62 5.93 9.56
C LYS A 44 -6.05 6.34 8.14
N PHE A 45 -6.23 5.35 7.28
CA PHE A 45 -6.74 5.58 5.93
C PHE A 45 -8.20 5.09 5.82
N GLY A 46 -8.75 4.65 6.93
CA GLY A 46 -10.13 4.22 6.94
C GLY A 46 -10.31 2.89 7.62
N LYS A 47 -11.42 2.27 7.36
CA LYS A 47 -11.72 0.97 7.92
C LYS A 47 -11.15 -0.11 7.02
N ILE A 48 -10.38 -1.02 7.58
CA ILE A 48 -9.81 -2.12 6.84
C ILE A 48 -10.91 -3.13 6.55
N THR A 49 -11.59 -2.97 5.45
CA THR A 49 -12.63 -3.86 5.08
C THR A 49 -12.06 -5.12 4.47
N ASN A 50 -11.21 -4.95 3.47
CA ASN A 50 -10.58 -6.09 2.83
C ASN A 50 -9.08 -5.93 2.84
N ASP A 51 -8.39 -7.00 3.10
CA ASP A 51 -6.96 -7.01 3.18
C ASP A 51 -6.44 -8.28 2.58
N PHE A 52 -5.39 -8.15 1.81
CA PHE A 52 -4.83 -9.31 1.14
C PHE A 52 -3.33 -9.30 1.27
N TYR A 53 -2.81 -10.06 2.20
CA TYR A 53 -1.38 -10.21 2.27
C TYR A 53 -1.01 -11.62 1.83
N PRO A 54 -0.18 -11.75 0.80
CA PRO A 54 0.35 -13.05 0.39
C PRO A 54 1.45 -13.49 1.36
N GLU A 55 1.99 -14.65 1.20
CA GLU A 55 3.14 -15.02 2.02
C GLU A 55 4.18 -15.58 1.08
N GLU A 56 5.37 -15.68 1.55
CA GLU A 56 6.43 -16.17 0.73
C GLU A 56 7.31 -17.03 1.59
N ASP A 57 7.18 -18.33 1.44
CA ASP A 57 7.98 -19.34 2.18
C ASP A 57 7.81 -19.20 3.72
N GLY A 58 6.67 -18.68 4.14
CA GLY A 58 6.42 -18.51 5.56
C GLY A 58 7.03 -17.24 6.13
N LYS A 59 7.73 -16.51 5.29
CA LYS A 59 8.33 -15.27 5.66
C LYS A 59 7.50 -14.17 5.01
N THR A 60 7.91 -12.93 5.15
CA THR A 60 7.13 -11.88 4.60
C THR A 60 7.34 -11.74 3.09
N LYS A 61 6.47 -10.98 2.52
CA LYS A 61 6.42 -10.63 1.13
C LYS A 61 6.89 -9.21 0.98
N GLY A 62 7.00 -8.77 -0.23
CA GLY A 62 7.45 -7.43 -0.47
C GLY A 62 6.33 -6.52 -0.89
N TYR A 63 5.09 -6.91 -0.58
CA TYR A 63 3.91 -6.14 -0.94
C TYR A 63 2.67 -6.71 -0.27
N ILE A 64 1.68 -5.86 -0.02
CA ILE A 64 0.37 -6.28 0.53
C ILE A 64 -0.71 -5.36 -0.07
N PHE A 65 -1.98 -5.77 0.02
CA PHE A 65 -3.09 -4.98 -0.54
C PHE A 65 -4.06 -4.58 0.57
N LEU A 66 -4.50 -3.35 0.51
CA LEU A 66 -5.51 -2.81 1.41
C LEU A 66 -6.66 -2.27 0.56
N GLU A 67 -7.85 -2.73 0.81
CA GLU A 67 -9.06 -2.30 0.10
C GLU A 67 -10.00 -1.71 1.15
N TYR A 68 -10.49 -0.50 0.90
CA TYR A 68 -11.35 0.18 1.87
C TYR A 68 -12.62 0.63 1.18
N ALA A 69 -13.48 1.30 1.91
CA ALA A 69 -14.67 1.90 1.35
C ALA A 69 -14.65 3.42 1.60
N SER A 70 -13.51 3.90 2.05
CA SER A 70 -13.36 5.25 2.49
C SER A 70 -13.16 6.33 1.35
N PRO A 71 -13.36 7.63 1.74
CA PRO A 71 -13.29 8.92 0.94
C PRO A 71 -12.27 9.15 -0.23
N ALA A 72 -11.50 8.14 -0.72
CA ALA A 72 -10.30 8.35 -1.54
C ALA A 72 -9.14 8.55 -0.64
N HIS A 73 -8.92 7.47 0.02
CA HIS A 73 -7.88 7.23 0.97
C HIS A 73 -6.56 6.92 0.25
N ALA A 74 -6.65 6.20 -0.86
CA ALA A 74 -5.48 5.80 -1.60
C ALA A 74 -4.98 6.93 -2.42
N VAL A 75 -5.89 7.83 -2.74
CA VAL A 75 -5.55 9.00 -3.52
C VAL A 75 -4.60 9.89 -2.69
N ASP A 76 -4.76 9.81 -1.36
CA ASP A 76 -3.92 10.56 -0.41
C ASP A 76 -2.64 9.79 -0.18
N ALA A 77 -2.79 8.48 0.05
CA ALA A 77 -1.66 7.59 0.26
C ALA A 77 -0.64 7.67 -0.88
N VAL A 78 -1.10 7.63 -2.10
CA VAL A 78 -0.26 7.71 -3.24
C VAL A 78 0.43 9.07 -3.35
N LYS A 79 -0.32 10.13 -3.16
CA LYS A 79 0.20 11.46 -3.37
C LYS A 79 1.17 11.89 -2.24
N ASN A 80 0.99 11.35 -1.06
CA ASN A 80 1.79 11.79 0.09
C ASN A 80 2.62 10.69 0.73
N ALA A 81 2.02 9.54 0.95
CA ALA A 81 2.67 8.47 1.71
C ALA A 81 3.51 7.55 0.86
N ASP A 82 3.44 7.70 -0.45
CA ASP A 82 4.28 6.92 -1.34
C ASP A 82 5.75 7.16 -1.08
N GLY A 83 6.41 6.15 -0.60
CA GLY A 83 7.82 6.17 -0.47
C GLY A 83 8.31 6.70 0.84
N TYR A 84 7.75 6.23 1.92
CA TYR A 84 8.29 6.63 3.20
C TYR A 84 9.05 5.48 3.84
N LYS A 85 10.23 5.77 4.34
CA LYS A 85 11.09 4.75 4.93
C LYS A 85 11.03 4.75 6.43
N LEU A 86 10.80 3.58 6.97
CA LEU A 86 10.77 3.41 8.41
C LEU A 86 12.16 3.20 8.95
N ASP A 87 12.75 2.12 8.50
CA ASP A 87 14.02 1.64 8.98
C ASP A 87 14.58 0.70 7.94
N LYS A 88 15.90 0.54 7.89
CA LYS A 88 16.61 -0.31 6.96
C LYS A 88 16.13 -0.19 5.48
N GLN A 89 15.43 -1.20 4.99
CA GLN A 89 14.96 -1.22 3.61
C GLN A 89 13.48 -0.92 3.56
N HIS A 90 12.86 -0.90 4.73
CA HIS A 90 11.42 -0.79 4.88
C HIS A 90 10.92 0.56 4.44
N THR A 91 10.55 0.61 3.23
CA THR A 91 10.08 1.79 2.60
C THR A 91 8.81 1.41 1.86
N PHE A 92 7.74 2.02 2.23
CA PHE A 92 6.49 1.65 1.64
C PHE A 92 6.22 2.47 0.43
N ARG A 93 6.37 1.88 -0.72
CA ARG A 93 5.95 2.56 -1.93
C ARG A 93 4.49 2.30 -2.02
N VAL A 94 3.78 3.24 -2.47
CA VAL A 94 2.38 3.05 -2.66
C VAL A 94 2.12 2.94 -4.15
N ASN A 95 1.83 1.74 -4.59
CA ASN A 95 1.63 1.46 -5.95
C ASN A 95 0.14 1.38 -6.25
N LEU A 96 -0.18 1.47 -7.50
CA LEU A 96 -1.53 1.50 -8.00
C LEU A 96 -2.14 0.11 -8.05
N PHE A 97 -3.24 -0.02 -8.75
CA PHE A 97 -3.92 -1.30 -8.81
C PHE A 97 -4.44 -1.59 -10.21
N THR A 98 -4.47 -0.60 -11.08
CA THR A 98 -4.89 -0.85 -12.42
C THR A 98 -3.70 -1.44 -13.20
N ASP A 99 -3.98 -2.13 -14.27
CA ASP A 99 -2.97 -2.86 -15.03
C ASP A 99 -1.90 -1.97 -15.65
N PHE A 100 -2.30 -0.89 -16.24
CA PHE A 100 -1.35 -0.02 -16.90
C PHE A 100 -1.20 1.27 -16.08
N ASP A 101 0.03 1.68 -15.83
CA ASP A 101 0.29 2.91 -15.09
C ASP A 101 0.27 4.10 -16.02
N LYS A 102 -0.90 4.36 -16.49
CA LYS A 102 -1.15 5.47 -17.37
C LYS A 102 -1.27 6.81 -16.65
N TYR A 103 -1.35 7.82 -17.46
CA TYR A 103 -1.47 9.18 -17.08
C TYR A 103 -2.80 9.68 -17.65
N MET A 104 -3.23 10.86 -17.27
CA MET A 104 -4.44 11.44 -17.83
C MET A 104 -4.15 11.76 -19.31
N THR A 105 -4.70 10.95 -20.16
CA THR A 105 -4.49 11.04 -21.57
C THR A 105 -5.80 10.69 -22.25
N GLY A 1 4.88 27.21 -20.74
CA GLY A 1 4.02 26.05 -20.59
C GLY A 1 3.71 25.41 -21.92
N ASP A 2 4.68 24.67 -22.44
CA ASP A 2 4.49 23.97 -23.71
C ASP A 2 3.65 22.73 -23.50
N VAL A 3 2.77 22.48 -24.42
CA VAL A 3 1.85 21.36 -24.34
C VAL A 3 2.38 20.19 -25.20
N LEU A 4 3.67 20.24 -25.49
CA LEU A 4 4.29 19.27 -26.39
C LEU A 4 4.34 17.85 -25.79
N LYS A 5 4.64 17.74 -24.52
CA LYS A 5 4.78 16.43 -23.91
C LYS A 5 3.49 16.03 -23.21
N ASP A 6 2.47 16.84 -23.37
CA ASP A 6 1.27 16.70 -22.60
C ASP A 6 0.40 15.55 -23.05
N ARG A 7 0.53 14.49 -22.34
CA ARG A 7 -0.27 13.31 -22.48
C ARG A 7 -0.76 12.97 -21.09
N PRO A 8 -1.92 12.33 -20.93
CA PRO A 8 -2.42 11.98 -19.61
C PRO A 8 -1.59 10.85 -18.98
N GLN A 9 -1.56 10.81 -17.68
CA GLN A 9 -0.86 9.79 -16.98
C GLN A 9 -1.78 8.59 -16.88
N GLU A 10 -1.31 7.45 -17.34
CA GLU A 10 -2.13 6.24 -17.40
C GLU A 10 -2.32 5.60 -16.03
N ALA A 11 -1.65 6.13 -15.04
CA ALA A 11 -1.80 5.69 -13.68
C ALA A 11 -3.15 6.13 -13.15
N ASP A 12 -4.11 5.26 -13.24
CA ASP A 12 -5.46 5.51 -12.76
C ASP A 12 -5.46 5.72 -11.26
N GLY A 13 -6.20 6.71 -10.82
CA GLY A 13 -6.32 7.01 -9.41
C GLY A 13 -7.20 5.98 -8.73
N ILE A 14 -6.62 4.85 -8.41
CA ILE A 14 -7.33 3.79 -7.75
C ILE A 14 -7.74 4.25 -6.35
N ASP A 15 -8.96 3.99 -6.01
CA ASP A 15 -9.53 4.57 -4.81
C ASP A 15 -9.82 3.57 -3.72
N SER A 16 -9.64 2.30 -3.98
CA SER A 16 -10.05 1.32 -2.95
C SER A 16 -8.92 0.48 -2.30
N VAL A 17 -7.74 0.46 -2.88
CA VAL A 17 -6.67 -0.43 -2.42
C VAL A 17 -5.32 0.28 -2.41
N ILE A 18 -4.55 0.08 -1.36
CA ILE A 18 -3.20 0.61 -1.27
C ILE A 18 -2.27 -0.50 -1.69
N VAL A 19 -1.33 -0.18 -2.50
CA VAL A 19 -0.33 -1.11 -2.93
C VAL A 19 1.00 -0.63 -2.42
N VAL A 20 1.47 -1.29 -1.44
CA VAL A 20 2.70 -0.92 -0.79
C VAL A 20 3.82 -1.86 -1.12
N ASP A 21 4.86 -1.30 -1.65
CA ASP A 21 6.05 -2.02 -2.03
C ASP A 21 7.05 -2.00 -0.88
N ASN A 22 7.67 -3.15 -0.65
CA ASN A 22 8.62 -3.49 0.44
C ASN A 22 8.21 -3.05 1.83
N VAL A 23 7.45 -3.93 2.46
CA VAL A 23 6.92 -3.75 3.79
C VAL A 23 7.92 -4.32 4.82
N PRO A 24 7.76 -3.99 6.13
CA PRO A 24 8.60 -4.51 7.21
C PRO A 24 8.85 -6.01 7.13
N GLN A 25 9.98 -6.40 7.62
CA GLN A 25 10.44 -7.73 7.51
C GLN A 25 9.95 -8.54 8.69
N VAL A 26 9.98 -9.82 8.55
CA VAL A 26 9.40 -10.69 9.52
C VAL A 26 10.39 -11.77 9.94
N GLY A 27 10.41 -12.04 11.21
CA GLY A 27 11.21 -13.11 11.74
C GLY A 27 10.28 -14.27 12.02
N PRO A 28 10.76 -15.40 12.58
CA PRO A 28 9.90 -16.57 12.81
C PRO A 28 8.62 -16.21 13.58
N ASP A 29 7.49 -16.56 12.98
CA ASP A 29 6.12 -16.35 13.49
C ASP A 29 5.82 -14.91 13.88
N ARG A 30 6.53 -13.95 13.31
CA ARG A 30 6.20 -12.56 13.62
C ARG A 30 5.17 -12.02 12.65
N LEU A 31 4.79 -12.84 11.68
CA LEU A 31 3.87 -12.43 10.62
C LEU A 31 2.50 -12.07 11.22
N GLU A 32 2.10 -12.80 12.24
CA GLU A 32 0.85 -12.56 12.93
C GLU A 32 0.84 -11.15 13.57
N LYS A 33 1.92 -10.79 14.26
CA LYS A 33 2.01 -9.47 14.88
C LYS A 33 2.27 -8.40 13.82
N LEU A 34 2.87 -8.84 12.71
CA LEU A 34 3.11 -7.98 11.55
C LEU A 34 1.76 -7.51 11.02
N LYS A 35 0.84 -8.46 10.81
CA LYS A 35 -0.52 -8.13 10.33
C LYS A 35 -1.19 -7.10 11.23
N ASN A 36 -0.85 -7.15 12.50
CA ASN A 36 -1.52 -6.33 13.50
C ASN A 36 -1.01 -4.93 13.44
N VAL A 37 0.29 -4.79 13.28
CA VAL A 37 0.88 -3.49 13.21
C VAL A 37 0.52 -2.81 11.88
N ILE A 38 0.34 -3.63 10.84
CA ILE A 38 -0.10 -3.13 9.53
C ILE A 38 -1.46 -2.50 9.65
N HIS A 39 -2.40 -3.27 10.21
CA HIS A 39 -3.75 -2.80 10.46
C HIS A 39 -3.75 -1.53 11.28
N LYS A 40 -2.83 -1.45 12.23
CA LYS A 40 -2.71 -0.33 13.09
C LYS A 40 -2.22 0.91 12.32
N ILE A 41 -1.10 0.77 11.62
CA ILE A 41 -0.50 1.85 10.82
C ILE A 41 -1.51 2.38 9.82
N PHE A 42 -2.09 1.50 9.10
CA PHE A 42 -2.96 1.87 8.04
C PHE A 42 -4.33 2.34 8.50
N SER A 43 -4.60 2.34 9.80
CA SER A 43 -5.82 2.89 10.31
C SER A 43 -5.83 4.41 10.17
N LYS A 44 -4.66 4.98 9.86
CA LYS A 44 -4.54 6.42 9.63
C LYS A 44 -5.19 6.78 8.30
N PHE A 45 -5.42 5.79 7.45
CA PHE A 45 -6.03 6.01 6.16
C PHE A 45 -7.51 5.59 6.18
N GLY A 46 -8.00 5.26 7.35
CA GLY A 46 -9.38 4.88 7.49
C GLY A 46 -9.50 3.56 8.17
N LYS A 47 -10.60 2.88 7.95
CA LYS A 47 -10.81 1.59 8.55
C LYS A 47 -10.40 0.52 7.58
N ILE A 48 -9.58 -0.38 8.05
CA ILE A 48 -9.10 -1.46 7.22
C ILE A 48 -10.24 -2.43 7.05
N THR A 49 -10.70 -2.56 5.84
CA THR A 49 -11.76 -3.44 5.54
C THR A 49 -11.19 -4.84 5.27
N ASN A 50 -10.09 -4.87 4.54
CA ASN A 50 -9.39 -6.10 4.17
C ASN A 50 -7.94 -5.81 3.90
N ASP A 51 -7.13 -6.84 3.94
CA ASP A 51 -5.72 -6.79 3.57
C ASP A 51 -5.41 -8.16 3.08
N PHE A 52 -4.47 -8.27 2.19
CA PHE A 52 -4.20 -9.50 1.48
C PHE A 52 -2.72 -9.68 1.39
N TYR A 53 -2.20 -10.52 2.21
CA TYR A 53 -0.78 -10.71 2.26
C TYR A 53 -0.44 -12.04 1.62
N PRO A 54 0.42 -12.03 0.61
CA PRO A 54 0.95 -13.24 0.02
C PRO A 54 2.12 -13.72 0.87
N GLU A 55 2.72 -14.81 0.57
CA GLU A 55 3.92 -15.20 1.29
C GLU A 55 4.76 -16.11 0.44
N GLU A 56 5.89 -16.47 0.97
CA GLU A 56 6.80 -17.37 0.32
C GLU A 56 7.23 -18.36 1.38
N ASP A 57 6.66 -19.55 1.33
CA ASP A 57 6.95 -20.65 2.27
C ASP A 57 6.74 -20.20 3.77
N GLY A 58 5.87 -19.20 3.93
CA GLY A 58 5.49 -18.70 5.24
C GLY A 58 6.30 -17.50 5.64
N LYS A 59 7.12 -17.05 4.72
CA LYS A 59 7.99 -15.95 4.95
C LYS A 59 7.51 -14.61 4.38
N THR A 60 8.35 -13.61 4.56
CA THR A 60 8.11 -12.26 4.21
C THR A 60 8.04 -12.03 2.69
N LYS A 61 7.14 -11.16 2.32
CA LYS A 61 6.95 -10.68 0.97
C LYS A 61 7.34 -9.24 0.92
N GLY A 62 7.35 -8.70 -0.27
CA GLY A 62 7.70 -7.31 -0.43
C GLY A 62 6.52 -6.49 -0.93
N TYR A 63 5.32 -6.93 -0.60
CA TYR A 63 4.11 -6.21 -1.00
C TYR A 63 2.91 -6.79 -0.28
N ILE A 64 1.93 -5.94 0.02
CA ILE A 64 0.66 -6.33 0.65
C ILE A 64 -0.42 -5.40 0.06
N PHE A 65 -1.68 -5.59 0.40
CA PHE A 65 -2.75 -4.78 -0.21
C PHE A 65 -3.78 -4.40 0.80
N LEU A 66 -3.86 -3.13 1.03
CA LEU A 66 -4.79 -2.61 2.00
C LEU A 66 -6.06 -2.21 1.30
N GLU A 67 -7.12 -2.84 1.63
CA GLU A 67 -8.39 -2.57 1.02
C GLU A 67 -9.32 -1.91 2.04
N TYR A 68 -9.88 -0.80 1.66
CA TYR A 68 -10.79 -0.10 2.54
C TYR A 68 -12.08 0.17 1.78
N ALA A 69 -13.06 0.64 2.52
CA ALA A 69 -14.32 1.10 1.99
C ALA A 69 -14.39 2.62 2.15
N SER A 70 -13.24 3.18 2.47
CA SER A 70 -13.06 4.57 2.80
C SER A 70 -13.17 5.52 1.53
N PRO A 71 -13.51 6.83 1.76
CA PRO A 71 -13.73 7.99 0.78
C PRO A 71 -12.85 8.17 -0.50
N ALA A 72 -11.99 7.21 -0.89
CA ALA A 72 -10.88 7.36 -1.86
C ALA A 72 -9.69 7.85 -1.13
N HIS A 73 -9.34 6.96 -0.24
CA HIS A 73 -8.26 7.02 0.71
C HIS A 73 -6.94 6.72 0.02
N ALA A 74 -7.00 5.79 -0.95
CA ALA A 74 -5.82 5.40 -1.71
C ALA A 74 -5.37 6.55 -2.55
N VAL A 75 -6.33 7.37 -2.92
CA VAL A 75 -6.13 8.56 -3.71
C VAL A 75 -5.30 9.60 -2.91
N ASP A 76 -5.37 9.53 -1.59
CA ASP A 76 -4.54 10.39 -0.74
C ASP A 76 -3.18 9.73 -0.61
N ALA A 77 -3.21 8.43 -0.32
CA ALA A 77 -2.01 7.62 -0.11
C ALA A 77 -1.05 7.68 -1.30
N VAL A 78 -1.58 7.57 -2.51
CA VAL A 78 -0.77 7.60 -3.70
C VAL A 78 -0.05 8.94 -3.87
N LYS A 79 -0.68 10.00 -3.43
CA LYS A 79 -0.13 11.33 -3.58
C LYS A 79 0.84 11.68 -2.43
N ASN A 80 0.62 11.10 -1.27
CA ASN A 80 1.40 11.48 -0.08
C ASN A 80 2.36 10.41 0.41
N ALA A 81 1.95 9.17 0.36
CA ALA A 81 2.69 8.11 1.02
C ALA A 81 3.69 7.41 0.12
N ASP A 82 3.80 7.82 -1.13
CA ASP A 82 4.79 7.20 -2.02
C ASP A 82 6.21 7.48 -1.57
N GLY A 83 6.81 6.49 -0.97
CA GLY A 83 8.18 6.57 -0.58
C GLY A 83 8.40 7.11 0.82
N TYR A 84 7.67 6.58 1.80
CA TYR A 84 7.91 6.99 3.15
C TYR A 84 8.67 5.90 3.89
N LYS A 85 9.76 6.29 4.49
CA LYS A 85 10.70 5.38 5.11
C LYS A 85 10.50 5.27 6.60
N LEU A 86 10.42 4.06 7.08
CA LEU A 86 10.36 3.82 8.51
C LEU A 86 11.78 3.78 9.04
N ASP A 87 12.48 2.71 8.71
CA ASP A 87 13.85 2.46 9.12
C ASP A 87 14.33 1.23 8.36
N LYS A 88 15.60 0.92 8.47
CA LYS A 88 16.26 -0.17 7.84
C LYS A 88 16.06 -0.25 6.32
N GLN A 89 15.10 -1.04 5.88
CA GLN A 89 14.85 -1.22 4.45
C GLN A 89 13.43 -0.82 4.12
N HIS A 90 12.69 -0.43 5.14
CA HIS A 90 11.25 -0.29 5.02
C HIS A 90 10.87 1.06 4.52
N THR A 91 10.61 1.13 3.25
CA THR A 91 10.21 2.35 2.61
C THR A 91 9.02 2.05 1.74
N PHE A 92 7.87 2.53 2.10
CA PHE A 92 6.69 2.13 1.40
C PHE A 92 6.50 2.93 0.14
N ARG A 93 6.70 2.30 -0.97
CA ARG A 93 6.44 2.93 -2.25
C ARG A 93 5.01 2.60 -2.60
N VAL A 94 4.24 3.60 -2.95
CA VAL A 94 2.84 3.42 -3.16
C VAL A 94 2.50 3.55 -4.63
N ASN A 95 2.22 2.44 -5.22
CA ASN A 95 1.88 2.36 -6.60
C ASN A 95 0.40 2.04 -6.73
N LEU A 96 -0.16 2.19 -7.91
CA LEU A 96 -1.58 1.96 -8.10
C LEU A 96 -1.89 0.46 -8.12
N PHE A 97 -3.13 0.12 -8.40
CA PHE A 97 -3.53 -1.26 -8.32
C PHE A 97 -3.33 -1.90 -9.67
N THR A 98 -3.19 -1.04 -10.68
CA THR A 98 -2.93 -1.40 -12.09
C THR A 98 -4.12 -2.14 -12.75
N ASP A 99 -4.96 -2.73 -11.95
CA ASP A 99 -6.17 -3.38 -12.41
C ASP A 99 -7.31 -2.41 -12.48
N PHE A 100 -7.30 -1.45 -11.52
CA PHE A 100 -8.32 -0.43 -11.35
C PHE A 100 -9.75 -0.87 -11.62
N ASP A 101 -10.38 -1.34 -10.58
CA ASP A 101 -11.70 -1.91 -10.68
C ASP A 101 -12.76 -0.82 -10.59
N LYS A 102 -12.80 -0.05 -11.63
CA LYS A 102 -13.77 1.01 -11.80
C LYS A 102 -14.81 0.62 -12.81
N TYR A 103 -15.89 1.34 -12.78
CA TYR A 103 -16.96 1.20 -13.71
C TYR A 103 -16.90 2.41 -14.63
N MET A 104 -17.64 2.38 -15.74
CA MET A 104 -17.73 3.50 -16.69
C MET A 104 -17.97 4.84 -15.98
N THR A 105 -18.87 4.86 -15.05
CA THR A 105 -19.15 6.02 -14.29
C THR A 105 -18.55 5.86 -12.89
N GLY A 1 4.33 23.57 -21.00
CA GLY A 1 3.71 23.14 -19.75
C GLY A 1 4.54 22.07 -19.10
N ASP A 2 5.22 22.41 -18.03
CA ASP A 2 6.08 21.48 -17.34
C ASP A 2 5.33 20.67 -16.33
N VAL A 3 5.73 19.43 -16.20
CA VAL A 3 5.06 18.50 -15.32
C VAL A 3 5.78 18.37 -13.98
N LEU A 4 6.50 19.41 -13.59
CA LEU A 4 7.19 19.39 -12.32
C LEU A 4 6.26 19.80 -11.19
N LYS A 5 5.44 20.82 -11.41
CA LYS A 5 4.46 21.24 -10.41
C LYS A 5 3.30 20.23 -10.32
N ASP A 6 2.74 19.86 -11.46
CA ASP A 6 1.70 18.84 -11.52
C ASP A 6 2.35 17.65 -12.10
N ARG A 7 2.58 16.68 -11.30
CA ARG A 7 3.31 15.53 -11.72
C ARG A 7 2.39 14.39 -12.06
N PRO A 8 2.67 13.61 -13.11
CA PRO A 8 1.85 12.49 -13.48
C PRO A 8 2.00 11.36 -12.47
N GLN A 9 0.89 10.86 -11.99
CA GLN A 9 0.89 9.77 -11.09
C GLN A 9 -0.30 8.90 -11.44
N GLU A 10 -0.29 7.69 -10.95
CA GLU A 10 -1.28 6.67 -11.27
C GLU A 10 -2.59 6.89 -10.49
N ALA A 11 -2.75 8.08 -9.93
CA ALA A 11 -3.88 8.40 -9.08
C ALA A 11 -5.13 8.73 -9.88
N ASP A 12 -5.78 7.68 -10.32
CA ASP A 12 -7.03 7.75 -11.06
C ASP A 12 -7.58 6.34 -11.10
N GLY A 13 -8.87 6.18 -11.31
CA GLY A 13 -9.41 4.85 -11.47
C GLY A 13 -9.89 4.24 -10.17
N ILE A 14 -9.26 3.17 -9.76
CA ILE A 14 -9.69 2.45 -8.58
C ILE A 14 -9.11 3.07 -7.28
N ASP A 15 -9.93 3.88 -6.66
CA ASP A 15 -9.58 4.68 -5.49
C ASP A 15 -9.59 3.86 -4.21
N SER A 16 -10.05 2.64 -4.29
CA SER A 16 -10.30 1.84 -3.11
C SER A 16 -9.19 0.82 -2.78
N VAL A 17 -8.03 0.92 -3.40
CA VAL A 17 -7.01 -0.08 -3.13
C VAL A 17 -5.61 0.54 -2.95
N ILE A 18 -4.88 0.02 -1.97
CA ILE A 18 -3.50 0.43 -1.73
C ILE A 18 -2.62 -0.74 -2.06
N VAL A 19 -1.56 -0.48 -2.72
CA VAL A 19 -0.54 -1.43 -2.99
C VAL A 19 0.76 -0.86 -2.48
N VAL A 20 1.31 -1.47 -1.48
CA VAL A 20 2.57 -1.02 -0.94
C VAL A 20 3.67 -2.00 -1.25
N ASP A 21 4.77 -1.46 -1.63
CA ASP A 21 5.93 -2.21 -2.02
C ASP A 21 6.90 -2.35 -0.86
N ASN A 22 7.47 -3.53 -0.71
CA ASN A 22 8.45 -3.96 0.33
C ASN A 22 8.09 -3.58 1.76
N VAL A 23 7.32 -4.44 2.36
CA VAL A 23 6.85 -4.27 3.72
C VAL A 23 7.91 -4.78 4.72
N PRO A 24 7.80 -4.41 6.03
CA PRO A 24 8.74 -4.79 7.08
C PRO A 24 9.22 -6.25 7.11
N GLN A 25 10.47 -6.34 7.51
CA GLN A 25 11.21 -7.55 7.71
C GLN A 25 10.58 -8.41 8.80
N VAL A 26 10.77 -9.69 8.68
CA VAL A 26 10.18 -10.59 9.61
C VAL A 26 11.23 -11.58 10.09
N GLY A 27 11.07 -11.98 11.31
CA GLY A 27 11.83 -13.06 11.87
C GLY A 27 10.98 -14.30 11.72
N PRO A 28 11.49 -15.50 11.99
CA PRO A 28 10.72 -16.73 11.78
C PRO A 28 9.43 -16.76 12.59
N ASP A 29 8.33 -16.97 11.88
CA ASP A 29 6.96 -17.04 12.45
C ASP A 29 6.56 -15.72 13.14
N ARG A 30 7.19 -14.62 12.77
CA ARG A 30 6.79 -13.34 13.32
C ARG A 30 5.77 -12.65 12.43
N LEU A 31 5.44 -13.27 11.29
CA LEU A 31 4.56 -12.63 10.29
C LEU A 31 3.17 -12.36 10.89
N GLU A 32 2.82 -13.11 11.91
CA GLU A 32 1.59 -12.90 12.68
C GLU A 32 1.58 -11.44 13.22
N LYS A 33 2.70 -11.03 13.79
CA LYS A 33 2.87 -9.67 14.34
C LYS A 33 2.92 -8.68 13.20
N LEU A 34 3.56 -9.09 12.13
CA LEU A 34 3.70 -8.23 10.98
C LEU A 34 2.39 -8.06 10.21
N LYS A 35 1.35 -8.78 10.61
CA LYS A 35 0.02 -8.53 10.09
C LYS A 35 -0.64 -7.43 10.90
N ASN A 36 -0.26 -7.38 12.18
CA ASN A 36 -0.87 -6.51 13.15
C ASN A 36 -0.42 -5.11 12.93
N VAL A 37 0.86 -4.96 12.69
CA VAL A 37 1.46 -3.67 12.46
C VAL A 37 0.79 -2.96 11.26
N ILE A 38 0.36 -3.77 10.28
CA ILE A 38 -0.32 -3.25 9.13
C ILE A 38 -1.66 -2.68 9.52
N HIS A 39 -2.54 -3.53 10.04
CA HIS A 39 -3.89 -3.09 10.36
C HIS A 39 -3.92 -2.05 11.47
N LYS A 40 -2.87 -1.99 12.24
CA LYS A 40 -2.74 -0.99 13.25
C LYS A 40 -2.50 0.39 12.57
N ILE A 41 -1.42 0.49 11.81
CA ILE A 41 -1.00 1.75 11.17
C ILE A 41 -1.98 2.17 10.08
N PHE A 42 -2.39 1.23 9.26
CA PHE A 42 -3.23 1.52 8.11
C PHE A 42 -4.64 1.96 8.47
N SER A 43 -5.01 1.86 9.73
CA SER A 43 -6.28 2.36 10.19
C SER A 43 -6.35 3.91 10.14
N LYS A 44 -5.25 4.55 9.73
CA LYS A 44 -5.25 5.98 9.47
C LYS A 44 -6.05 6.30 8.21
N PHE A 45 -5.97 5.40 7.25
CA PHE A 45 -6.60 5.57 5.94
C PHE A 45 -8.09 5.23 6.01
N GLY A 46 -8.47 4.58 7.06
CA GLY A 46 -9.83 4.18 7.22
C GLY A 46 -9.87 2.87 7.93
N LYS A 47 -10.96 2.18 7.84
CA LYS A 47 -11.05 0.90 8.48
C LYS A 47 -10.63 -0.15 7.49
N ILE A 48 -9.86 -1.12 7.94
CA ILE A 48 -9.44 -2.20 7.10
C ILE A 48 -10.64 -3.11 6.88
N THR A 49 -11.37 -2.83 5.86
CA THR A 49 -12.52 -3.57 5.51
C THR A 49 -12.12 -4.87 4.83
N ASN A 50 -11.11 -4.81 4.01
CA ASN A 50 -10.58 -5.98 3.37
C ASN A 50 -9.09 -5.78 3.15
N ASP A 51 -8.32 -6.82 3.36
CA ASP A 51 -6.86 -6.74 3.21
C ASP A 51 -6.33 -8.03 2.67
N PHE A 52 -5.21 -7.97 2.00
CA PHE A 52 -4.57 -9.13 1.42
C PHE A 52 -3.10 -9.13 1.78
N TYR A 53 -2.74 -9.96 2.73
CA TYR A 53 -1.35 -10.09 3.12
C TYR A 53 -0.82 -11.43 2.63
N PRO A 54 0.03 -11.45 1.61
CA PRO A 54 0.66 -12.68 1.18
C PRO A 54 1.74 -13.16 2.17
N GLU A 55 2.26 -14.32 1.94
CA GLU A 55 3.27 -14.93 2.78
C GLU A 55 4.07 -15.92 1.98
N GLU A 56 5.19 -16.33 2.51
CA GLU A 56 5.98 -17.37 1.91
C GLU A 56 6.69 -18.09 3.02
N ASP A 57 6.16 -19.26 3.38
CA ASP A 57 6.72 -20.25 4.36
C ASP A 57 7.16 -19.59 5.72
N GLY A 58 6.53 -18.50 6.08
CA GLY A 58 6.78 -17.83 7.34
C GLY A 58 7.74 -16.69 7.21
N LYS A 59 8.05 -16.36 5.98
CA LYS A 59 8.90 -15.25 5.64
C LYS A 59 8.06 -14.09 5.15
N THR A 60 8.66 -12.95 4.98
CA THR A 60 7.90 -11.79 4.68
C THR A 60 7.77 -11.53 3.19
N LYS A 61 6.54 -11.35 2.86
CA LYS A 61 6.07 -10.82 1.60
C LYS A 61 6.72 -9.47 1.29
N GLY A 62 6.68 -9.07 0.05
CA GLY A 62 7.27 -7.82 -0.34
C GLY A 62 6.24 -6.85 -0.87
N TYR A 63 4.98 -7.11 -0.56
CA TYR A 63 3.87 -6.29 -0.99
C TYR A 63 2.61 -6.72 -0.26
N ILE A 64 1.64 -5.83 -0.12
CA ILE A 64 0.33 -6.15 0.47
C ILE A 64 -0.72 -5.30 -0.23
N PHE A 65 -1.97 -5.61 -0.01
CA PHE A 65 -3.06 -4.86 -0.63
C PHE A 65 -4.09 -4.51 0.42
N LEU A 66 -4.49 -3.28 0.42
CA LEU A 66 -5.50 -2.77 1.32
C LEU A 66 -6.68 -2.39 0.47
N GLU A 67 -7.86 -2.79 0.86
CA GLU A 67 -9.04 -2.51 0.10
C GLU A 67 -10.04 -1.84 1.06
N TYR A 68 -10.37 -0.58 0.77
CA TYR A 68 -11.21 0.22 1.67
C TYR A 68 -12.45 0.75 0.95
N ALA A 69 -13.30 1.40 1.69
CA ALA A 69 -14.50 2.08 1.20
C ALA A 69 -14.39 3.58 1.55
N SER A 70 -13.21 3.94 1.92
CA SER A 70 -12.89 5.25 2.44
C SER A 70 -12.85 6.36 1.30
N PRO A 71 -12.96 7.67 1.75
CA PRO A 71 -12.91 8.96 0.95
C PRO A 71 -11.96 9.14 -0.29
N ALA A 72 -11.30 8.08 -0.78
CA ALA A 72 -10.14 8.11 -1.71
C ALA A 72 -8.90 8.28 -0.91
N HIS A 73 -8.75 7.26 -0.13
CA HIS A 73 -7.68 6.99 0.80
C HIS A 73 -6.43 6.61 0.04
N ALA A 74 -6.62 5.98 -1.12
CA ALA A 74 -5.50 5.60 -1.97
C ALA A 74 -4.93 6.85 -2.60
N VAL A 75 -5.80 7.80 -2.76
CA VAL A 75 -5.45 9.10 -3.26
C VAL A 75 -4.75 9.88 -2.14
N ASP A 76 -5.11 9.58 -0.89
CA ASP A 76 -4.42 10.17 0.25
C ASP A 76 -3.05 9.53 0.39
N ALA A 77 -3.00 8.21 0.22
CA ALA A 77 -1.74 7.46 0.26
C ALA A 77 -0.73 8.02 -0.72
N VAL A 78 -1.17 8.25 -1.96
CA VAL A 78 -0.34 8.80 -2.99
C VAL A 78 0.05 10.26 -2.66
N LYS A 79 -0.80 10.92 -1.89
CA LYS A 79 -0.59 12.27 -1.43
C LYS A 79 0.49 12.30 -0.33
N ASN A 80 0.55 11.24 0.47
CA ASN A 80 1.51 11.11 1.57
C ASN A 80 2.93 11.15 1.02
N ALA A 81 3.36 10.04 0.44
CA ALA A 81 4.68 9.90 -0.16
C ALA A 81 4.88 8.49 -0.69
N ASP A 82 4.85 8.36 -1.99
CA ASP A 82 5.22 7.12 -2.65
C ASP A 82 6.68 6.85 -2.41
N GLY A 83 6.93 5.87 -1.61
CA GLY A 83 8.27 5.57 -1.22
C GLY A 83 8.56 6.21 0.11
N TYR A 84 7.71 5.96 1.09
CA TYR A 84 7.93 6.53 2.40
C TYR A 84 8.60 5.53 3.30
N LYS A 85 9.60 5.98 3.98
CA LYS A 85 10.46 5.13 4.77
C LYS A 85 10.16 5.20 6.24
N LEU A 86 10.01 4.03 6.81
CA LEU A 86 9.82 3.90 8.24
C LEU A 86 11.17 3.87 8.91
N ASP A 87 11.93 2.84 8.60
CA ASP A 87 13.24 2.62 9.19
C ASP A 87 14.02 1.67 8.31
N LYS A 88 15.33 1.74 8.43
CA LYS A 88 16.32 0.91 7.72
C LYS A 88 15.99 0.68 6.22
N GLN A 89 15.29 -0.40 5.87
CA GLN A 89 14.98 -0.66 4.46
C GLN A 89 13.47 -0.70 4.23
N HIS A 90 12.71 -0.33 5.21
CA HIS A 90 11.26 -0.37 5.11
C HIS A 90 10.75 0.91 4.46
N THR A 91 10.59 0.85 3.17
CA THR A 91 10.18 2.01 2.42
C THR A 91 9.04 1.67 1.45
N PHE A 92 7.84 2.06 1.80
CA PHE A 92 6.65 1.65 1.05
C PHE A 92 6.42 2.50 -0.17
N ARG A 93 6.57 1.91 -1.34
CA ARG A 93 6.17 2.60 -2.57
C ARG A 93 4.69 2.40 -2.69
N VAL A 94 3.98 3.38 -3.17
CA VAL A 94 2.55 3.30 -3.16
C VAL A 94 1.98 3.40 -4.57
N ASN A 95 1.13 2.47 -4.91
CA ASN A 95 0.38 2.58 -6.13
C ASN A 95 -0.92 1.84 -5.93
N LEU A 96 -1.84 2.02 -6.81
CA LEU A 96 -3.09 1.35 -6.78
C LEU A 96 -3.19 0.31 -7.89
N PHE A 97 -4.39 -0.15 -8.19
CA PHE A 97 -4.56 -1.17 -9.22
C PHE A 97 -4.77 -0.57 -10.56
N THR A 98 -4.66 0.73 -10.63
CA THR A 98 -4.71 1.39 -11.89
C THR A 98 -3.37 1.25 -12.63
N ASP A 99 -3.11 0.01 -13.00
CA ASP A 99 -1.92 -0.39 -13.73
C ASP A 99 -2.32 -0.56 -15.18
N PHE A 100 -3.63 -0.53 -15.40
CA PHE A 100 -4.21 -0.63 -16.70
C PHE A 100 -3.77 0.47 -17.67
N ASP A 101 -3.77 0.11 -18.94
CA ASP A 101 -3.21 0.89 -20.05
C ASP A 101 -3.64 2.36 -20.09
N LYS A 102 -4.94 2.64 -20.10
CA LYS A 102 -5.40 4.03 -20.04
C LYS A 102 -5.90 4.40 -18.67
N TYR A 103 -5.69 5.65 -18.34
CA TYR A 103 -6.11 6.25 -17.10
C TYR A 103 -5.93 7.75 -17.24
N MET A 104 -6.54 8.53 -16.38
CA MET A 104 -6.42 9.96 -16.47
C MET A 104 -5.05 10.40 -16.02
N THR A 105 -4.37 11.07 -16.90
CA THR A 105 -3.05 11.53 -16.66
C THR A 105 -3.04 13.05 -16.80
N GLY A 1 -0.39 20.89 -8.39
CA GLY A 1 1.05 20.83 -8.59
C GLY A 1 1.73 20.16 -7.43
N ASP A 2 1.55 18.87 -7.32
CA ASP A 2 2.15 18.10 -6.25
C ASP A 2 3.57 17.75 -6.63
N VAL A 3 4.42 17.60 -5.66
CA VAL A 3 5.84 17.36 -5.92
C VAL A 3 6.17 15.87 -5.94
N LEU A 4 5.20 15.02 -5.76
CA LEU A 4 5.47 13.60 -5.72
C LEU A 4 5.25 12.95 -7.07
N LYS A 5 4.04 13.01 -7.53
CA LYS A 5 3.66 12.39 -8.77
C LYS A 5 3.54 13.41 -9.86
N ASP A 6 3.09 14.60 -9.47
CA ASP A 6 2.80 15.70 -10.38
C ASP A 6 1.77 15.25 -11.39
N ARG A 7 0.60 14.99 -10.88
CA ARG A 7 -0.50 14.50 -11.67
C ARG A 7 -1.78 15.03 -11.10
N PRO A 8 -2.86 15.07 -11.89
CA PRO A 8 -4.21 15.31 -11.36
C PRO A 8 -4.57 14.12 -10.46
N GLN A 9 -5.65 14.20 -9.71
CA GLN A 9 -6.01 13.10 -8.83
C GLN A 9 -6.21 11.82 -9.66
N GLU A 10 -5.42 10.84 -9.30
CA GLU A 10 -5.23 9.61 -10.03
C GLU A 10 -6.41 8.62 -9.92
N ALA A 11 -7.28 8.82 -8.96
CA ALA A 11 -8.37 7.89 -8.70
C ALA A 11 -9.43 7.94 -9.78
N ASP A 12 -9.87 6.79 -10.20
CA ASP A 12 -10.96 6.67 -11.14
C ASP A 12 -11.68 5.37 -10.95
N GLY A 13 -12.89 5.48 -10.54
CA GLY A 13 -13.72 4.32 -10.34
C GLY A 13 -13.49 3.64 -9.03
N ILE A 14 -12.36 3.00 -8.91
CA ILE A 14 -12.04 2.24 -7.73
C ILE A 14 -10.71 2.67 -7.16
N ASP A 15 -10.74 3.04 -5.92
CA ASP A 15 -9.57 3.33 -5.17
C ASP A 15 -9.85 3.04 -3.72
N SER A 16 -10.12 1.79 -3.49
CA SER A 16 -10.41 1.31 -2.16
C SER A 16 -9.37 0.29 -1.67
N VAL A 17 -8.24 0.20 -2.34
CA VAL A 17 -7.20 -0.75 -1.92
C VAL A 17 -5.81 -0.10 -2.02
N ILE A 18 -5.02 -0.24 -0.96
CA ILE A 18 -3.66 0.28 -0.96
C ILE A 18 -2.77 -0.80 -1.50
N VAL A 19 -1.90 -0.44 -2.35
CA VAL A 19 -0.90 -1.32 -2.89
C VAL A 19 0.43 -0.88 -2.33
N VAL A 20 1.10 -1.77 -1.65
CA VAL A 20 2.33 -1.45 -0.96
C VAL A 20 3.49 -2.31 -1.44
N ASP A 21 4.61 -1.65 -1.70
CA ASP A 21 5.86 -2.29 -2.09
C ASP A 21 6.80 -2.39 -0.88
N ASN A 22 7.44 -3.55 -0.75
CA ASN A 22 8.38 -3.93 0.34
C ASN A 22 7.94 -3.61 1.76
N VAL A 23 7.53 -4.63 2.44
CA VAL A 23 7.06 -4.56 3.78
C VAL A 23 8.07 -5.20 4.72
N PRO A 24 7.87 -5.09 6.07
CA PRO A 24 8.68 -5.79 7.07
C PRO A 24 8.96 -7.23 6.66
N GLN A 25 10.19 -7.62 6.78
CA GLN A 25 10.59 -8.93 6.40
C GLN A 25 10.09 -9.94 7.42
N VAL A 26 9.93 -11.14 7.01
CA VAL A 26 9.22 -12.08 7.83
C VAL A 26 10.11 -13.29 8.10
N GLY A 27 9.68 -14.04 9.04
CA GLY A 27 10.30 -15.23 9.50
C GLY A 27 9.26 -15.87 10.33
N PRO A 28 9.57 -16.92 11.09
CA PRO A 28 8.54 -17.57 11.90
C PRO A 28 7.86 -16.60 12.86
N ASP A 29 6.55 -16.55 12.76
CA ASP A 29 5.62 -15.75 13.60
C ASP A 29 5.92 -14.23 13.55
N ARG A 30 6.65 -13.79 12.55
CA ARG A 30 6.93 -12.36 12.43
C ARG A 30 5.74 -11.67 11.84
N LEU A 31 4.99 -12.40 11.06
CA LEU A 31 3.85 -11.85 10.38
C LEU A 31 2.72 -11.51 11.38
N GLU A 32 2.66 -12.22 12.49
CA GLU A 32 1.61 -11.99 13.49
C GLU A 32 1.67 -10.55 14.04
N LYS A 33 2.87 -10.07 14.28
CA LYS A 33 3.03 -8.72 14.80
C LYS A 33 3.19 -7.70 13.68
N LEU A 34 3.45 -8.20 12.49
CA LEU A 34 3.59 -7.38 11.31
C LEU A 34 2.23 -6.80 10.98
N LYS A 35 1.19 -7.60 11.19
CA LYS A 35 -0.21 -7.20 10.97
C LYS A 35 -0.57 -5.97 11.80
N ASN A 36 0.13 -5.80 12.89
CA ASN A 36 -0.21 -4.78 13.84
C ASN A 36 0.31 -3.47 13.41
N VAL A 37 1.55 -3.47 12.96
CA VAL A 37 2.18 -2.24 12.56
C VAL A 37 1.51 -1.69 11.30
N ILE A 38 1.04 -2.61 10.46
CA ILE A 38 0.34 -2.26 9.26
C ILE A 38 -0.99 -1.62 9.60
N HIS A 39 -1.76 -2.32 10.44
CA HIS A 39 -3.08 -1.89 10.87
C HIS A 39 -3.00 -0.50 11.51
N LYS A 40 -1.94 -0.26 12.27
CA LYS A 40 -1.77 1.03 12.95
C LYS A 40 -1.54 2.16 11.98
N ILE A 41 -0.64 1.95 11.05
CA ILE A 41 -0.31 2.96 10.06
C ILE A 41 -1.50 3.22 9.15
N PHE A 42 -2.12 2.16 8.72
CA PHE A 42 -3.12 2.30 7.72
C PHE A 42 -4.50 2.68 8.24
N SER A 43 -4.69 2.65 9.53
CA SER A 43 -5.95 3.12 10.08
C SER A 43 -6.04 4.65 10.01
N LYS A 44 -4.99 5.30 9.52
CA LYS A 44 -5.01 6.74 9.30
C LYS A 44 -5.72 7.05 8.00
N PHE A 45 -5.79 6.07 7.12
CA PHE A 45 -6.39 6.28 5.80
C PHE A 45 -7.84 5.81 5.77
N GLY A 46 -8.31 5.34 6.88
CA GLY A 46 -9.66 4.87 6.97
C GLY A 46 -9.73 3.63 7.78
N LYS A 47 -10.67 2.80 7.51
CA LYS A 47 -10.82 1.58 8.24
C LYS A 47 -10.34 0.43 7.40
N ILE A 48 -9.46 -0.37 7.95
CA ILE A 48 -8.98 -1.52 7.26
C ILE A 48 -10.11 -2.52 7.27
N THR A 49 -10.73 -2.64 6.14
CA THR A 49 -11.88 -3.44 5.98
C THR A 49 -11.46 -4.90 5.83
N ASN A 50 -10.41 -5.11 5.08
CA ASN A 50 -9.85 -6.40 4.85
C ASN A 50 -8.39 -6.20 4.48
N ASP A 51 -7.60 -7.20 4.58
CA ASP A 51 -6.20 -7.08 4.30
C ASP A 51 -5.69 -8.32 3.62
N PHE A 52 -4.77 -8.13 2.70
CA PHE A 52 -4.17 -9.22 1.97
C PHE A 52 -2.68 -9.10 2.02
N TYR A 53 -2.07 -9.86 2.86
CA TYR A 53 -0.65 -9.86 2.91
C TYR A 53 -0.16 -11.18 2.31
N PRO A 54 0.34 -11.19 1.06
CA PRO A 54 0.88 -12.41 0.47
C PRO A 54 2.29 -12.64 0.96
N GLU A 55 2.85 -13.78 0.67
CA GLU A 55 4.19 -14.17 1.11
C GLU A 55 4.52 -15.49 0.45
N GLU A 56 5.65 -16.05 0.78
CA GLU A 56 6.09 -17.34 0.27
C GLU A 56 6.83 -18.03 1.38
N ASP A 57 6.55 -19.31 1.58
CA ASP A 57 7.26 -20.18 2.57
C ASP A 57 7.34 -19.59 3.97
N GLY A 58 6.39 -18.74 4.31
CA GLY A 58 6.40 -18.06 5.60
C GLY A 58 7.62 -17.16 5.78
N LYS A 59 8.15 -16.65 4.69
CA LYS A 59 9.29 -15.77 4.70
C LYS A 59 8.90 -14.42 4.13
N THR A 60 9.87 -13.53 4.02
CA THR A 60 9.74 -12.18 3.54
C THR A 60 8.85 -12.01 2.29
N LYS A 61 7.79 -11.24 2.48
CA LYS A 61 6.91 -10.78 1.45
C LYS A 61 7.61 -9.68 0.65
N GLY A 62 7.03 -9.30 -0.44
CA GLY A 62 7.59 -8.23 -1.22
C GLY A 62 6.60 -7.11 -1.44
N TYR A 63 5.35 -7.35 -1.06
CA TYR A 63 4.27 -6.40 -1.27
C TYR A 63 3.04 -6.85 -0.50
N ILE A 64 2.10 -5.93 -0.24
CA ILE A 64 0.83 -6.25 0.45
C ILE A 64 -0.28 -5.34 -0.08
N PHE A 65 -1.51 -5.63 0.33
CA PHE A 65 -2.68 -4.85 -0.06
C PHE A 65 -3.56 -4.61 1.14
N LEU A 66 -4.04 -3.42 1.24
CA LEU A 66 -4.96 -3.02 2.29
C LEU A 66 -6.29 -2.74 1.63
N GLU A 67 -7.29 -3.50 1.97
CA GLU A 67 -8.59 -3.35 1.35
C GLU A 67 -9.52 -2.55 2.25
N TYR A 68 -10.03 -1.49 1.72
CA TYR A 68 -10.96 -0.62 2.40
C TYR A 68 -12.22 -0.54 1.57
N ALA A 69 -13.12 0.27 2.02
CA ALA A 69 -14.34 0.54 1.30
C ALA A 69 -14.40 2.04 1.00
N SER A 70 -13.31 2.73 1.29
CA SER A 70 -13.28 4.16 1.35
C SER A 70 -13.19 4.95 -0.02
N PRO A 71 -13.69 6.22 0.03
CA PRO A 71 -13.78 7.29 -1.03
C PRO A 71 -12.63 7.57 -2.07
N ALA A 72 -11.53 6.77 -2.17
CA ALA A 72 -10.25 7.18 -2.74
C ALA A 72 -9.41 7.82 -1.68
N HIS A 73 -9.11 6.92 -0.77
CA HIS A 73 -8.29 7.11 0.41
C HIS A 73 -6.85 6.64 0.06
N ALA A 74 -6.76 5.77 -0.94
CA ALA A 74 -5.52 5.13 -1.31
C ALA A 74 -4.77 6.09 -2.18
N VAL A 75 -5.54 6.82 -2.93
CA VAL A 75 -5.07 7.87 -3.77
C VAL A 75 -4.49 9.02 -2.90
N ASP A 76 -5.01 9.12 -1.67
CA ASP A 76 -4.57 10.12 -0.71
C ASP A 76 -3.17 9.76 -0.26
N ALA A 77 -2.94 8.46 -0.10
CA ALA A 77 -1.64 7.95 0.27
C ALA A 77 -0.63 8.23 -0.82
N VAL A 78 -1.02 8.03 -2.06
CA VAL A 78 -0.18 8.23 -3.21
C VAL A 78 0.37 9.66 -3.28
N LYS A 79 -0.49 10.63 -3.10
CA LYS A 79 -0.08 12.00 -3.22
C LYS A 79 0.52 12.56 -1.91
N ASN A 80 0.31 11.85 -0.82
CA ASN A 80 0.80 12.31 0.48
C ASN A 80 1.95 11.47 1.03
N ALA A 81 1.66 10.25 1.40
CA ALA A 81 2.63 9.42 2.06
C ALA A 81 3.00 8.21 1.22
N ASP A 82 3.79 8.46 0.23
CA ASP A 82 4.34 7.44 -0.62
C ASP A 82 5.81 7.34 -0.38
N GLY A 83 6.30 6.14 -0.24
CA GLY A 83 7.71 5.93 -0.02
C GLY A 83 8.10 6.41 1.35
N TYR A 84 7.28 6.11 2.32
CA TYR A 84 7.53 6.56 3.66
C TYR A 84 8.31 5.50 4.42
N LYS A 85 9.35 5.94 5.06
CA LYS A 85 10.25 5.06 5.75
C LYS A 85 10.01 5.00 7.25
N LEU A 86 9.85 3.80 7.73
CA LEU A 86 9.74 3.58 9.15
C LEU A 86 11.13 3.42 9.72
N ASP A 87 11.83 2.40 9.24
CA ASP A 87 13.13 2.01 9.73
C ASP A 87 13.69 0.91 8.88
N LYS A 88 15.02 0.87 8.76
CA LYS A 88 15.77 -0.22 8.14
C LYS A 88 15.42 -0.53 6.67
N GLN A 89 14.36 -1.28 6.49
CA GLN A 89 13.95 -1.82 5.21
C GLN A 89 12.54 -1.37 4.89
N HIS A 90 11.92 -0.77 5.86
CA HIS A 90 10.53 -0.53 5.79
C HIS A 90 10.24 0.83 5.23
N THR A 91 10.14 0.88 3.97
CA THR A 91 9.84 2.07 3.25
C THR A 91 8.77 1.73 2.25
N PHE A 92 7.57 2.03 2.59
CA PHE A 92 6.44 1.55 1.83
C PHE A 92 6.16 2.43 0.64
N ARG A 93 6.35 1.91 -0.54
CA ARG A 93 5.98 2.65 -1.73
C ARG A 93 4.56 2.31 -2.01
N VAL A 94 3.78 3.28 -2.34
CA VAL A 94 2.37 3.08 -2.47
C VAL A 94 1.93 3.25 -3.91
N ASN A 95 0.90 2.57 -4.26
CA ASN A 95 0.23 2.76 -5.47
C ASN A 95 -1.24 2.61 -5.18
N LEU A 96 -2.04 3.25 -5.98
CA LEU A 96 -3.48 3.30 -5.77
C LEU A 96 -4.17 2.10 -6.37
N PHE A 97 -5.49 2.10 -6.39
CA PHE A 97 -6.13 0.90 -6.89
C PHE A 97 -6.77 1.12 -8.23
N THR A 98 -6.62 2.29 -8.77
CA THR A 98 -7.03 2.51 -10.13
C THR A 98 -5.95 1.91 -11.05
N ASP A 99 -6.07 0.61 -11.23
CA ASP A 99 -5.13 -0.21 -12.00
C ASP A 99 -5.33 -0.05 -13.50
N PHE A 100 -6.53 0.29 -13.87
CA PHE A 100 -6.84 0.51 -15.26
C PHE A 100 -6.47 1.94 -15.58
N ASP A 101 -5.44 2.11 -16.36
CA ASP A 101 -4.92 3.42 -16.60
C ASP A 101 -5.37 3.90 -17.94
N LYS A 102 -6.58 4.35 -17.97
CA LYS A 102 -7.12 4.96 -19.14
C LYS A 102 -6.56 6.37 -19.28
N TYR A 103 -6.50 6.85 -20.46
CA TYR A 103 -5.98 8.15 -20.70
C TYR A 103 -7.13 9.08 -21.02
N MET A 104 -7.24 10.15 -20.29
CA MET A 104 -8.34 11.06 -20.48
C MET A 104 -7.88 12.33 -21.15
N THR A 105 -8.10 12.41 -22.42
CA THR A 105 -7.83 13.57 -23.22
C THR A 105 -8.76 13.49 -24.42
N GLY A 1 -0.89 28.00 -3.36
CA GLY A 1 -0.86 26.85 -4.26
C GLY A 1 0.39 26.04 -4.04
N ASP A 2 0.22 24.82 -3.61
CA ASP A 2 1.33 23.93 -3.32
C ASP A 2 1.77 23.22 -4.56
N VAL A 3 3.02 22.90 -4.64
CA VAL A 3 3.54 22.19 -5.79
C VAL A 3 3.83 20.73 -5.45
N LEU A 4 4.08 20.45 -4.18
CA LEU A 4 4.39 19.09 -3.77
C LEU A 4 3.20 18.44 -3.06
N LYS A 5 2.56 19.18 -2.16
CA LYS A 5 1.39 18.67 -1.46
C LYS A 5 0.17 18.59 -2.37
N ASP A 6 0.06 19.57 -3.24
CA ASP A 6 -1.01 19.60 -4.20
C ASP A 6 -0.58 18.80 -5.38
N ARG A 7 -1.15 17.66 -5.47
CA ARG A 7 -0.78 16.70 -6.45
C ARG A 7 -1.96 15.96 -7.00
N PRO A 8 -1.98 15.73 -8.31
CA PRO A 8 -2.85 14.73 -8.87
C PRO A 8 -2.18 13.41 -8.54
N GLN A 9 -2.90 12.49 -7.97
CA GLN A 9 -2.22 11.33 -7.52
C GLN A 9 -2.43 10.16 -8.45
N GLU A 10 -1.50 9.23 -8.39
CA GLU A 10 -1.40 8.08 -9.28
C GLU A 10 -2.45 6.99 -8.99
N ALA A 11 -3.51 7.35 -8.30
CA ALA A 11 -4.59 6.42 -8.09
C ALA A 11 -5.37 6.35 -9.39
N ASP A 12 -5.03 5.39 -10.18
CA ASP A 12 -5.58 5.24 -11.51
C ASP A 12 -6.30 3.93 -11.64
N GLY A 13 -7.56 4.03 -11.92
CA GLY A 13 -8.41 2.88 -12.08
C GLY A 13 -8.96 2.37 -10.77
N ILE A 14 -8.11 2.20 -9.79
CA ILE A 14 -8.51 1.65 -8.53
C ILE A 14 -8.06 2.55 -7.37
N ASP A 15 -9.02 2.93 -6.55
CA ASP A 15 -8.76 3.72 -5.34
C ASP A 15 -8.95 2.89 -4.07
N SER A 16 -9.60 1.80 -4.18
CA SER A 16 -9.96 1.06 -2.99
C SER A 16 -8.85 0.10 -2.49
N VAL A 17 -7.74 0.04 -3.20
CA VAL A 17 -6.69 -0.89 -2.85
C VAL A 17 -5.41 -0.18 -2.47
N ILE A 18 -4.88 -0.54 -1.32
CA ILE A 18 -3.61 -0.02 -0.86
C ILE A 18 -2.57 -1.03 -1.28
N VAL A 19 -1.48 -0.56 -1.78
CA VAL A 19 -0.41 -1.40 -2.29
C VAL A 19 0.91 -0.84 -1.80
N VAL A 20 1.63 -1.62 -1.05
CA VAL A 20 2.94 -1.22 -0.55
C VAL A 20 4.00 -2.21 -0.93
N ASP A 21 5.10 -1.70 -1.43
CA ASP A 21 6.24 -2.49 -1.83
C ASP A 21 7.27 -2.52 -0.73
N ASN A 22 7.80 -3.71 -0.49
CA ASN A 22 8.81 -4.07 0.52
C ASN A 22 8.57 -3.56 1.93
N VAL A 23 7.81 -4.34 2.64
CA VAL A 23 7.49 -4.09 4.04
C VAL A 23 8.64 -4.61 4.92
N PRO A 24 8.64 -4.28 6.26
CA PRO A 24 9.61 -4.82 7.22
C PRO A 24 9.83 -6.33 7.05
N GLN A 25 11.08 -6.74 7.13
CA GLN A 25 11.43 -8.12 6.92
C GLN A 25 10.90 -8.96 8.07
N VAL A 26 10.67 -10.22 7.85
CA VAL A 26 10.05 -11.05 8.85
C VAL A 26 10.93 -12.24 9.14
N GLY A 27 10.88 -12.67 10.36
CA GLY A 27 11.56 -13.84 10.79
C GLY A 27 10.51 -14.76 11.36
N PRO A 28 10.86 -15.98 11.74
CA PRO A 28 9.89 -16.92 12.28
C PRO A 28 9.13 -16.35 13.47
N ASP A 29 7.81 -16.39 13.38
CA ASP A 29 6.88 -15.95 14.42
C ASP A 29 6.88 -14.46 14.64
N ARG A 30 7.41 -13.72 13.71
CA ARG A 30 7.40 -12.28 13.83
C ARG A 30 6.34 -11.66 12.94
N LEU A 31 5.71 -12.48 12.12
CA LEU A 31 4.66 -12.03 11.21
C LEU A 31 3.43 -11.59 12.02
N GLU A 32 3.21 -12.22 13.17
CA GLU A 32 2.03 -11.95 13.97
C GLU A 32 1.95 -10.50 14.44
N LYS A 33 3.06 -9.92 14.84
CA LYS A 33 3.04 -8.54 15.30
C LYS A 33 3.13 -7.57 14.14
N LEU A 34 3.49 -8.08 12.98
CA LEU A 34 3.54 -7.28 11.78
C LEU A 34 2.10 -6.99 11.33
N LYS A 35 1.21 -7.90 11.68
CA LYS A 35 -0.22 -7.77 11.38
C LYS A 35 -0.82 -6.59 12.17
N ASN A 36 -0.16 -6.22 13.23
CA ASN A 36 -0.65 -5.20 14.12
C ASN A 36 -0.38 -3.84 13.55
N VAL A 37 0.83 -3.66 13.04
CA VAL A 37 1.29 -2.37 12.55
C VAL A 37 0.44 -1.89 11.35
N ILE A 38 -0.15 -2.86 10.65
CA ILE A 38 -1.02 -2.62 9.50
C ILE A 38 -2.17 -1.68 9.89
N HIS A 39 -2.97 -2.10 10.86
CA HIS A 39 -4.12 -1.30 11.27
C HIS A 39 -3.72 -0.06 12.06
N LYS A 40 -2.51 -0.04 12.55
CA LYS A 40 -2.02 1.13 13.27
C LYS A 40 -1.78 2.26 12.29
N ILE A 41 -1.04 1.96 11.24
CA ILE A 41 -0.68 2.94 10.24
C ILE A 41 -1.81 3.19 9.24
N PHE A 42 -2.31 2.12 8.65
CA PHE A 42 -3.23 2.25 7.53
C PHE A 42 -4.63 2.72 7.89
N SER A 43 -4.92 2.83 9.17
CA SER A 43 -6.20 3.30 9.62
C SER A 43 -6.36 4.79 9.35
N LYS A 44 -5.25 5.45 9.14
CA LYS A 44 -5.22 6.87 8.87
C LYS A 44 -5.46 7.13 7.38
N PHE A 45 -5.56 6.07 6.61
CA PHE A 45 -5.74 6.17 5.19
C PHE A 45 -7.03 5.49 4.75
N GLY A 46 -7.92 5.28 5.69
CA GLY A 46 -9.19 4.67 5.41
C GLY A 46 -9.55 3.70 6.49
N LYS A 47 -10.62 2.98 6.32
CA LYS A 47 -11.00 2.01 7.32
C LYS A 47 -10.61 0.65 6.85
N ILE A 48 -10.08 -0.15 7.73
CA ILE A 48 -9.61 -1.47 7.37
C ILE A 48 -10.82 -2.40 7.19
N THR A 49 -11.34 -2.43 5.99
CA THR A 49 -12.44 -3.27 5.67
C THR A 49 -11.96 -4.70 5.38
N ASN A 50 -11.04 -4.82 4.45
CA ASN A 50 -10.48 -6.10 4.09
C ASN A 50 -8.99 -5.95 3.94
N ASP A 51 -8.28 -6.97 4.30
CA ASP A 51 -6.83 -6.96 4.24
C ASP A 51 -6.34 -8.25 3.69
N PHE A 52 -5.40 -8.16 2.81
CA PHE A 52 -4.87 -9.32 2.13
C PHE A 52 -3.38 -9.32 2.25
N TYR A 53 -2.87 -10.25 3.01
CA TYR A 53 -1.45 -10.34 3.16
C TYR A 53 -0.97 -11.54 2.36
N PRO A 54 -0.32 -11.31 1.23
CA PRO A 54 0.26 -12.38 0.44
C PRO A 54 1.60 -12.79 1.04
N GLU A 55 2.18 -13.82 0.51
CA GLU A 55 3.43 -14.32 1.02
C GLU A 55 4.17 -14.92 -0.15
N GLU A 56 5.41 -15.25 0.05
CA GLU A 56 6.17 -15.82 -1.01
C GLU A 56 6.63 -17.17 -0.54
N ASP A 57 5.92 -18.19 -0.97
CA ASP A 57 6.14 -19.59 -0.59
C ASP A 57 6.48 -19.72 0.89
N GLY A 58 5.58 -19.19 1.69
CA GLY A 58 5.66 -19.27 3.15
C GLY A 58 6.69 -18.34 3.78
N LYS A 59 7.42 -17.63 2.97
CA LYS A 59 8.49 -16.77 3.45
C LYS A 59 8.02 -15.34 3.49
N THR A 60 8.96 -14.48 3.87
CA THR A 60 8.83 -13.07 3.95
C THR A 60 8.14 -12.48 2.70
N LYS A 61 7.13 -11.70 2.92
CA LYS A 61 6.40 -11.05 1.88
C LYS A 61 7.08 -9.72 1.57
N GLY A 62 6.82 -9.18 0.42
CA GLY A 62 7.44 -7.92 0.06
C GLY A 62 6.44 -7.00 -0.54
N TYR A 63 5.19 -7.26 -0.26
CA TYR A 63 4.07 -6.47 -0.75
C TYR A 63 2.82 -6.93 -0.03
N ILE A 64 1.88 -6.03 0.18
CA ILE A 64 0.58 -6.39 0.77
C ILE A 64 -0.48 -5.57 0.08
N PHE A 65 -1.73 -5.93 0.26
CA PHE A 65 -2.84 -5.24 -0.36
C PHE A 65 -3.94 -5.07 0.65
N LEU A 66 -4.48 -3.91 0.70
CA LEU A 66 -5.57 -3.64 1.55
C LEU A 66 -6.74 -3.18 0.71
N GLU A 67 -7.92 -3.54 1.10
CA GLU A 67 -9.12 -3.24 0.34
C GLU A 67 -10.09 -2.48 1.26
N TYR A 68 -10.38 -1.25 0.91
CA TYR A 68 -11.27 -0.43 1.72
C TYR A 68 -12.49 -0.05 0.91
N ALA A 69 -13.45 0.54 1.56
CA ALA A 69 -14.69 0.98 0.94
C ALA A 69 -14.82 2.50 1.08
N SER A 70 -13.72 3.11 1.44
CA SER A 70 -13.67 4.49 1.82
C SER A 70 -13.75 5.53 0.60
N PRO A 71 -14.13 6.81 0.94
CA PRO A 71 -14.33 8.04 0.07
C PRO A 71 -13.40 8.43 -1.13
N ALA A 72 -12.42 7.60 -1.58
CA ALA A 72 -11.22 8.06 -2.31
C ALA A 72 -10.21 8.40 -1.28
N HIS A 73 -9.83 7.32 -0.66
CA HIS A 73 -8.95 7.26 0.44
C HIS A 73 -7.52 6.93 -0.02
N ALA A 74 -7.38 6.08 -1.03
CA ALA A 74 -6.08 5.70 -1.48
C ALA A 74 -5.54 6.75 -2.36
N VAL A 75 -6.43 7.54 -2.91
CA VAL A 75 -6.04 8.71 -3.64
C VAL A 75 -5.21 9.63 -2.70
N ASP A 76 -5.51 9.58 -1.40
CA ASP A 76 -4.76 10.30 -0.38
C ASP A 76 -3.54 9.46 0.00
N ALA A 77 -3.81 8.19 0.29
CA ALA A 77 -2.78 7.22 0.73
C ALA A 77 -1.61 7.11 -0.23
N VAL A 78 -1.89 7.06 -1.52
CA VAL A 78 -0.90 6.90 -2.52
C VAL A 78 0.04 8.12 -2.59
N LYS A 79 -0.43 9.24 -2.13
CA LYS A 79 0.42 10.41 -2.03
C LYS A 79 1.19 10.38 -0.73
N ASN A 80 0.46 10.12 0.32
CA ASN A 80 0.94 10.31 1.68
C ASN A 80 1.70 9.15 2.27
N ALA A 81 1.67 8.01 1.63
CA ALA A 81 2.44 6.87 2.12
C ALA A 81 3.47 6.45 1.08
N ASP A 82 3.68 7.31 0.10
CA ASP A 82 4.58 7.02 -1.01
C ASP A 82 6.04 7.20 -0.66
N GLY A 83 6.72 6.08 -0.52
CA GLY A 83 8.18 6.04 -0.35
C GLY A 83 8.69 6.41 1.04
N TYR A 84 8.16 5.79 2.08
CA TYR A 84 8.58 6.14 3.45
C TYR A 84 9.54 5.18 4.06
N LYS A 85 10.78 5.61 4.14
CA LYS A 85 11.81 4.88 4.81
C LYS A 85 11.63 5.10 6.31
N LEU A 86 11.02 4.12 7.00
CA LEU A 86 10.80 4.24 8.44
C LEU A 86 12.10 4.41 9.18
N ASP A 87 13.03 3.50 8.91
CA ASP A 87 14.30 3.52 9.59
C ASP A 87 15.38 2.91 8.71
N LYS A 88 15.40 1.59 8.60
CA LYS A 88 16.36 0.93 7.79
C LYS A 88 15.77 0.49 6.44
N GLN A 89 15.43 -0.78 6.33
CA GLN A 89 14.95 -1.36 5.08
C GLN A 89 13.44 -1.33 4.99
N HIS A 90 12.83 -0.74 5.99
CA HIS A 90 11.39 -0.65 6.03
C HIS A 90 11.00 0.59 5.28
N THR A 91 10.67 0.45 4.06
CA THR A 91 10.29 1.58 3.23
C THR A 91 9.04 1.25 2.46
N PHE A 92 8.01 2.05 2.59
CA PHE A 92 6.79 1.70 1.92
C PHE A 92 6.69 2.46 0.64
N ARG A 93 6.98 1.81 -0.45
CA ARG A 93 6.81 2.45 -1.71
C ARG A 93 5.46 2.08 -2.21
N VAL A 94 4.66 3.04 -2.56
CA VAL A 94 3.35 2.73 -3.02
C VAL A 94 3.34 2.67 -4.52
N ASN A 95 2.47 1.88 -5.07
CA ASN A 95 2.36 1.72 -6.45
C ASN A 95 0.92 1.23 -6.77
N LEU A 96 0.59 1.13 -8.03
CA LEU A 96 -0.72 0.68 -8.52
C LEU A 96 -1.05 -0.77 -8.22
N PHE A 97 -2.26 -1.11 -8.61
CA PHE A 97 -2.80 -2.45 -8.48
C PHE A 97 -3.41 -2.88 -9.81
N THR A 98 -3.87 -1.92 -10.59
CA THR A 98 -4.53 -2.17 -11.85
C THR A 98 -3.57 -2.60 -12.93
N ASP A 99 -2.35 -2.21 -12.76
CA ASP A 99 -1.31 -2.49 -13.73
C ASP A 99 -0.30 -3.50 -13.20
N PHE A 100 -0.29 -3.66 -11.90
CA PHE A 100 0.72 -4.49 -11.27
C PHE A 100 0.18 -5.76 -10.62
N ASP A 101 1.06 -6.72 -10.55
CA ASP A 101 0.93 -8.06 -10.00
C ASP A 101 2.13 -8.76 -10.53
N LYS A 102 2.91 -9.32 -9.67
CA LYS A 102 4.09 -10.07 -10.07
C LYS A 102 3.82 -11.06 -11.18
N TYR A 103 4.78 -11.22 -12.03
CA TYR A 103 4.62 -12.06 -13.16
C TYR A 103 5.05 -13.45 -12.80
N MET A 104 4.09 -14.27 -12.47
CA MET A 104 4.37 -15.63 -12.12
C MET A 104 3.85 -16.50 -13.24
N THR A 105 4.73 -16.88 -14.11
CA THR A 105 4.45 -17.75 -15.21
C THR A 105 5.77 -18.40 -15.57
N GLY A 1 -14.98 20.31 -7.97
CA GLY A 1 -13.83 19.47 -8.22
C GLY A 1 -12.57 20.29 -8.23
N ASP A 2 -11.46 19.64 -8.01
CA ASP A 2 -10.18 20.30 -8.06
C ASP A 2 -9.62 20.15 -9.47
N VAL A 3 -8.90 21.13 -9.93
CA VAL A 3 -8.37 21.09 -11.28
C VAL A 3 -6.85 20.94 -11.28
N LEU A 4 -6.40 19.72 -11.42
CA LEU A 4 -4.99 19.42 -11.41
C LEU A 4 -4.38 19.62 -12.80
N LYS A 5 -5.08 19.17 -13.81
CA LYS A 5 -4.57 19.23 -15.18
C LYS A 5 -5.36 20.26 -16.00
N ASP A 6 -6.11 21.12 -15.28
CA ASP A 6 -6.99 22.17 -15.86
C ASP A 6 -8.23 21.59 -16.51
N ARG A 7 -8.01 20.60 -17.32
CA ARG A 7 -9.05 19.89 -18.02
C ARG A 7 -9.83 19.07 -16.99
N PRO A 8 -11.16 19.24 -16.92
CA PRO A 8 -12.01 18.57 -15.94
C PRO A 8 -11.79 17.06 -15.90
N GLN A 9 -11.57 16.55 -14.73
CA GLN A 9 -11.35 15.15 -14.55
C GLN A 9 -12.63 14.37 -14.62
N GLU A 10 -12.59 13.31 -15.39
CA GLU A 10 -13.64 12.34 -15.38
C GLU A 10 -13.05 10.97 -15.07
N ALA A 11 -11.74 10.85 -15.31
CA ALA A 11 -11.00 9.62 -15.04
C ALA A 11 -10.99 9.34 -13.55
N ASP A 12 -11.87 8.48 -13.14
CA ASP A 12 -12.03 8.11 -11.77
C ASP A 12 -11.15 6.91 -11.48
N GLY A 13 -10.34 7.04 -10.48
CA GLY A 13 -9.41 6.00 -10.18
C GLY A 13 -9.91 5.11 -9.09
N ILE A 14 -9.56 3.85 -9.15
CA ILE A 14 -9.92 2.97 -8.09
C ILE A 14 -8.87 3.07 -6.98
N ASP A 15 -9.14 4.02 -6.11
CA ASP A 15 -8.27 4.40 -5.02
C ASP A 15 -8.82 3.86 -3.74
N SER A 16 -9.30 2.64 -3.79
CA SER A 16 -9.82 1.98 -2.62
C SER A 16 -8.85 0.88 -2.16
N VAL A 17 -7.69 0.78 -2.79
CA VAL A 17 -6.70 -0.24 -2.45
C VAL A 17 -5.30 0.36 -2.48
N ILE A 18 -4.50 0.06 -1.48
CA ILE A 18 -3.11 0.50 -1.45
C ILE A 18 -2.28 -0.67 -1.87
N VAL A 19 -1.42 -0.45 -2.77
CA VAL A 19 -0.48 -1.46 -3.19
C VAL A 19 0.83 -1.11 -2.56
N VAL A 20 1.24 -1.91 -1.63
CA VAL A 20 2.44 -1.66 -0.86
C VAL A 20 3.63 -2.44 -1.40
N ASP A 21 4.76 -1.77 -1.49
CA ASP A 21 6.02 -2.38 -1.90
C ASP A 21 6.92 -2.50 -0.67
N ASN A 22 7.51 -3.69 -0.50
CA ASN A 22 8.42 -4.09 0.63
C ASN A 22 7.93 -3.74 2.04
N VAL A 23 7.40 -4.74 2.70
CA VAL A 23 6.87 -4.65 4.03
C VAL A 23 7.95 -4.99 5.06
N PRO A 24 7.65 -4.83 6.38
CA PRO A 24 8.52 -5.28 7.46
C PRO A 24 9.13 -6.67 7.23
N GLN A 25 10.33 -6.84 7.71
CA GLN A 25 11.07 -8.04 7.51
C GLN A 25 10.66 -9.06 8.52
N VAL A 26 10.18 -10.14 8.04
CA VAL A 26 9.61 -11.16 8.86
C VAL A 26 10.32 -12.48 8.70
N GLY A 27 10.51 -13.11 9.81
CA GLY A 27 11.02 -14.42 9.85
C GLY A 27 9.92 -15.30 10.35
N PRO A 28 10.07 -16.62 10.28
CA PRO A 28 9.04 -17.56 10.67
C PRO A 28 8.48 -17.28 12.07
N ASP A 29 7.16 -17.18 12.12
CA ASP A 29 6.38 -17.00 13.35
C ASP A 29 6.49 -15.59 13.94
N ARG A 30 6.87 -14.64 13.10
CA ARG A 30 6.89 -13.25 13.56
C ARG A 30 5.88 -12.39 12.77
N LEU A 31 5.22 -13.02 11.82
CA LEU A 31 4.32 -12.32 10.89
C LEU A 31 3.07 -11.75 11.56
N GLU A 32 2.52 -12.43 12.55
CA GLU A 32 1.23 -12.02 13.12
C GLU A 32 1.29 -10.63 13.78
N LYS A 33 2.40 -10.32 14.42
CA LYS A 33 2.52 -8.99 15.00
C LYS A 33 2.86 -7.96 13.92
N LEU A 34 3.60 -8.40 12.91
CA LEU A 34 4.01 -7.52 11.82
C LEU A 34 2.85 -7.18 10.89
N LYS A 35 1.85 -8.03 10.84
CA LYS A 35 0.66 -7.75 10.03
C LYS A 35 -0.28 -6.85 10.83
N ASN A 36 -0.07 -6.82 12.12
CA ASN A 36 -0.93 -6.08 13.02
C ASN A 36 -0.49 -4.64 13.02
N VAL A 37 0.81 -4.43 12.95
CA VAL A 37 1.35 -3.09 12.90
C VAL A 37 0.93 -2.41 11.58
N ILE A 38 0.80 -3.21 10.52
CA ILE A 38 0.28 -2.75 9.22
C ILE A 38 -1.11 -2.18 9.41
N HIS A 39 -1.96 -3.00 9.98
CA HIS A 39 -3.36 -2.68 10.25
C HIS A 39 -3.44 -1.40 11.08
N LYS A 40 -2.54 -1.28 12.06
CA LYS A 40 -2.45 -0.14 12.91
C LYS A 40 -2.12 1.14 12.11
N ILE A 41 -1.01 1.10 11.38
CA ILE A 41 -0.54 2.25 10.59
C ILE A 41 -1.58 2.72 9.62
N PHE A 42 -2.10 1.79 8.88
CA PHE A 42 -3.01 2.11 7.84
C PHE A 42 -4.41 2.50 8.31
N SER A 43 -4.70 2.40 9.60
CA SER A 43 -5.98 2.83 10.12
C SER A 43 -6.10 4.37 10.09
N LYS A 44 -4.97 5.05 9.85
CA LYS A 44 -4.96 6.51 9.73
C LYS A 44 -5.55 6.93 8.38
N PHE A 45 -5.67 5.99 7.47
CA PHE A 45 -6.22 6.26 6.16
C PHE A 45 -7.65 5.76 6.05
N GLY A 46 -8.14 5.20 7.13
CA GLY A 46 -9.49 4.70 7.16
C GLY A 46 -9.55 3.37 7.84
N LYS A 47 -10.64 2.69 7.69
CA LYS A 47 -10.80 1.41 8.29
C LYS A 47 -10.35 0.36 7.31
N ILE A 48 -9.49 -0.52 7.75
CA ILE A 48 -8.98 -1.54 6.91
C ILE A 48 -10.07 -2.58 6.71
N THR A 49 -10.68 -2.55 5.56
CA THR A 49 -11.73 -3.46 5.23
C THR A 49 -11.14 -4.86 5.01
N ASN A 50 -10.18 -4.96 4.11
CA ASN A 50 -9.49 -6.21 3.83
C ASN A 50 -8.05 -5.92 3.51
N ASP A 51 -7.25 -6.95 3.45
CA ASP A 51 -5.86 -6.86 3.05
C ASP A 51 -5.49 -8.24 2.61
N PHE A 52 -4.45 -8.37 1.86
CA PHE A 52 -4.09 -9.60 1.20
C PHE A 52 -2.62 -9.82 1.36
N TYR A 53 -2.27 -10.69 2.25
CA TYR A 53 -0.89 -10.92 2.55
C TYR A 53 -0.45 -12.26 2.02
N PRO A 54 0.32 -12.30 0.93
CA PRO A 54 0.89 -13.54 0.45
C PRO A 54 2.25 -13.75 1.10
N GLU A 55 2.75 -14.96 1.02
CA GLU A 55 4.07 -15.31 1.58
C GLU A 55 4.35 -16.76 1.23
N GLU A 56 5.45 -17.30 1.73
CA GLU A 56 5.82 -18.69 1.49
C GLU A 56 6.72 -19.11 2.66
N ASP A 57 6.25 -20.03 3.47
CA ASP A 57 6.97 -20.56 4.67
C ASP A 57 7.14 -19.44 5.73
N GLY A 58 6.24 -18.48 5.68
CA GLY A 58 6.23 -17.38 6.63
C GLY A 58 7.46 -16.46 6.54
N LYS A 59 8.11 -16.41 5.39
CA LYS A 59 9.22 -15.51 5.20
C LYS A 59 8.74 -14.19 4.62
N THR A 60 9.67 -13.29 4.37
CA THR A 60 9.33 -11.96 3.98
C THR A 60 8.76 -11.83 2.57
N LYS A 61 7.48 -11.56 2.52
CA LYS A 61 6.80 -11.10 1.33
C LYS A 61 7.24 -9.68 1.02
N GLY A 62 7.05 -9.26 -0.19
CA GLY A 62 7.49 -7.96 -0.58
C GLY A 62 6.36 -7.05 -0.99
N TYR A 63 5.13 -7.44 -0.68
CA TYR A 63 3.96 -6.64 -1.04
C TYR A 63 2.72 -7.15 -0.34
N ILE A 64 1.77 -6.24 -0.12
CA ILE A 64 0.46 -6.50 0.49
C ILE A 64 -0.51 -5.52 -0.15
N PHE A 65 -1.79 -5.63 0.15
CA PHE A 65 -2.79 -4.75 -0.47
C PHE A 65 -3.84 -4.35 0.53
N LEU A 66 -3.86 -3.11 0.83
CA LEU A 66 -4.77 -2.59 1.81
C LEU A 66 -6.04 -2.20 1.11
N GLU A 67 -7.08 -2.94 1.31
CA GLU A 67 -8.34 -2.69 0.68
C GLU A 67 -9.27 -2.00 1.65
N TYR A 68 -9.77 -0.87 1.27
CA TYR A 68 -10.68 -0.12 2.08
C TYR A 68 -11.97 0.08 1.33
N ALA A 69 -12.91 0.68 2.01
CA ALA A 69 -14.18 1.09 1.44
C ALA A 69 -14.28 2.60 1.60
N SER A 70 -13.16 3.19 1.91
CA SER A 70 -13.05 4.56 2.28
C SER A 70 -13.14 5.59 1.08
N PRO A 71 -13.48 6.86 1.43
CA PRO A 71 -13.65 8.09 0.56
C PRO A 71 -12.67 8.40 -0.61
N ALA A 72 -11.72 7.51 -1.01
CA ALA A 72 -10.54 7.85 -1.79
C ALA A 72 -9.50 8.33 -0.85
N HIS A 73 -9.13 7.36 -0.07
CA HIS A 73 -8.11 7.42 0.94
C HIS A 73 -6.74 7.22 0.28
N ALA A 74 -6.70 6.35 -0.75
CA ALA A 74 -5.47 6.02 -1.42
C ALA A 74 -5.02 7.17 -2.26
N VAL A 75 -5.99 7.94 -2.69
CA VAL A 75 -5.76 9.12 -3.48
C VAL A 75 -5.05 10.18 -2.59
N ASP A 76 -5.26 10.05 -1.27
CA ASP A 76 -4.60 10.90 -0.28
C ASP A 76 -3.22 10.35 0.04
N ALA A 77 -3.15 9.03 0.17
CA ALA A 77 -1.90 8.33 0.45
C ALA A 77 -0.84 8.61 -0.62
N VAL A 78 -1.24 8.48 -1.89
CA VAL A 78 -0.36 8.71 -3.04
C VAL A 78 0.07 10.19 -3.13
N LYS A 79 -0.70 11.04 -2.52
CA LYS A 79 -0.47 12.47 -2.51
C LYS A 79 0.60 12.84 -1.52
N ASN A 80 0.49 12.25 -0.38
CA ASN A 80 1.31 12.62 0.74
C ASN A 80 2.67 11.99 0.72
N ALA A 81 2.74 10.68 0.65
CA ALA A 81 4.03 10.04 0.72
C ALA A 81 4.05 8.67 0.07
N ASP A 82 4.30 8.65 -1.19
CA ASP A 82 4.59 7.43 -1.87
C ASP A 82 6.01 7.06 -1.55
N GLY A 83 6.15 6.04 -0.79
CA GLY A 83 7.42 5.64 -0.32
C GLY A 83 7.54 5.93 1.14
N TYR A 84 6.61 5.39 1.93
CA TYR A 84 6.60 5.60 3.38
C TYR A 84 7.79 4.91 3.99
N LYS A 85 8.81 5.65 4.28
CA LYS A 85 9.95 5.12 4.93
C LYS A 85 9.71 5.14 6.42
N LEU A 86 9.33 4.00 6.94
CA LEU A 86 9.07 3.89 8.36
C LEU A 86 10.38 3.78 9.09
N ASP A 87 11.19 2.87 8.63
CA ASP A 87 12.46 2.55 9.23
C ASP A 87 13.37 2.09 8.11
N LYS A 88 14.63 1.86 8.42
CA LYS A 88 15.73 1.53 7.50
C LYS A 88 15.29 0.74 6.24
N GLN A 89 14.76 -0.45 6.39
CA GLN A 89 14.48 -1.27 5.22
C GLN A 89 12.99 -1.32 4.85
N HIS A 90 12.21 -0.45 5.45
CA HIS A 90 10.77 -0.46 5.20
C HIS A 90 10.34 0.83 4.56
N THR A 91 10.16 0.79 3.29
CA THR A 91 9.72 1.95 2.55
C THR A 91 8.59 1.59 1.61
N PHE A 92 7.39 1.89 2.00
CA PHE A 92 6.22 1.41 1.26
C PHE A 92 5.93 2.31 0.07
N ARG A 93 6.21 1.83 -1.12
CA ARG A 93 5.82 2.57 -2.30
C ARG A 93 4.36 2.29 -2.50
N VAL A 94 3.61 3.30 -2.82
CA VAL A 94 2.18 3.21 -2.86
C VAL A 94 1.70 3.40 -4.27
N ASN A 95 0.62 2.79 -4.58
CA ASN A 95 -0.04 3.01 -5.81
C ASN A 95 -1.47 2.54 -5.64
N LEU A 96 -2.35 3.02 -6.47
CA LEU A 96 -3.77 2.68 -6.38
C LEU A 96 -4.05 1.32 -6.97
N PHE A 97 -5.30 1.00 -7.17
CA PHE A 97 -5.62 -0.32 -7.66
C PHE A 97 -5.45 -0.33 -9.18
N THR A 98 -5.39 0.86 -9.76
CA THR A 98 -5.13 0.98 -11.16
C THR A 98 -3.58 1.01 -11.35
N ASP A 99 -2.97 -0.15 -11.13
CA ASP A 99 -1.50 -0.30 -11.20
C ASP A 99 -1.01 -0.30 -12.63
N PHE A 100 -1.90 -0.62 -13.55
CA PHE A 100 -1.55 -0.68 -14.97
C PHE A 100 -1.81 0.62 -15.67
N ASP A 101 -1.77 1.66 -14.93
CA ASP A 101 -1.93 3.00 -15.45
C ASP A 101 -0.66 3.75 -15.21
N LYS A 102 0.29 3.45 -16.03
CA LYS A 102 1.63 4.00 -15.93
C LYS A 102 1.71 5.21 -16.83
N TYR A 103 2.73 5.98 -16.69
CA TYR A 103 2.94 7.05 -17.60
C TYR A 103 4.25 6.84 -18.33
N MET A 104 4.19 5.94 -19.26
CA MET A 104 5.30 5.64 -20.12
C MET A 104 5.07 6.46 -21.38
N THR A 105 3.85 6.48 -21.79
CA THR A 105 3.34 7.26 -22.87
C THR A 105 1.84 7.38 -22.63
N GLY A 1 10.23 -4.55 -4.14
CA GLY A 1 11.33 -5.15 -3.42
C GLY A 1 12.62 -4.66 -3.98
N ASP A 2 13.71 -5.33 -3.70
CA ASP A 2 14.99 -4.93 -4.24
C ASP A 2 15.26 -5.61 -5.52
N VAL A 3 15.24 -4.80 -6.53
CA VAL A 3 15.43 -5.06 -7.96
C VAL A 3 15.25 -3.71 -8.60
N LEU A 4 16.19 -3.28 -9.42
CA LEU A 4 16.14 -1.94 -10.03
C LEU A 4 14.98 -1.79 -11.00
N LYS A 5 14.55 -2.90 -11.57
CA LYS A 5 13.44 -2.90 -12.49
C LYS A 5 12.11 -3.01 -11.74
N ASP A 6 12.18 -3.30 -10.46
CA ASP A 6 10.98 -3.43 -9.65
C ASP A 6 10.77 -2.16 -8.89
N ARG A 7 10.24 -1.21 -9.59
CA ARG A 7 9.99 0.08 -9.04
C ARG A 7 8.48 0.30 -8.96
N PRO A 8 8.01 1.27 -8.15
CA PRO A 8 6.60 1.64 -8.13
C PRO A 8 6.19 2.24 -9.47
N GLN A 9 4.96 2.06 -9.86
CA GLN A 9 4.50 2.56 -11.11
C GLN A 9 4.34 4.05 -11.04
N GLU A 10 4.85 4.65 -12.04
CA GLU A 10 5.03 6.03 -12.22
C GLU A 10 3.74 6.68 -12.74
N ALA A 11 2.89 5.87 -13.33
CA ALA A 11 1.60 6.31 -13.81
C ALA A 11 0.66 6.47 -12.64
N ASP A 12 -0.30 7.32 -12.80
CA ASP A 12 -1.25 7.56 -11.74
C ASP A 12 -2.54 6.83 -12.09
N GLY A 13 -3.51 6.80 -11.21
CA GLY A 13 -4.67 6.01 -11.45
C GLY A 13 -5.76 6.26 -10.50
N ILE A 14 -6.38 5.18 -10.12
CA ILE A 14 -7.48 5.18 -9.26
C ILE A 14 -7.09 5.45 -7.80
N ASP A 15 -8.06 5.31 -7.00
CA ASP A 15 -8.03 5.52 -5.57
C ASP A 15 -8.46 4.22 -4.90
N SER A 16 -8.49 3.16 -5.67
CA SER A 16 -9.12 1.97 -5.21
C SER A 16 -8.19 0.86 -4.69
N VAL A 17 -6.92 1.12 -4.46
CA VAL A 17 -6.07 0.05 -3.96
C VAL A 17 -4.84 0.59 -3.23
N ILE A 18 -4.46 -0.06 -2.16
CA ILE A 18 -3.20 0.26 -1.52
C ILE A 18 -2.22 -0.77 -1.95
N VAL A 19 -1.11 -0.32 -2.32
CA VAL A 19 -0.02 -1.12 -2.73
C VAL A 19 1.21 -0.55 -2.08
N VAL A 20 1.72 -1.27 -1.14
CA VAL A 20 2.92 -0.88 -0.45
C VAL A 20 4.03 -1.85 -0.78
N ASP A 21 5.11 -1.31 -1.28
CA ASP A 21 6.23 -2.14 -1.68
C ASP A 21 7.27 -2.17 -0.59
N ASN A 22 7.90 -3.32 -0.45
CA ASN A 22 8.91 -3.65 0.56
C ASN A 22 8.63 -3.19 1.98
N VAL A 23 7.79 -4.00 2.61
CA VAL A 23 7.38 -3.84 3.97
C VAL A 23 8.35 -4.65 4.87
N PRO A 24 8.29 -4.45 6.21
CA PRO A 24 9.09 -5.22 7.17
C PRO A 24 9.09 -6.72 6.91
N GLN A 25 10.28 -7.27 6.87
CA GLN A 25 10.46 -8.68 6.66
C GLN A 25 10.04 -9.41 7.94
N VAL A 26 9.63 -10.65 7.83
CA VAL A 26 9.26 -11.36 9.02
C VAL A 26 10.42 -12.14 9.60
N GLY A 27 10.56 -12.01 10.86
CA GLY A 27 11.46 -12.77 11.64
C GLY A 27 10.64 -13.45 12.68
N PRO A 28 11.20 -14.31 13.52
CA PRO A 28 10.45 -14.99 14.57
C PRO A 28 9.62 -14.01 15.42
N ASP A 29 8.33 -14.31 15.53
CA ASP A 29 7.35 -13.54 16.32
C ASP A 29 7.16 -12.13 15.82
N ARG A 30 7.46 -11.89 14.58
CA ARG A 30 7.30 -10.57 14.05
C ARG A 30 6.08 -10.48 13.16
N LEU A 31 5.50 -11.63 12.82
CA LEU A 31 4.39 -11.63 11.87
C LEU A 31 3.13 -11.09 12.54
N GLU A 32 2.90 -11.50 13.77
CA GLU A 32 1.70 -11.10 14.48
C GLU A 32 1.69 -9.59 14.74
N LYS A 33 2.86 -9.02 15.04
CA LYS A 33 2.91 -7.59 15.27
C LYS A 33 2.96 -6.83 13.95
N LEU A 34 3.32 -7.55 12.89
CA LEU A 34 3.31 -6.99 11.55
C LEU A 34 1.86 -6.80 11.12
N LYS A 35 1.02 -7.76 11.48
CA LYS A 35 -0.42 -7.68 11.22
C LYS A 35 -1.00 -6.44 11.90
N ASN A 36 -0.51 -6.20 13.10
CA ASN A 36 -1.05 -5.19 13.99
C ASN A 36 -0.58 -3.83 13.56
N VAL A 37 0.66 -3.75 13.11
CA VAL A 37 1.23 -2.48 12.73
C VAL A 37 0.51 -1.91 11.50
N ILE A 38 -0.02 -2.80 10.66
CA ILE A 38 -0.81 -2.39 9.50
C ILE A 38 -2.07 -1.69 10.00
N HIS A 39 -2.76 -2.36 10.91
CA HIS A 39 -4.02 -1.85 11.48
C HIS A 39 -3.82 -0.56 12.25
N LYS A 40 -2.62 -0.29 12.67
CA LYS A 40 -2.34 0.96 13.34
C LYS A 40 -2.03 2.06 12.35
N ILE A 41 -1.00 1.86 11.56
CA ILE A 41 -0.51 2.88 10.64
C ILE A 41 -1.51 3.19 9.55
N PHE A 42 -2.12 2.18 8.99
CA PHE A 42 -2.91 2.36 7.81
C PHE A 42 -4.30 2.93 8.11
N SER A 43 -4.77 2.75 9.33
CA SER A 43 -6.07 3.23 9.74
C SER A 43 -6.18 4.77 9.75
N LYS A 44 -5.06 5.47 9.54
CA LYS A 44 -5.10 6.91 9.39
C LYS A 44 -5.79 7.26 8.10
N PHE A 45 -5.60 6.40 7.12
CA PHE A 45 -6.13 6.63 5.80
C PHE A 45 -7.59 6.18 5.73
N GLY A 46 -8.01 5.37 6.69
CA GLY A 46 -9.37 4.89 6.73
C GLY A 46 -9.47 3.57 7.44
N LYS A 47 -10.66 3.00 7.50
CA LYS A 47 -10.88 1.71 8.14
C LYS A 47 -10.39 0.61 7.22
N ILE A 48 -9.62 -0.30 7.74
CA ILE A 48 -9.09 -1.37 6.95
C ILE A 48 -10.22 -2.35 6.65
N THR A 49 -10.72 -2.28 5.45
CA THR A 49 -11.82 -3.11 5.04
C THR A 49 -11.29 -4.48 4.63
N ASN A 50 -10.45 -4.53 3.63
CA ASN A 50 -9.86 -5.78 3.21
C ASN A 50 -8.39 -5.65 3.18
N ASP A 51 -7.74 -6.49 3.90
CA ASP A 51 -6.31 -6.55 3.90
C ASP A 51 -5.91 -7.83 3.25
N PHE A 52 -4.98 -7.74 2.38
CA PHE A 52 -4.46 -8.89 1.69
C PHE A 52 -3.01 -9.00 1.96
N TYR A 53 -2.66 -9.92 2.84
CA TYR A 53 -1.29 -10.19 3.10
C TYR A 53 -0.92 -11.44 2.33
N PRO A 54 -0.19 -11.32 1.24
CA PRO A 54 0.21 -12.45 0.45
C PRO A 54 1.51 -13.04 0.94
N GLU A 55 1.88 -14.13 0.37
CA GLU A 55 3.13 -14.77 0.65
C GLU A 55 3.58 -15.37 -0.65
N GLU A 56 4.66 -16.08 -0.62
CA GLU A 56 5.14 -16.74 -1.80
C GLU A 56 5.83 -18.00 -1.37
N ASP A 57 5.16 -19.12 -1.54
CA ASP A 57 5.72 -20.45 -1.22
C ASP A 57 6.18 -20.58 0.24
N GLY A 58 5.58 -19.80 1.12
CA GLY A 58 5.92 -19.86 2.52
C GLY A 58 7.07 -18.93 2.94
N LYS A 59 7.54 -18.09 2.04
CA LYS A 59 8.64 -17.17 2.37
C LYS A 59 8.05 -15.85 2.88
N THR A 60 8.90 -14.94 3.32
CA THR A 60 8.43 -13.67 3.77
C THR A 60 7.97 -12.82 2.58
N LYS A 61 6.87 -12.16 2.77
CA LYS A 61 6.34 -11.24 1.80
C LYS A 61 7.08 -9.93 1.91
N GLY A 62 6.95 -9.13 0.91
CA GLY A 62 7.52 -7.83 0.94
C GLY A 62 6.51 -6.79 0.58
N TYR A 63 5.29 -7.18 0.34
CA TYR A 63 4.26 -6.25 -0.11
C TYR A 63 2.89 -6.77 0.28
N ILE A 64 1.93 -5.87 0.39
CA ILE A 64 0.54 -6.23 0.72
C ILE A 64 -0.40 -5.35 -0.10
N PHE A 65 -1.67 -5.69 -0.13
CA PHE A 65 -2.68 -4.93 -0.87
C PHE A 65 -3.87 -4.71 0.03
N LEU A 66 -4.46 -3.54 -0.05
CA LEU A 66 -5.62 -3.22 0.75
C LEU A 66 -6.74 -2.71 -0.11
N GLU A 67 -7.96 -2.97 0.33
CA GLU A 67 -9.15 -2.44 -0.30
C GLU A 67 -9.99 -1.79 0.78
N TYR A 68 -10.78 -0.83 0.40
CA TYR A 68 -11.62 -0.12 1.33
C TYR A 68 -13.11 -0.17 0.92
N ALA A 69 -13.99 0.08 1.91
CA ALA A 69 -15.45 0.10 1.74
C ALA A 69 -15.87 1.09 0.65
N SER A 70 -15.22 2.20 0.65
CA SER A 70 -15.36 3.18 -0.36
C SER A 70 -13.96 3.25 -0.74
N PRO A 71 -13.56 3.13 -2.02
CA PRO A 71 -12.17 2.90 -2.28
C PRO A 71 -11.34 4.06 -1.80
N ALA A 72 -11.70 5.34 -2.20
CA ALA A 72 -11.66 6.69 -1.49
C ALA A 72 -10.64 6.93 -0.37
N HIS A 73 -9.83 6.04 -0.17
CA HIS A 73 -8.97 6.01 0.94
C HIS A 73 -7.55 5.84 0.49
N ALA A 74 -7.39 5.17 -0.65
CA ALA A 74 -6.07 5.03 -1.23
C ALA A 74 -5.58 6.36 -1.74
N VAL A 75 -6.53 7.23 -2.09
CA VAL A 75 -6.18 8.56 -2.59
C VAL A 75 -5.54 9.40 -1.48
N ASP A 76 -5.86 9.06 -0.25
CA ASP A 76 -5.29 9.77 0.90
C ASP A 76 -3.87 9.28 1.12
N ALA A 77 -3.71 7.96 1.05
CA ALA A 77 -2.42 7.30 1.23
C ALA A 77 -1.37 7.82 0.24
N VAL A 78 -1.75 7.89 -1.03
CA VAL A 78 -0.85 8.35 -2.07
C VAL A 78 -0.62 9.87 -1.98
N LYS A 79 -1.50 10.55 -1.27
CA LYS A 79 -1.37 11.98 -1.08
C LYS A 79 -0.42 12.23 0.11
N ASN A 80 -0.32 11.26 1.00
CA ASN A 80 0.51 11.38 2.19
C ASN A 80 1.99 11.26 1.91
N ALA A 81 2.49 10.04 1.85
CA ALA A 81 3.91 9.83 1.73
C ALA A 81 4.23 8.51 1.07
N ASP A 82 4.72 8.59 -0.13
CA ASP A 82 5.21 7.46 -0.85
C ASP A 82 6.70 7.35 -0.68
N GLY A 83 7.13 6.25 -0.15
CA GLY A 83 8.53 5.99 0.01
C GLY A 83 9.08 6.49 1.33
N TYR A 84 8.49 6.08 2.43
CA TYR A 84 9.01 6.44 3.71
C TYR A 84 9.69 5.25 4.37
N LYS A 85 10.96 5.41 4.64
CA LYS A 85 11.81 4.37 5.18
C LYS A 85 11.64 4.18 6.67
N LEU A 86 11.44 2.97 7.08
CA LEU A 86 11.53 2.63 8.47
C LEU A 86 13.00 2.35 8.75
N ASP A 87 13.50 1.30 8.11
CA ASP A 87 14.89 0.85 8.24
C ASP A 87 15.14 -0.22 7.22
N LYS A 88 16.39 -0.60 7.06
CA LYS A 88 16.82 -1.72 6.21
C LYS A 88 16.24 -1.63 4.77
N GLN A 89 15.23 -2.43 4.45
CA GLN A 89 14.60 -2.34 3.15
C GLN A 89 13.14 -2.04 3.31
N HIS A 90 12.79 -1.69 4.52
CA HIS A 90 11.42 -1.49 4.87
C HIS A 90 11.09 -0.05 4.64
N THR A 91 10.69 0.19 3.46
CA THR A 91 10.36 1.49 3.00
C THR A 91 9.05 1.39 2.29
N PHE A 92 8.03 2.01 2.79
CA PHE A 92 6.75 1.84 2.17
C PHE A 92 6.61 2.74 1.01
N ARG A 93 6.78 2.18 -0.15
CA ARG A 93 6.51 2.90 -1.36
C ARG A 93 5.07 2.67 -1.66
N VAL A 94 4.33 3.72 -1.77
CA VAL A 94 2.92 3.62 -1.92
C VAL A 94 2.55 3.98 -3.35
N ASN A 95 1.83 3.10 -4.01
CA ASN A 95 1.44 3.40 -5.38
C ASN A 95 0.25 2.55 -5.75
N LEU A 96 -0.26 2.75 -6.90
CA LEU A 96 -1.28 1.91 -7.47
C LEU A 96 -0.68 1.10 -8.64
N PHE A 97 -1.49 0.37 -9.37
CA PHE A 97 -0.98 -0.40 -10.50
C PHE A 97 -1.68 -0.08 -11.82
N THR A 98 -2.77 0.62 -11.70
CA THR A 98 -3.63 1.02 -12.80
C THR A 98 -2.85 1.93 -13.81
N ASP A 99 -3.29 1.93 -15.07
CA ASP A 99 -2.57 2.61 -16.16
C ASP A 99 -2.85 4.12 -16.23
N PHE A 100 -4.11 4.50 -16.06
CA PHE A 100 -4.48 5.91 -16.08
C PHE A 100 -5.40 6.30 -14.94
N ASP A 101 -5.49 7.60 -14.74
CA ASP A 101 -6.24 8.22 -13.65
C ASP A 101 -7.66 8.51 -14.04
N LYS A 102 -8.03 8.17 -15.27
CA LYS A 102 -9.33 8.57 -15.72
C LYS A 102 -10.44 7.92 -14.97
N TYR A 103 -11.28 8.74 -14.51
CA TYR A 103 -12.32 8.40 -13.58
C TYR A 103 -13.58 9.06 -14.11
N MET A 104 -14.74 8.61 -13.67
CA MET A 104 -15.97 9.25 -14.06
C MET A 104 -16.08 10.60 -13.39
N THR A 105 -15.83 11.63 -14.14
CA THR A 105 -15.86 12.95 -13.67
C THR A 105 -17.17 13.60 -14.04
N GLY A 1 16.37 20.78 -2.34
CA GLY A 1 15.25 20.65 -3.28
C GLY A 1 15.40 19.44 -4.15
N ASP A 2 14.75 18.35 -3.79
CA ASP A 2 14.82 17.11 -4.55
C ASP A 2 13.94 17.17 -5.76
N VAL A 3 14.33 16.46 -6.79
CA VAL A 3 13.58 16.43 -8.04
C VAL A 3 12.58 15.27 -8.02
N LEU A 4 12.54 14.60 -6.89
CA LEU A 4 11.68 13.43 -6.69
C LEU A 4 10.22 13.80 -6.68
N LYS A 5 9.94 15.06 -6.45
CA LYS A 5 8.59 15.53 -6.41
C LYS A 5 8.00 15.67 -7.82
N ASP A 6 8.84 15.71 -8.82
CA ASP A 6 8.37 15.76 -10.19
C ASP A 6 8.24 14.38 -10.75
N ARG A 7 7.14 13.75 -10.43
CA ARG A 7 6.85 12.40 -10.84
C ARG A 7 5.42 12.30 -11.25
N PRO A 8 5.12 11.53 -12.29
CA PRO A 8 3.75 11.17 -12.57
C PRO A 8 3.39 10.15 -11.52
N GLN A 9 2.30 10.34 -10.83
CA GLN A 9 1.98 9.47 -9.75
C GLN A 9 1.68 8.08 -10.27
N GLU A 10 2.45 7.11 -9.84
CA GLU A 10 2.33 5.75 -10.33
C GLU A 10 1.09 5.09 -9.72
N ALA A 11 0.63 5.64 -8.63
CA ALA A 11 -0.60 5.19 -8.06
C ALA A 11 -1.72 6.11 -8.50
N ASP A 12 -2.31 5.83 -9.64
CA ASP A 12 -3.43 6.61 -10.12
C ASP A 12 -4.56 5.67 -10.46
N GLY A 13 -5.76 6.19 -10.54
CA GLY A 13 -6.91 5.39 -10.90
C GLY A 13 -7.50 4.67 -9.71
N ILE A 14 -6.65 4.01 -8.97
CA ILE A 14 -7.06 3.27 -7.81
C ILE A 14 -7.36 4.25 -6.65
N ASP A 15 -8.47 4.06 -6.01
CA ASP A 15 -8.82 4.86 -4.86
C ASP A 15 -9.20 3.99 -3.69
N SER A 16 -9.43 2.72 -3.96
CA SER A 16 -9.96 1.85 -2.95
C SER A 16 -8.93 0.84 -2.37
N VAL A 17 -7.73 0.78 -2.93
CA VAL A 17 -6.75 -0.20 -2.49
C VAL A 17 -5.39 0.45 -2.34
N ILE A 18 -4.70 0.14 -1.25
CA ILE A 18 -3.35 0.60 -1.03
C ILE A 18 -2.45 -0.47 -1.55
N VAL A 19 -1.47 -0.08 -2.26
CA VAL A 19 -0.51 -1.00 -2.80
C VAL A 19 0.85 -0.55 -2.34
N VAL A 20 1.46 -1.35 -1.52
CA VAL A 20 2.74 -1.05 -0.96
C VAL A 20 3.75 -2.11 -1.29
N ASP A 21 4.77 -1.70 -2.00
CA ASP A 21 5.85 -2.57 -2.41
C ASP A 21 6.94 -2.53 -1.34
N ASN A 22 7.63 -3.65 -1.19
CA ASN A 22 8.68 -3.96 -0.17
C ASN A 22 8.29 -3.60 1.26
N VAL A 23 7.59 -4.52 1.86
CA VAL A 23 7.08 -4.40 3.20
C VAL A 23 8.08 -4.96 4.21
N PRO A 24 7.95 -4.64 5.54
CA PRO A 24 8.85 -5.11 6.62
C PRO A 24 9.24 -6.59 6.53
N GLN A 25 10.50 -6.85 6.88
CA GLN A 25 11.05 -8.18 6.83
C GLN A 25 10.59 -8.94 8.07
N VAL A 26 10.62 -10.25 8.04
CA VAL A 26 10.15 -11.00 9.18
C VAL A 26 11.16 -12.02 9.65
N GLY A 27 11.31 -12.09 10.93
CA GLY A 27 12.11 -13.12 11.53
C GLY A 27 11.15 -14.16 12.09
N PRO A 28 11.62 -15.33 12.50
CA PRO A 28 10.76 -16.42 12.99
C PRO A 28 9.78 -15.96 14.08
N ASP A 29 8.51 -16.24 13.86
CA ASP A 29 7.40 -15.94 14.78
C ASP A 29 7.16 -14.45 14.96
N ARG A 30 7.57 -13.66 13.99
CA ARG A 30 7.35 -12.23 14.09
C ARG A 30 6.26 -11.72 13.15
N LEU A 31 5.71 -12.62 12.35
CA LEU A 31 4.71 -12.25 11.34
C LEU A 31 3.41 -11.84 12.06
N GLU A 32 3.15 -12.50 13.17
CA GLU A 32 1.98 -12.30 14.03
C GLU A 32 1.80 -10.82 14.38
N LYS A 33 2.88 -10.17 14.76
CA LYS A 33 2.79 -8.78 15.13
C LYS A 33 2.89 -7.86 13.93
N LEU A 34 3.59 -8.31 12.89
CA LEU A 34 3.74 -7.50 11.68
C LEU A 34 2.42 -7.29 10.97
N LYS A 35 1.58 -8.31 10.93
CA LYS A 35 0.29 -8.15 10.25
C LYS A 35 -0.66 -7.27 11.06
N ASN A 36 -0.39 -7.14 12.33
CA ASN A 36 -1.25 -6.40 13.23
C ASN A 36 -0.91 -4.93 13.18
N VAL A 37 0.38 -4.64 13.07
CA VAL A 37 0.85 -3.27 12.99
C VAL A 37 0.38 -2.63 11.68
N ILE A 38 0.17 -3.46 10.65
CA ILE A 38 -0.35 -3.00 9.38
C ILE A 38 -1.71 -2.31 9.57
N HIS A 39 -2.62 -2.98 10.27
CA HIS A 39 -3.94 -2.45 10.53
C HIS A 39 -3.84 -1.17 11.37
N LYS A 40 -2.82 -1.10 12.22
CA LYS A 40 -2.59 0.07 13.07
C LYS A 40 -2.24 1.28 12.21
N ILE A 41 -1.33 1.08 11.30
CA ILE A 41 -0.88 2.12 10.38
C ILE A 41 -2.00 2.50 9.42
N PHE A 42 -2.62 1.52 8.85
CA PHE A 42 -3.53 1.78 7.79
C PHE A 42 -4.94 2.15 8.22
N SER A 43 -5.28 1.97 9.49
CA SER A 43 -6.58 2.40 9.99
C SER A 43 -6.68 3.92 10.01
N LYS A 44 -5.52 4.55 9.94
CA LYS A 44 -5.41 6.01 9.87
C LYS A 44 -6.06 6.53 8.58
N PHE A 45 -6.13 5.70 7.57
CA PHE A 45 -6.69 6.10 6.29
C PHE A 45 -8.15 5.69 6.18
N GLY A 46 -8.62 4.91 7.12
CA GLY A 46 -9.99 4.49 7.08
C GLY A 46 -10.18 3.11 7.63
N LYS A 47 -11.15 2.43 7.12
CA LYS A 47 -11.50 1.13 7.58
C LYS A 47 -10.99 0.07 6.62
N ILE A 48 -10.11 -0.78 7.10
CA ILE A 48 -9.57 -1.86 6.31
C ILE A 48 -10.71 -2.89 6.21
N THR A 49 -11.37 -2.95 5.08
CA THR A 49 -12.49 -3.82 4.93
C THR A 49 -12.07 -5.19 4.45
N ASN A 50 -10.92 -5.25 3.82
CA ASN A 50 -10.39 -6.46 3.28
C ASN A 50 -8.90 -6.31 3.11
N ASP A 51 -8.15 -7.31 3.43
CA ASP A 51 -6.71 -7.22 3.33
C ASP A 51 -6.14 -8.39 2.59
N PHE A 52 -5.13 -8.14 1.80
CA PHE A 52 -4.45 -9.16 1.04
C PHE A 52 -2.98 -9.08 1.30
N TYR A 53 -2.49 -9.91 2.17
CA TYR A 53 -1.08 -9.93 2.40
C TYR A 53 -0.53 -11.22 1.80
N PRO A 54 0.15 -11.15 0.67
CA PRO A 54 0.77 -12.32 0.10
C PRO A 54 2.10 -12.58 0.78
N GLU A 55 2.61 -13.76 0.62
CA GLU A 55 3.81 -14.19 1.28
C GLU A 55 4.17 -15.57 0.75
N GLU A 56 5.26 -16.09 1.19
CA GLU A 56 5.71 -17.40 0.78
C GLU A 56 6.01 -18.20 2.01
N ASP A 57 5.12 -19.14 2.34
CA ASP A 57 5.25 -20.01 3.54
C ASP A 57 5.33 -19.21 4.83
N GLY A 58 4.74 -18.03 4.80
CA GLY A 58 4.73 -17.17 5.97
C GLY A 58 6.04 -16.42 6.16
N LYS A 59 6.86 -16.39 5.13
CA LYS A 59 8.13 -15.69 5.20
C LYS A 59 7.98 -14.26 4.72
N THR A 60 9.08 -13.53 4.71
CA THR A 60 9.09 -12.12 4.39
C THR A 60 8.53 -11.80 3.00
N LYS A 61 7.34 -11.23 3.04
CA LYS A 61 6.56 -10.79 1.90
C LYS A 61 7.35 -9.76 1.08
N GLY A 62 6.85 -9.46 -0.08
CA GLY A 62 7.49 -8.48 -0.90
C GLY A 62 6.59 -7.29 -1.15
N TYR A 63 5.31 -7.47 -0.84
CA TYR A 63 4.30 -6.45 -1.10
C TYR A 63 3.01 -6.86 -0.43
N ILE A 64 2.10 -5.92 -0.18
CA ILE A 64 0.77 -6.22 0.39
C ILE A 64 -0.26 -5.24 -0.16
N PHE A 65 -1.53 -5.56 0.03
CA PHE A 65 -2.63 -4.73 -0.45
C PHE A 65 -3.63 -4.52 0.66
N LEU A 66 -4.05 -3.30 0.82
CA LEU A 66 -5.06 -2.94 1.78
C LEU A 66 -6.27 -2.50 1.01
N GLU A 67 -7.36 -3.20 1.16
CA GLU A 67 -8.56 -2.84 0.44
C GLU A 67 -9.56 -2.24 1.41
N TYR A 68 -10.10 -1.12 1.03
CA TYR A 68 -11.06 -0.44 1.84
C TYR A 68 -12.29 -0.16 1.01
N ALA A 69 -13.26 0.42 1.65
CA ALA A 69 -14.46 0.88 1.01
C ALA A 69 -14.53 2.39 1.22
N SER A 70 -13.41 2.96 1.64
CA SER A 70 -13.34 4.33 2.02
C SER A 70 -13.25 5.34 0.82
N PRO A 71 -13.79 6.57 1.07
CA PRO A 71 -13.98 7.77 0.15
C PRO A 71 -12.93 8.17 -0.94
N ALA A 72 -11.87 7.37 -1.23
CA ALA A 72 -10.65 7.80 -1.89
C ALA A 72 -9.76 8.34 -0.84
N HIS A 73 -9.43 7.37 -0.03
CA HIS A 73 -8.57 7.47 1.11
C HIS A 73 -7.12 7.16 0.63
N ALA A 74 -7.02 6.22 -0.33
CA ALA A 74 -5.76 5.75 -0.87
C ALA A 74 -5.14 6.84 -1.65
N VAL A 75 -6.00 7.64 -2.24
CA VAL A 75 -5.60 8.75 -3.05
C VAL A 75 -4.87 9.80 -2.16
N ASP A 76 -5.25 9.84 -0.87
CA ASP A 76 -4.63 10.74 0.09
C ASP A 76 -3.33 10.16 0.58
N ALA A 77 -3.32 8.86 0.80
CA ALA A 77 -2.13 8.13 1.28
C ALA A 77 -0.96 8.35 0.33
N VAL A 78 -1.24 8.15 -0.95
CA VAL A 78 -0.30 8.28 -2.01
C VAL A 78 0.19 9.74 -2.13
N LYS A 79 -0.72 10.67 -1.93
CA LYS A 79 -0.43 12.09 -2.02
C LYS A 79 0.39 12.59 -0.83
N ASN A 80 0.36 11.85 0.26
CA ASN A 80 1.15 12.20 1.42
C ASN A 80 2.48 11.49 1.42
N ALA A 81 2.47 10.18 1.36
CA ALA A 81 3.68 9.44 1.52
C ALA A 81 3.86 8.31 0.52
N ASP A 82 4.60 8.58 -0.51
CA ASP A 82 5.06 7.57 -1.44
C ASP A 82 6.55 7.45 -1.29
N GLY A 83 6.99 6.26 -0.99
CA GLY A 83 8.40 6.05 -0.75
C GLY A 83 8.80 6.43 0.65
N TYR A 84 7.98 6.06 1.62
CA TYR A 84 8.25 6.40 3.00
C TYR A 84 8.97 5.27 3.70
N LYS A 85 9.94 5.63 4.53
CA LYS A 85 10.80 4.69 5.19
C LYS A 85 10.43 4.50 6.67
N LEU A 86 10.17 3.26 7.02
CA LEU A 86 9.90 2.91 8.41
C LEU A 86 11.20 2.62 9.15
N ASP A 87 12.00 1.77 8.56
CA ASP A 87 13.25 1.31 9.14
C ASP A 87 14.13 0.89 7.97
N LYS A 88 15.23 0.19 8.25
CA LYS A 88 16.33 -0.16 7.33
C LYS A 88 15.92 -0.26 5.84
N GLN A 89 15.26 -1.34 5.44
CA GLN A 89 14.90 -1.46 4.03
C GLN A 89 13.40 -1.34 3.81
N HIS A 90 12.69 -0.89 4.83
CA HIS A 90 11.25 -0.78 4.73
C HIS A 90 10.91 0.57 4.17
N THR A 91 10.85 0.67 2.92
CA THR A 91 10.51 1.90 2.28
C THR A 91 9.47 1.64 1.21
N PHE A 92 8.24 1.96 1.51
CA PHE A 92 7.14 1.51 0.67
C PHE A 92 6.95 2.38 -0.54
N ARG A 93 7.10 1.78 -1.70
CA ARG A 93 6.86 2.45 -2.96
C ARG A 93 5.41 2.26 -3.27
N VAL A 94 4.69 3.34 -3.50
CA VAL A 94 3.29 3.18 -3.77
C VAL A 94 3.08 3.13 -5.28
N ASN A 95 2.10 2.38 -5.69
CA ASN A 95 1.80 2.20 -7.09
C ASN A 95 0.33 1.79 -7.19
N LEU A 96 -0.22 1.80 -8.40
CA LEU A 96 -1.61 1.46 -8.62
C LEU A 96 -1.88 -0.03 -8.38
N PHE A 97 -3.08 -0.40 -8.66
CA PHE A 97 -3.55 -1.74 -8.45
C PHE A 97 -4.08 -2.29 -9.75
N THR A 98 -4.77 -1.46 -10.49
CA THR A 98 -5.35 -1.84 -11.71
C THR A 98 -4.38 -1.67 -12.87
N ASP A 99 -3.53 -2.68 -13.05
CA ASP A 99 -2.53 -2.68 -14.12
C ASP A 99 -3.24 -2.85 -15.43
N PHE A 100 -4.34 -3.58 -15.39
CA PHE A 100 -5.20 -3.74 -16.52
C PHE A 100 -6.53 -3.04 -16.22
N ASP A 101 -6.56 -1.76 -16.48
CA ASP A 101 -7.78 -0.96 -16.29
C ASP A 101 -8.47 -0.81 -17.62
N LYS A 102 -7.77 -1.26 -18.64
CA LYS A 102 -8.24 -1.18 -20.01
C LYS A 102 -9.35 -2.18 -20.24
N TYR A 103 -10.07 -1.99 -21.31
CA TYR A 103 -11.19 -2.83 -21.59
C TYR A 103 -11.19 -3.13 -23.07
N MET A 104 -11.79 -4.22 -23.44
CA MET A 104 -11.88 -4.60 -24.83
C MET A 104 -13.20 -4.12 -25.39
N THR A 105 -13.18 -2.98 -25.98
CA THR A 105 -14.35 -2.40 -26.61
C THR A 105 -13.85 -1.49 -27.71
N GLY A 1 13.48 6.74 -26.90
CA GLY A 1 13.23 7.21 -25.54
C GLY A 1 12.14 8.23 -25.53
N ASP A 2 10.94 7.79 -25.22
CA ASP A 2 9.81 8.69 -25.15
C ASP A 2 9.65 9.22 -23.75
N VAL A 3 9.12 10.38 -23.69
CA VAL A 3 8.94 11.11 -22.43
C VAL A 3 7.51 11.72 -22.38
N LEU A 4 6.71 11.33 -23.35
CA LEU A 4 5.35 11.78 -23.44
C LEU A 4 4.49 10.85 -22.60
N LYS A 5 5.00 9.63 -22.43
CA LYS A 5 4.37 8.61 -21.59
C LYS A 5 4.59 8.90 -20.12
N ASP A 6 5.33 9.94 -19.84
CA ASP A 6 5.67 10.31 -18.50
C ASP A 6 4.71 11.34 -18.02
N ARG A 7 3.81 10.91 -17.18
CA ARG A 7 2.79 11.76 -16.61
C ARG A 7 2.63 11.40 -15.16
N PRO A 8 2.28 12.36 -14.29
CA PRO A 8 2.02 12.06 -12.89
C PRO A 8 0.78 11.18 -12.79
N GLN A 9 0.78 10.26 -11.86
CA GLN A 9 -0.29 9.31 -11.78
C GLN A 9 -1.57 9.89 -11.27
N GLU A 10 -2.49 9.99 -12.17
CA GLU A 10 -3.86 10.27 -11.91
C GLU A 10 -4.69 9.16 -12.57
N ALA A 11 -4.08 8.53 -13.56
CA ALA A 11 -4.69 7.48 -14.33
C ALA A 11 -4.56 6.13 -13.66
N ASP A 12 -5.65 5.72 -13.06
CA ASP A 12 -5.86 4.41 -12.47
C ASP A 12 -7.34 4.29 -12.22
N GLY A 13 -7.89 3.11 -12.27
CA GLY A 13 -9.32 2.97 -12.13
C GLY A 13 -9.76 2.45 -10.78
N ILE A 14 -8.83 2.08 -9.95
CA ILE A 14 -9.16 1.50 -8.69
C ILE A 14 -8.33 2.11 -7.53
N ASP A 15 -8.93 3.05 -6.85
CA ASP A 15 -8.29 3.82 -5.77
C ASP A 15 -8.65 3.20 -4.42
N SER A 16 -9.09 1.98 -4.43
CA SER A 16 -9.51 1.35 -3.19
C SER A 16 -8.52 0.28 -2.75
N VAL A 17 -7.54 -0.01 -3.60
CA VAL A 17 -6.60 -1.05 -3.29
C VAL A 17 -5.25 -0.43 -3.05
N ILE A 18 -4.74 -0.62 -1.87
CA ILE A 18 -3.42 -0.11 -1.55
C ILE A 18 -2.41 -1.11 -2.02
N VAL A 19 -1.37 -0.61 -2.56
CA VAL A 19 -0.28 -1.38 -3.08
C VAL A 19 1.00 -0.81 -2.54
N VAL A 20 1.65 -1.57 -1.72
CA VAL A 20 2.93 -1.17 -1.16
C VAL A 20 4.01 -2.14 -1.54
N ASP A 21 5.10 -1.62 -2.01
CA ASP A 21 6.24 -2.43 -2.40
C ASP A 21 7.27 -2.45 -1.27
N ASN A 22 7.89 -3.62 -1.11
CA ASN A 22 8.83 -3.97 -0.05
C ASN A 22 8.44 -3.56 1.35
N VAL A 23 7.60 -4.38 1.92
CA VAL A 23 7.18 -4.23 3.29
C VAL A 23 8.28 -4.74 4.20
N PRO A 24 8.29 -4.35 5.49
CA PRO A 24 9.30 -4.78 6.47
C PRO A 24 9.55 -6.26 6.47
N GLN A 25 10.83 -6.57 6.46
CA GLN A 25 11.33 -7.89 6.56
C GLN A 25 10.75 -8.56 7.77
N VAL A 26 10.38 -9.76 7.62
CA VAL A 26 9.71 -10.47 8.66
C VAL A 26 10.68 -11.41 9.32
N GLY A 27 10.62 -11.48 10.62
CA GLY A 27 11.43 -12.42 11.35
C GLY A 27 10.56 -13.56 11.81
N PRO A 28 11.09 -14.54 12.54
CA PRO A 28 10.31 -15.71 12.97
C PRO A 28 9.11 -15.32 13.83
N ASP A 29 7.95 -15.79 13.38
CA ASP A 29 6.61 -15.55 13.99
C ASP A 29 6.33 -14.04 14.21
N ARG A 30 7.02 -13.21 13.47
CA ARG A 30 6.81 -11.78 13.61
C ARG A 30 5.69 -11.30 12.73
N LEU A 31 5.32 -12.11 11.74
CA LEU A 31 4.32 -11.75 10.74
C LEU A 31 3.00 -11.32 11.36
N GLU A 32 2.53 -12.06 12.34
CA GLU A 32 1.27 -11.76 12.98
C GLU A 32 1.25 -10.34 13.54
N LYS A 33 2.20 -10.02 14.42
CA LYS A 33 2.25 -8.68 15.00
C LYS A 33 2.61 -7.63 13.97
N LEU A 34 3.28 -8.05 12.90
CA LEU A 34 3.67 -7.15 11.85
C LEU A 34 2.44 -6.72 11.07
N LYS A 35 1.57 -7.66 10.74
CA LYS A 35 0.38 -7.31 9.99
C LYS A 35 -0.64 -6.58 10.83
N ASN A 36 -0.49 -6.69 12.12
CA ASN A 36 -1.37 -6.06 13.03
C ASN A 36 -1.00 -4.62 13.14
N VAL A 37 0.29 -4.36 13.21
CA VAL A 37 0.75 -3.01 13.34
C VAL A 37 0.46 -2.23 12.04
N ILE A 38 0.50 -2.92 10.91
CA ILE A 38 0.16 -2.34 9.60
C ILE A 38 -1.28 -1.87 9.61
N HIS A 39 -2.17 -2.77 9.97
CA HIS A 39 -3.60 -2.48 10.04
C HIS A 39 -3.85 -1.25 10.93
N LYS A 40 -3.08 -1.14 11.99
CA LYS A 40 -3.21 -0.02 12.91
C LYS A 40 -2.64 1.27 12.33
N ILE A 41 -1.43 1.20 11.81
CA ILE A 41 -0.77 2.38 11.21
C ILE A 41 -1.58 2.90 10.03
N PHE A 42 -2.07 1.99 9.24
CA PHE A 42 -2.80 2.32 8.04
C PHE A 42 -4.21 2.86 8.34
N SER A 43 -4.67 2.72 9.58
CA SER A 43 -5.98 3.21 9.98
C SER A 43 -6.06 4.75 9.91
N LYS A 44 -4.91 5.41 9.83
CA LYS A 44 -4.88 6.86 9.70
C LYS A 44 -5.43 7.28 8.35
N PHE A 45 -5.19 6.45 7.37
CA PHE A 45 -5.61 6.75 6.01
C PHE A 45 -7.08 6.44 5.84
N GLY A 46 -7.63 5.67 6.76
CA GLY A 46 -9.02 5.37 6.73
C GLY A 46 -9.32 4.04 7.35
N LYS A 47 -10.59 3.70 7.35
CA LYS A 47 -11.11 2.46 7.88
C LYS A 47 -10.64 1.28 7.03
N ILE A 48 -9.83 0.41 7.61
CA ILE A 48 -9.34 -0.73 6.91
C ILE A 48 -10.49 -1.72 6.81
N THR A 49 -11.05 -1.88 5.64
CA THR A 49 -12.16 -2.77 5.48
C THR A 49 -11.67 -4.22 5.39
N ASN A 50 -10.63 -4.43 4.62
CA ASN A 50 -10.04 -5.74 4.50
C ASN A 50 -8.59 -5.57 4.11
N ASP A 51 -7.79 -6.53 4.47
CA ASP A 51 -6.37 -6.52 4.17
C ASP A 51 -5.95 -7.86 3.58
N PHE A 52 -4.93 -7.83 2.75
CA PHE A 52 -4.49 -8.99 2.01
C PHE A 52 -2.98 -9.11 2.08
N TYR A 53 -2.51 -9.96 2.92
CA TYR A 53 -1.10 -10.19 3.03
C TYR A 53 -0.74 -11.54 2.46
N PRO A 54 -0.11 -11.60 1.31
CA PRO A 54 0.39 -12.84 0.76
C PRO A 54 1.87 -13.06 1.11
N GLU A 55 2.37 -14.21 0.79
CA GLU A 55 3.78 -14.57 0.85
C GLU A 55 3.90 -15.94 0.26
N GLU A 56 5.07 -16.50 0.31
CA GLU A 56 5.30 -17.83 -0.15
C GLU A 56 6.02 -18.61 0.95
N ASP A 57 5.50 -19.77 1.30
CA ASP A 57 6.06 -20.68 2.35
C ASP A 57 6.26 -19.94 3.69
N GLY A 58 5.45 -18.92 3.90
CA GLY A 58 5.51 -18.14 5.12
C GLY A 58 6.77 -17.29 5.24
N LYS A 59 7.45 -17.00 4.14
CA LYS A 59 8.68 -16.20 4.20
C LYS A 59 8.34 -14.71 4.00
N THR A 60 9.33 -13.86 3.99
CA THR A 60 9.14 -12.46 3.83
C THR A 60 8.60 -12.06 2.43
N LYS A 61 7.32 -11.69 2.41
CA LYS A 61 6.69 -11.07 1.26
C LYS A 61 7.33 -9.72 0.93
N GLY A 62 7.06 -9.22 -0.24
CA GLY A 62 7.57 -7.94 -0.63
C GLY A 62 6.49 -7.03 -1.11
N TYR A 63 5.25 -7.35 -0.76
CA TYR A 63 4.10 -6.55 -1.18
C TYR A 63 2.87 -7.01 -0.42
N ILE A 64 1.94 -6.08 -0.17
CA ILE A 64 0.65 -6.40 0.47
C ILE A 64 -0.40 -5.52 -0.20
N PHE A 65 -1.65 -5.81 0.05
CA PHE A 65 -2.74 -5.06 -0.53
C PHE A 65 -3.77 -4.77 0.53
N LEU A 66 -4.50 -3.70 0.36
CA LEU A 66 -5.54 -3.34 1.28
C LEU A 66 -6.76 -2.94 0.49
N GLU A 67 -7.93 -3.08 1.10
CA GLU A 67 -9.20 -2.74 0.48
C GLU A 67 -10.01 -1.85 1.44
N TYR A 68 -10.47 -0.72 0.94
CA TYR A 68 -11.29 0.19 1.75
C TYR A 68 -12.79 0.13 1.38
N ALA A 69 -13.60 0.87 2.10
CA ALA A 69 -15.05 0.91 1.90
C ALA A 69 -15.44 1.83 0.76
N SER A 70 -14.75 2.92 0.66
CA SER A 70 -14.92 3.87 -0.39
C SER A 70 -13.53 3.97 -0.85
N PRO A 71 -13.22 4.17 -2.16
CA PRO A 71 -11.83 4.07 -2.51
C PRO A 71 -11.03 5.14 -1.83
N ALA A 72 -11.42 6.46 -1.99
CA ALA A 72 -11.33 7.69 -1.07
C ALA A 72 -10.25 7.75 0.01
N HIS A 73 -9.43 6.83 0.04
CA HIS A 73 -8.51 6.64 1.09
C HIS A 73 -7.15 6.47 0.53
N ALA A 74 -7.08 5.79 -0.60
CA ALA A 74 -5.82 5.59 -1.27
C ALA A 74 -5.35 6.90 -1.84
N VAL A 75 -6.30 7.79 -2.15
CA VAL A 75 -5.92 9.11 -2.65
C VAL A 75 -5.10 9.88 -1.59
N ASP A 76 -5.39 9.62 -0.31
CA ASP A 76 -4.64 10.26 0.78
C ASP A 76 -3.36 9.48 1.04
N ALA A 77 -3.47 8.16 0.99
CA ALA A 77 -2.35 7.27 1.23
C ALA A 77 -1.25 7.46 0.19
N VAL A 78 -1.61 7.52 -1.08
CA VAL A 78 -0.68 7.69 -2.16
C VAL A 78 0.01 9.08 -2.09
N LYS A 79 -0.65 10.00 -1.43
CA LYS A 79 -0.13 11.34 -1.29
C LYS A 79 0.87 11.42 -0.12
N ASN A 80 0.57 10.72 0.96
CA ASN A 80 1.34 10.90 2.21
C ASN A 80 2.24 9.71 2.57
N ALA A 81 1.88 8.54 2.13
CA ALA A 81 2.60 7.33 2.51
C ALA A 81 3.54 6.87 1.42
N ASP A 82 3.68 7.67 0.39
CA ASP A 82 4.52 7.27 -0.72
C ASP A 82 5.97 7.41 -0.44
N GLY A 83 6.56 6.28 -0.18
CA GLY A 83 7.98 6.21 0.03
C GLY A 83 8.40 6.63 1.40
N TYR A 84 7.74 6.16 2.43
CA TYR A 84 8.16 6.49 3.76
C TYR A 84 8.83 5.29 4.37
N LYS A 85 9.94 5.53 5.02
CA LYS A 85 10.77 4.47 5.52
C LYS A 85 10.70 4.33 6.99
N LEU A 86 10.47 3.11 7.41
CA LEU A 86 10.41 2.76 8.82
C LEU A 86 11.82 2.64 9.36
N ASP A 87 12.56 1.69 8.81
CA ASP A 87 13.93 1.42 9.21
C ASP A 87 14.64 0.76 8.05
N LYS A 88 15.83 1.23 7.76
CA LYS A 88 16.73 0.69 6.75
C LYS A 88 16.12 0.53 5.34
N GLN A 89 15.59 -0.65 5.03
CA GLN A 89 15.07 -0.93 3.72
C GLN A 89 13.55 -1.00 3.74
N HIS A 90 12.96 -0.86 4.91
CA HIS A 90 11.51 -0.93 5.03
C HIS A 90 10.94 0.40 4.61
N THR A 91 10.63 0.51 3.37
CA THR A 91 10.11 1.73 2.81
C THR A 91 8.91 1.41 1.97
N PHE A 92 7.79 1.96 2.30
CA PHE A 92 6.59 1.62 1.57
C PHE A 92 6.46 2.44 0.34
N ARG A 93 6.71 1.84 -0.79
CA ARG A 93 6.49 2.54 -2.03
C ARG A 93 5.08 2.24 -2.46
N VAL A 94 4.24 3.23 -2.36
CA VAL A 94 2.84 3.07 -2.67
C VAL A 94 2.61 3.44 -4.12
N ASN A 95 1.73 2.76 -4.80
CA ASN A 95 1.43 3.15 -6.16
C ASN A 95 0.08 2.62 -6.57
N LEU A 96 -0.23 2.76 -7.84
CA LEU A 96 -1.48 2.35 -8.44
C LEU A 96 -1.64 0.81 -8.45
N PHE A 97 -2.78 0.36 -8.91
CA PHE A 97 -3.09 -1.05 -8.89
C PHE A 97 -3.44 -1.55 -10.29
N THR A 98 -3.68 -0.64 -11.22
CA THR A 98 -3.96 -1.04 -12.58
C THR A 98 -2.71 -1.56 -13.32
N ASP A 99 -2.37 -2.80 -13.00
CA ASP A 99 -1.26 -3.54 -13.59
C ASP A 99 -1.65 -3.98 -15.00
N PHE A 100 -2.93 -3.88 -15.25
CA PHE A 100 -3.53 -4.14 -16.54
C PHE A 100 -2.99 -3.11 -17.52
N ASP A 101 -2.97 -3.43 -18.78
CA ASP A 101 -2.36 -2.55 -19.74
C ASP A 101 -3.36 -1.54 -20.23
N LYS A 102 -3.53 -0.55 -19.44
CA LYS A 102 -4.26 0.62 -19.87
C LYS A 102 -3.33 1.41 -20.77
N TYR A 103 -3.87 2.15 -21.69
CA TYR A 103 -3.06 2.86 -22.66
C TYR A 103 -2.20 3.93 -22.00
N MET A 104 -0.92 3.61 -21.86
CA MET A 104 0.05 4.53 -21.34
C MET A 104 0.26 5.61 -22.37
N THR A 105 -0.24 6.76 -22.07
CA THR A 105 -0.20 7.85 -22.97
C THR A 105 1.14 8.55 -22.81
#